data_1UJR
#
_entry.id   1UJR
#
_entity_poly.entity_id   1
_entity_poly.type   'polypeptide(L)'
_entity_poly.pdbx_seq_one_letter_code
;PSSGSSGFLDKPTLLSPEELKAASRGNGEYAWYYEGRNGWWQYDERTSRELEDAFSKGKKNTEMLIAGFLYVADLENMVQ
YRRNEHGRRRKIKRDIIDIPKKGVSGPSSG
;
_entity_poly.pdbx_strand_id   A
#
# COMPACT_ATOMS: atom_id res chain seq x y z
N PRO A 1 18.11 50.42 17.06
CA PRO A 1 18.05 50.29 15.62
C PRO A 1 17.32 49.02 15.21
N SER A 2 17.23 48.81 13.90
CA SER A 2 16.55 47.64 13.37
C SER A 2 17.46 46.92 12.37
N SER A 3 17.08 45.69 12.05
CA SER A 3 17.84 44.89 11.11
C SER A 3 17.02 43.69 10.66
N GLY A 4 17.54 42.99 9.65
CA GLY A 4 16.86 41.83 9.11
C GLY A 4 16.62 41.98 7.61
N SER A 5 16.81 40.88 6.90
CA SER A 5 16.62 40.88 5.46
C SER A 5 15.73 39.69 5.05
N SER A 6 16.19 38.50 5.40
CA SER A 6 15.46 37.29 5.08
C SER A 6 16.23 36.06 5.55
N GLY A 7 17.45 35.94 5.05
CA GLY A 7 18.30 34.82 5.42
C GLY A 7 18.69 33.99 4.19
N PHE A 8 19.17 32.78 4.46
CA PHE A 8 19.57 31.89 3.39
C PHE A 8 19.00 30.48 3.60
N LEU A 9 19.22 29.64 2.61
CA LEU A 9 18.74 28.26 2.68
C LEU A 9 19.91 27.30 2.47
N ASP A 10 20.46 27.34 1.27
CA ASP A 10 21.60 26.49 0.94
C ASP A 10 21.18 25.02 1.10
N LYS A 11 21.89 24.16 0.38
CA LYS A 11 21.60 22.73 0.42
C LYS A 11 22.85 21.96 0.01
N PRO A 12 23.08 20.82 0.73
CA PRO A 12 24.23 19.99 0.45
C PRO A 12 24.02 19.17 -0.84
N THR A 13 25.04 18.40 -1.18
CA THR A 13 24.97 17.57 -2.38
C THR A 13 24.53 16.15 -2.03
N LEU A 14 23.82 15.53 -2.96
CA LEU A 14 23.33 14.18 -2.76
C LEU A 14 23.11 13.52 -4.11
N LEU A 15 23.82 14.02 -5.11
CA LEU A 15 23.72 13.49 -6.46
C LEU A 15 22.28 13.66 -6.96
N SER A 16 22.10 13.36 -8.24
CA SER A 16 20.79 13.48 -8.85
C SER A 16 19.82 12.49 -8.20
N PRO A 17 18.51 12.81 -8.34
CA PRO A 17 17.47 11.95 -7.78
C PRO A 17 17.29 10.69 -8.61
N GLU A 18 17.95 10.67 -9.76
CA GLU A 18 17.87 9.53 -10.65
C GLU A 18 19.01 8.56 -10.36
N GLU A 19 20.19 9.10 -10.16
CA GLU A 19 21.36 8.29 -9.87
C GLU A 19 21.09 7.39 -8.66
N LEU A 20 20.30 7.92 -7.74
CA LEU A 20 19.97 7.18 -6.53
C LEU A 20 18.84 6.20 -6.84
N LYS A 21 17.78 6.73 -7.44
CA LYS A 21 16.63 5.91 -7.80
C LYS A 21 17.12 4.60 -8.43
N ALA A 22 18.28 4.68 -9.05
CA ALA A 22 18.87 3.51 -9.70
C ALA A 22 18.72 2.30 -8.77
N ALA A 23 19.36 2.40 -7.62
CA ALA A 23 19.31 1.32 -6.64
C ALA A 23 18.15 1.57 -5.67
N SER A 24 18.07 2.80 -5.19
CA SER A 24 17.02 3.17 -4.27
C SER A 24 15.69 2.51 -4.69
N ARG A 25 15.57 2.31 -5.99
CA ARG A 25 14.36 1.70 -6.52
C ARG A 25 14.00 0.45 -5.72
N GLY A 26 14.85 -0.55 -5.81
CA GLY A 26 14.64 -1.80 -5.10
C GLY A 26 15.29 -1.77 -3.73
N ASN A 27 16.42 -1.08 -3.66
CA ASN A 27 17.16 -0.96 -2.41
C ASN A 27 16.40 -0.04 -1.46
N GLY A 28 15.34 0.56 -1.99
CA GLY A 28 14.52 1.46 -1.20
C GLY A 28 13.64 0.69 -0.21
N GLU A 29 12.43 0.38 -0.68
CA GLU A 29 11.48 -0.36 0.15
C GLU A 29 10.30 -0.83 -0.71
N TYR A 30 9.26 -1.27 -0.02
CA TYR A 30 8.06 -1.75 -0.69
C TYR A 30 6.82 -1.05 -0.16
N ALA A 31 5.72 -1.24 -0.88
CA ALA A 31 4.45 -0.63 -0.50
C ALA A 31 3.31 -1.36 -1.19
N TRP A 32 2.14 -1.28 -0.58
CA TRP A 32 0.95 -1.93 -1.12
C TRP A 32 0.12 -0.86 -1.85
N TYR A 33 -0.49 -1.28 -2.94
CA TYR A 33 -1.31 -0.38 -3.74
C TYR A 33 -2.73 -0.94 -3.90
N TYR A 34 -3.69 -0.11 -3.56
CA TYR A 34 -5.09 -0.51 -3.67
C TYR A 34 -5.78 0.22 -4.83
N GLU A 35 -6.57 -0.54 -5.57
CA GLU A 35 -7.28 0.02 -6.71
C GLU A 35 -7.99 1.31 -6.30
N GLY A 36 -8.03 2.26 -7.24
CA GLY A 36 -8.67 3.53 -7.00
C GLY A 36 -9.37 4.04 -8.26
N ARG A 37 -9.30 5.35 -8.44
CA ARG A 37 -9.94 5.97 -9.60
C ARG A 37 -9.03 5.84 -10.83
N ASN A 38 -7.92 6.55 -10.78
CA ASN A 38 -6.97 6.52 -11.88
C ASN A 38 -6.55 5.07 -12.16
N GLY A 39 -6.17 4.38 -11.09
CA GLY A 39 -5.76 2.99 -11.21
C GLY A 39 -5.52 2.37 -9.84
N TRP A 40 -4.35 2.67 -9.29
CA TRP A 40 -3.98 2.15 -7.97
C TRP A 40 -3.51 3.32 -7.12
N TRP A 41 -3.68 3.17 -5.82
CA TRP A 41 -3.27 4.20 -4.88
C TRP A 41 -2.45 3.54 -3.77
N GLN A 42 -1.45 4.28 -3.30
CA GLN A 42 -0.59 3.78 -2.25
C GLN A 42 -1.16 4.12 -0.87
N TYR A 43 -1.13 3.14 0.01
CA TYR A 43 -1.64 3.33 1.36
C TYR A 43 -0.85 4.41 2.10
N ASP A 44 -1.13 4.52 3.40
CA ASP A 44 -0.46 5.50 4.22
C ASP A 44 0.97 5.02 4.52
N GLU A 45 1.05 3.95 5.31
CA GLU A 45 2.33 3.40 5.68
C GLU A 45 2.14 2.20 6.63
N ARG A 46 1.26 2.40 7.60
CA ARG A 46 0.98 1.35 8.57
C ARG A 46 0.00 0.34 7.97
N THR A 47 -1.09 0.86 7.43
CA THR A 47 -2.12 0.02 6.85
C THR A 47 -1.47 -1.06 5.97
N SER A 48 -0.34 -0.71 5.38
CA SER A 48 0.38 -1.64 4.53
C SER A 48 1.28 -2.54 5.37
N ARG A 49 1.87 -1.94 6.40
CA ARG A 49 2.74 -2.68 7.28
C ARG A 49 2.07 -3.97 7.74
N GLU A 50 0.74 -3.96 7.69
CA GLU A 50 -0.03 -5.13 8.10
C GLU A 50 -0.19 -6.10 6.92
N LEU A 51 -0.38 -5.52 5.74
CA LEU A 51 -0.55 -6.33 4.54
C LEU A 51 0.73 -7.14 4.29
N GLU A 52 1.85 -6.56 4.72
CA GLU A 52 3.13 -7.23 4.55
C GLU A 52 3.38 -8.20 5.70
N ASP A 53 3.20 -7.69 6.91
CA ASP A 53 3.40 -8.50 8.10
C ASP A 53 2.57 -9.79 7.98
N ALA A 54 1.31 -9.61 7.63
CA ALA A 54 0.40 -10.74 7.48
C ALA A 54 0.91 -11.65 6.36
N PHE A 55 1.01 -11.07 5.17
CA PHE A 55 1.48 -11.81 4.01
C PHE A 55 2.76 -12.57 4.34
N SER A 56 3.73 -11.85 4.89
CA SER A 56 5.01 -12.44 5.25
C SER A 56 4.79 -13.53 6.31
N LYS A 57 4.26 -13.10 7.45
CA LYS A 57 4.01 -14.01 8.55
C LYS A 57 3.44 -15.32 7.99
N GLY A 58 2.58 -15.18 7.00
CA GLY A 58 1.96 -16.34 6.37
C GLY A 58 0.44 -16.17 6.29
N LYS A 59 -0.04 -15.13 6.95
CA LYS A 59 -1.47 -14.85 6.96
C LYS A 59 -1.96 -14.69 5.52
N LYS A 60 -3.15 -15.23 5.28
CA LYS A 60 -3.75 -15.16 3.95
C LYS A 60 -4.71 -13.97 3.89
N ASN A 61 -5.54 -13.88 4.91
CA ASN A 61 -6.51 -12.79 4.99
C ASN A 61 -6.30 -12.01 6.29
N THR A 62 -6.08 -10.71 6.13
CA THR A 62 -5.86 -9.84 7.27
C THR A 62 -6.96 -8.80 7.37
N GLU A 63 -7.50 -8.65 8.56
CA GLU A 63 -8.56 -7.68 8.81
C GLU A 63 -7.98 -6.38 9.36
N MET A 64 -8.39 -5.28 8.74
CA MET A 64 -7.91 -3.97 9.16
C MET A 64 -9.09 -3.05 9.52
N LEU A 65 -8.85 -2.20 10.50
CA LEU A 65 -9.88 -1.27 10.94
C LEU A 65 -9.40 0.17 10.69
N ILE A 66 -10.00 0.78 9.68
CA ILE A 66 -9.65 2.15 9.32
C ILE A 66 -10.51 3.12 10.14
N ALA A 67 -10.24 4.40 9.94
CA ALA A 67 -10.97 5.44 10.65
C ALA A 67 -12.46 5.07 10.68
N GLY A 68 -12.85 4.39 11.74
CA GLY A 68 -14.23 3.98 11.91
C GLY A 68 -14.74 3.25 10.65
N PHE A 69 -13.92 2.31 10.19
CA PHE A 69 -14.27 1.54 9.01
C PHE A 69 -13.66 0.14 9.08
N LEU A 70 -14.53 -0.83 9.31
CA LEU A 70 -14.10 -2.22 9.41
C LEU A 70 -13.83 -2.76 8.00
N TYR A 71 -12.55 -2.94 7.70
CA TYR A 71 -12.15 -3.45 6.40
C TYR A 71 -11.40 -4.77 6.54
N VAL A 72 -11.49 -5.58 5.48
CA VAL A 72 -10.82 -6.86 5.47
C VAL A 72 -10.04 -7.02 4.16
N ALA A 73 -8.74 -7.18 4.31
CA ALA A 73 -7.88 -7.35 3.15
C ALA A 73 -7.50 -8.83 3.00
N ASP A 74 -7.75 -9.35 1.81
CA ASP A 74 -7.45 -10.74 1.53
C ASP A 74 -6.29 -10.81 0.53
N LEU A 75 -5.19 -11.39 0.99
CA LEU A 75 -4.01 -11.53 0.16
C LEU A 75 -4.19 -12.71 -0.80
N GLU A 76 -5.04 -13.65 -0.37
CA GLU A 76 -5.32 -14.82 -1.17
C GLU A 76 -5.71 -14.42 -2.60
N ASN A 77 -6.65 -13.49 -2.67
CA ASN A 77 -7.12 -13.00 -3.96
C ASN A 77 -6.46 -11.65 -4.27
N MET A 78 -5.70 -11.16 -3.30
CA MET A 78 -5.02 -9.89 -3.45
C MET A 78 -6.02 -8.75 -3.60
N VAL A 79 -7.00 -8.73 -2.71
CA VAL A 79 -8.02 -7.70 -2.74
C VAL A 79 -8.38 -7.31 -1.31
N GLN A 80 -9.39 -6.45 -1.19
CA GLN A 80 -9.84 -5.99 0.11
C GLN A 80 -11.31 -5.59 0.05
N TYR A 81 -12.08 -6.18 0.96
CA TYR A 81 -13.51 -5.89 1.02
C TYR A 81 -13.91 -5.38 2.41
N ARG A 82 -15.01 -4.65 2.45
CA ARG A 82 -15.50 -4.10 3.70
C ARG A 82 -16.00 -5.23 4.61
N ARG A 83 -15.54 -5.18 5.86
CA ARG A 83 -15.94 -6.18 6.83
C ARG A 83 -17.44 -6.46 6.73
N ASN A 84 -18.22 -5.41 6.94
CA ASN A 84 -19.67 -5.52 6.88
C ASN A 84 -20.12 -5.48 5.42
N GLU A 85 -19.61 -4.48 4.70
CA GLU A 85 -19.95 -4.32 3.30
C GLU A 85 -19.04 -5.19 2.43
N HIS A 86 -19.36 -6.48 2.38
CA HIS A 86 -18.58 -7.41 1.59
C HIS A 86 -18.55 -6.95 0.13
N GLY A 87 -19.66 -6.35 -0.29
CA GLY A 87 -19.76 -5.86 -1.65
C GLY A 87 -18.62 -4.90 -1.98
N ARG A 88 -18.51 -3.86 -1.18
CA ARG A 88 -17.47 -2.86 -1.38
C ARG A 88 -16.09 -3.49 -1.18
N ARG A 89 -15.34 -3.58 -2.27
CA ARG A 89 -14.01 -4.16 -2.22
C ARG A 89 -13.19 -3.70 -3.42
N ARG A 90 -11.88 -3.78 -3.27
CA ARG A 90 -10.97 -3.37 -4.33
C ARG A 90 -9.78 -4.33 -4.41
N LYS A 91 -9.02 -4.20 -5.50
CA LYS A 91 -7.87 -5.05 -5.71
C LYS A 91 -6.64 -4.39 -5.06
N ILE A 92 -5.66 -5.22 -4.77
CA ILE A 92 -4.43 -4.73 -4.15
C ILE A 92 -3.22 -5.37 -4.85
N LYS A 93 -2.14 -4.61 -4.92
CA LYS A 93 -0.93 -5.09 -5.55
C LYS A 93 0.29 -4.51 -4.82
N ARG A 94 1.25 -5.38 -4.56
CA ARG A 94 2.46 -4.98 -3.86
C ARG A 94 3.48 -4.42 -4.85
N ASP A 95 3.82 -3.16 -4.66
CA ASP A 95 4.78 -2.49 -5.53
C ASP A 95 5.99 -2.05 -4.71
N ILE A 96 7.08 -1.79 -5.40
CA ILE A 96 8.29 -1.35 -4.75
C ILE A 96 8.32 0.17 -4.68
N ILE A 97 8.73 0.68 -3.52
CA ILE A 97 8.79 2.12 -3.31
C ILE A 97 10.22 2.51 -2.91
N ASP A 98 10.46 3.81 -2.91
CA ASP A 98 11.78 4.32 -2.55
C ASP A 98 11.67 5.10 -1.24
N ILE A 99 11.71 4.36 -0.14
CA ILE A 99 11.63 4.98 1.17
C ILE A 99 13.01 4.96 1.83
N PRO A 100 13.31 6.08 2.56
CA PRO A 100 14.59 6.20 3.24
C PRO A 100 14.63 5.34 4.49
N LYS A 101 14.55 4.03 4.28
CA LYS A 101 14.57 3.08 5.38
C LYS A 101 15.99 2.57 5.57
N LYS A 102 16.45 1.79 4.61
CA LYS A 102 17.79 1.23 4.66
C LYS A 102 18.76 2.29 5.19
N GLY A 103 18.73 3.45 4.54
CA GLY A 103 19.60 4.55 4.93
C GLY A 103 19.63 4.70 6.45
N VAL A 104 18.49 5.08 7.00
CA VAL A 104 18.38 5.28 8.43
C VAL A 104 18.25 3.91 9.12
N SER A 105 19.38 3.23 9.23
CA SER A 105 19.40 1.92 9.85
C SER A 105 19.01 2.03 11.33
N GLY A 106 18.46 0.95 11.85
CA GLY A 106 18.05 0.91 13.24
C GLY A 106 17.97 -0.52 13.76
N PRO A 107 19.18 -1.08 14.05
CA PRO A 107 19.26 -2.45 14.55
C PRO A 107 18.84 -2.52 16.02
N SER A 108 18.64 -3.74 16.49
CA SER A 108 18.23 -3.97 17.86
C SER A 108 18.99 -5.15 18.45
N SER A 109 18.90 -5.28 19.77
CA SER A 109 19.57 -6.36 20.47
C SER A 109 18.86 -7.69 20.18
N GLY A 110 19.66 -8.73 20.07
CA GLY A 110 19.14 -10.06 19.80
C GLY A 110 18.88 -10.81 21.10
N PRO A 1 -26.20 30.47 2.70
CA PRO A 1 -24.97 30.71 1.97
C PRO A 1 -25.25 31.20 0.55
N SER A 2 -24.17 31.49 -0.17
CA SER A 2 -24.30 31.97 -1.53
C SER A 2 -22.91 32.15 -2.15
N SER A 3 -22.85 31.93 -3.45
CA SER A 3 -21.59 32.06 -4.17
C SER A 3 -20.61 30.97 -3.72
N GLY A 4 -19.63 30.72 -4.56
CA GLY A 4 -18.62 29.71 -4.27
C GLY A 4 -17.63 29.56 -5.43
N SER A 5 -16.62 28.75 -5.19
CA SER A 5 -15.61 28.50 -6.21
C SER A 5 -15.27 27.01 -6.27
N SER A 6 -14.50 26.64 -7.28
CA SER A 6 -14.11 25.26 -7.47
C SER A 6 -12.62 25.18 -7.77
N GLY A 7 -12.22 25.84 -8.84
CA GLY A 7 -10.83 25.86 -9.26
C GLY A 7 -10.44 24.53 -9.91
N PHE A 8 -9.19 24.48 -10.36
CA PHE A 8 -8.68 23.27 -11.01
C PHE A 8 -7.21 23.44 -11.38
N LEU A 9 -6.43 22.41 -11.05
CA LEU A 9 -5.01 22.42 -11.34
C LEU A 9 -4.43 21.04 -11.11
N ASP A 10 -3.38 20.72 -11.86
CA ASP A 10 -2.72 19.43 -11.74
C ASP A 10 -1.51 19.40 -12.66
N LYS A 11 -0.49 18.68 -12.21
CA LYS A 11 0.74 18.55 -12.98
C LYS A 11 1.42 17.23 -12.64
N PRO A 12 1.06 16.18 -13.42
CA PRO A 12 1.63 14.86 -13.22
C PRO A 12 3.07 14.79 -13.73
N THR A 13 3.68 13.64 -13.53
CA THR A 13 5.05 13.42 -13.97
C THR A 13 5.08 13.08 -15.46
N LEU A 14 6.26 13.26 -16.04
CA LEU A 14 6.45 12.98 -17.46
C LEU A 14 7.49 11.87 -17.61
N LEU A 15 7.01 10.70 -18.02
CA LEU A 15 7.89 9.56 -18.22
C LEU A 15 7.04 8.32 -18.55
N SER A 16 7.73 7.21 -18.78
CA SER A 16 7.07 5.97 -19.10
C SER A 16 6.68 5.23 -17.81
N PRO A 17 5.84 4.18 -18.00
CA PRO A 17 5.38 3.38 -16.85
C PRO A 17 6.50 2.46 -16.36
N GLU A 18 7.51 2.31 -17.19
CA GLU A 18 8.64 1.45 -16.84
C GLU A 18 9.70 2.26 -16.09
N GLU A 19 10.03 3.42 -16.66
CA GLU A 19 11.03 4.29 -16.06
C GLU A 19 10.79 4.42 -14.56
N LEU A 20 9.54 4.68 -14.20
CA LEU A 20 9.17 4.83 -12.81
C LEU A 20 9.52 3.54 -12.06
N LYS A 21 8.93 2.44 -12.53
CA LYS A 21 9.17 1.16 -11.91
C LYS A 21 10.66 0.97 -11.66
N ALA A 22 11.42 1.00 -12.75
CA ALA A 22 12.86 0.84 -12.66
C ALA A 22 13.40 1.71 -11.52
N ALA A 23 13.26 3.02 -11.70
CA ALA A 23 13.72 3.95 -10.69
C ALA A 23 13.25 3.49 -9.31
N SER A 24 11.96 3.23 -9.22
CA SER A 24 11.37 2.78 -7.97
C SER A 24 12.15 1.57 -7.44
N ARG A 25 12.54 0.69 -8.35
CA ARG A 25 13.28 -0.50 -8.00
C ARG A 25 14.69 -0.13 -7.53
N GLY A 26 15.05 1.12 -7.80
CA GLY A 26 16.37 1.62 -7.41
C GLY A 26 16.72 1.19 -5.99
N ASN A 27 15.91 1.65 -5.04
CA ASN A 27 16.13 1.33 -3.64
C ASN A 27 15.35 0.05 -3.30
N GLY A 28 14.03 0.17 -3.38
CA GLY A 28 13.16 -0.95 -3.07
C GLY A 28 12.50 -0.79 -1.71
N GLU A 29 11.44 -0.01 -1.68
CA GLU A 29 10.72 0.25 -0.44
C GLU A 29 9.30 -0.34 -0.53
N TYR A 30 9.12 -1.47 0.14
CA TYR A 30 7.83 -2.13 0.15
C TYR A 30 6.69 -1.12 0.20
N ALA A 31 5.69 -1.35 -0.66
CA ALA A 31 4.54 -0.47 -0.71
C ALA A 31 3.34 -1.24 -1.29
N TRP A 32 2.30 -1.32 -0.48
CA TRP A 32 1.09 -2.02 -0.90
C TRP A 32 0.19 -1.02 -1.62
N TYR A 33 -0.22 -1.39 -2.82
CA TYR A 33 -1.09 -0.53 -3.61
C TYR A 33 -2.49 -1.16 -3.77
N TYR A 34 -3.44 -0.31 -4.10
CA TYR A 34 -4.81 -0.75 -4.29
C TYR A 34 -5.48 -0.01 -5.44
N GLU A 35 -6.39 -0.70 -6.11
CA GLU A 35 -7.12 -0.13 -7.23
C GLU A 35 -7.54 1.31 -6.89
N GLY A 36 -7.06 2.24 -7.71
CA GLY A 36 -7.39 3.64 -7.51
C GLY A 36 -8.22 4.18 -8.68
N ARG A 37 -8.21 5.50 -8.81
CA ARG A 37 -8.96 6.15 -9.87
C ARG A 37 -8.11 6.21 -11.15
N ASN A 38 -7.04 6.97 -11.07
CA ASN A 38 -6.15 7.13 -12.21
C ASN A 38 -5.47 5.78 -12.50
N GLY A 39 -5.02 5.14 -11.43
CA GLY A 39 -4.34 3.86 -11.56
C GLY A 39 -4.37 3.09 -10.23
N TRP A 40 -3.21 3.04 -9.59
CA TRP A 40 -3.10 2.35 -8.32
C TRP A 40 -2.81 3.40 -7.24
N TRP A 41 -3.59 3.33 -6.17
CA TRP A 41 -3.43 4.26 -5.06
C TRP A 41 -2.67 3.53 -3.94
N GLN A 42 -1.94 4.31 -3.17
CA GLN A 42 -1.17 3.76 -2.07
C GLN A 42 -1.91 3.99 -0.74
N TYR A 43 -1.48 3.25 0.27
CA TYR A 43 -2.08 3.36 1.59
C TYR A 43 -1.37 4.41 2.43
N ASP A 44 -1.89 4.61 3.64
CA ASP A 44 -1.32 5.58 4.55
C ASP A 44 0.12 5.18 4.88
N GLU A 45 0.23 4.05 5.58
CA GLU A 45 1.54 3.54 5.97
C GLU A 45 1.40 2.28 6.81
N ARG A 46 0.56 2.39 7.83
CA ARG A 46 0.31 1.26 8.72
C ARG A 46 -0.43 0.15 7.98
N THR A 47 -1.55 0.53 7.37
CA THR A 47 -2.37 -0.41 6.64
C THR A 47 -1.47 -1.40 5.88
N SER A 48 -0.46 -0.84 5.22
CA SER A 48 0.46 -1.67 4.44
C SER A 48 1.34 -2.49 5.40
N ARG A 49 1.89 -1.81 6.40
CA ARG A 49 2.74 -2.47 7.37
C ARG A 49 2.09 -3.77 7.85
N GLU A 50 0.77 -3.80 7.76
CA GLU A 50 0.03 -4.97 8.18
C GLU A 50 -0.13 -5.95 7.02
N LEU A 51 -0.27 -5.39 5.83
CA LEU A 51 -0.42 -6.20 4.64
C LEU A 51 0.83 -7.06 4.44
N GLU A 52 1.98 -6.41 4.55
CA GLU A 52 3.25 -7.10 4.40
C GLU A 52 3.43 -8.15 5.49
N ASP A 53 3.38 -7.68 6.74
CA ASP A 53 3.53 -8.56 7.87
C ASP A 53 2.65 -9.79 7.68
N ALA A 54 1.39 -9.54 7.41
CA ALA A 54 0.43 -10.62 7.20
C ALA A 54 0.92 -11.51 6.07
N PHE A 55 0.88 -10.98 4.86
CA PHE A 55 1.32 -11.72 3.69
C PHE A 55 2.56 -12.56 4.01
N SER A 56 3.53 -11.91 4.61
CA SER A 56 4.78 -12.58 4.97
C SER A 56 4.50 -13.64 6.04
N LYS A 57 3.99 -13.18 7.17
CA LYS A 57 3.68 -14.08 8.26
C LYS A 57 2.95 -15.32 7.73
N GLY A 58 2.00 -15.06 6.84
CA GLY A 58 1.23 -16.13 6.24
C GLY A 58 -0.26 -15.79 6.21
N LYS A 59 -0.63 -14.81 7.04
CA LYS A 59 -2.01 -14.38 7.12
C LYS A 59 -2.54 -14.12 5.71
N LYS A 60 -3.29 -15.10 5.21
CA LYS A 60 -3.87 -14.98 3.87
C LYS A 60 -4.79 -13.77 3.83
N ASN A 61 -5.57 -13.61 4.88
CA ASN A 61 -6.50 -12.49 4.97
C ASN A 61 -6.21 -11.70 6.25
N THR A 62 -5.88 -10.43 6.05
CA THR A 62 -5.58 -9.56 7.18
C THR A 62 -6.70 -8.53 7.36
N GLU A 63 -7.29 -8.55 8.55
CA GLU A 63 -8.36 -7.63 8.88
C GLU A 63 -7.79 -6.31 9.41
N MET A 64 -8.25 -5.22 8.82
CA MET A 64 -7.80 -3.90 9.23
C MET A 64 -8.99 -2.99 9.56
N LEU A 65 -8.91 -2.37 10.72
CA LEU A 65 -9.97 -1.47 11.16
C LEU A 65 -9.57 -0.03 10.86
N ILE A 66 -10.17 0.51 9.81
CA ILE A 66 -9.89 1.87 9.40
C ILE A 66 -10.68 2.84 10.28
N ALA A 67 -10.35 4.12 10.16
CA ALA A 67 -11.02 5.15 10.94
C ALA A 67 -12.53 4.91 10.89
N GLY A 68 -13.01 4.15 11.87
CA GLY A 68 -14.43 3.85 11.95
C GLY A 68 -14.91 3.13 10.69
N PHE A 69 -14.12 2.17 10.25
CA PHE A 69 -14.44 1.40 9.06
C PHE A 69 -13.77 0.03 9.09
N LEU A 70 -14.56 -0.97 9.44
CA LEU A 70 -14.05 -2.34 9.50
C LEU A 70 -13.73 -2.82 8.10
N TYR A 71 -12.44 -2.99 7.83
CA TYR A 71 -11.99 -3.45 6.54
C TYR A 71 -11.26 -4.79 6.64
N VAL A 72 -11.30 -5.54 5.56
CA VAL A 72 -10.65 -6.84 5.52
C VAL A 72 -9.87 -6.98 4.22
N ALA A 73 -8.55 -7.08 4.35
CA ALA A 73 -7.69 -7.21 3.19
C ALA A 73 -7.41 -8.69 2.94
N ASP A 74 -7.95 -9.19 1.85
CA ASP A 74 -7.76 -10.59 1.50
C ASP A 74 -6.62 -10.70 0.48
N LEU A 75 -5.52 -11.28 0.94
CA LEU A 75 -4.36 -11.45 0.08
C LEU A 75 -4.59 -12.63 -0.87
N GLU A 76 -5.34 -13.61 -0.36
CA GLU A 76 -5.65 -14.79 -1.15
C GLU A 76 -6.12 -14.39 -2.55
N ASN A 77 -7.02 -13.42 -2.59
CA ASN A 77 -7.56 -12.94 -3.85
C ASN A 77 -6.90 -11.60 -4.20
N MET A 78 -6.07 -11.13 -3.27
CA MET A 78 -5.37 -9.87 -3.47
C MET A 78 -6.36 -8.70 -3.58
N VAL A 79 -7.42 -8.80 -2.80
CA VAL A 79 -8.44 -7.76 -2.79
C VAL A 79 -8.89 -7.50 -1.35
N GLN A 80 -9.23 -6.24 -1.09
CA GLN A 80 -9.67 -5.84 0.24
C GLN A 80 -11.13 -5.43 0.20
N TYR A 81 -11.92 -6.06 1.07
CA TYR A 81 -13.34 -5.77 1.15
C TYR A 81 -13.73 -5.35 2.56
N ARG A 82 -14.79 -4.57 2.65
CA ARG A 82 -15.28 -4.09 3.93
C ARG A 82 -15.81 -5.27 4.77
N ARG A 83 -15.36 -5.30 6.01
CA ARG A 83 -15.78 -6.35 6.93
C ARG A 83 -17.28 -6.59 6.82
N ASN A 84 -18.04 -5.56 7.18
CA ASN A 84 -19.48 -5.64 7.13
C ASN A 84 -19.94 -5.71 5.67
N GLU A 85 -19.55 -4.70 4.91
CA GLU A 85 -19.91 -4.64 3.50
C GLU A 85 -18.88 -5.40 2.66
N HIS A 86 -19.08 -6.71 2.60
CA HIS A 86 -18.17 -7.56 1.83
C HIS A 86 -18.18 -7.12 0.36
N GLY A 87 -19.34 -6.65 -0.08
CA GLY A 87 -19.49 -6.20 -1.45
C GLY A 87 -18.41 -5.16 -1.80
N ARG A 88 -18.34 -4.12 -0.99
CA ARG A 88 -17.38 -3.06 -1.21
C ARG A 88 -15.96 -3.61 -1.03
N ARG A 89 -15.22 -3.68 -2.13
CA ARG A 89 -13.86 -4.17 -2.11
C ARG A 89 -13.04 -3.54 -3.24
N ARG A 90 -11.73 -3.64 -3.09
CA ARG A 90 -10.83 -3.08 -4.09
C ARG A 90 -9.62 -3.99 -4.28
N LYS A 91 -9.05 -3.93 -5.48
CA LYS A 91 -7.89 -4.74 -5.79
C LYS A 91 -6.68 -4.22 -5.03
N ILE A 92 -5.76 -5.13 -4.73
CA ILE A 92 -4.56 -4.77 -4.00
C ILE A 92 -3.36 -5.49 -4.61
N LYS A 93 -2.20 -4.88 -4.48
CA LYS A 93 -0.98 -5.45 -5.01
C LYS A 93 0.21 -5.00 -4.16
N ARG A 94 1.31 -5.72 -4.30
CA ARG A 94 2.52 -5.41 -3.56
C ARG A 94 3.60 -4.87 -4.49
N ASP A 95 3.95 -3.62 -4.30
CA ASP A 95 4.97 -2.98 -5.12
C ASP A 95 6.09 -2.46 -4.22
N ILE A 96 7.10 -1.88 -4.86
CA ILE A 96 8.24 -1.35 -4.13
C ILE A 96 8.61 0.02 -4.71
N ILE A 97 8.72 0.98 -3.80
CA ILE A 97 9.07 2.34 -4.20
C ILE A 97 10.59 2.53 -4.08
N ASP A 98 11.00 3.79 -4.22
CA ASP A 98 12.41 4.11 -4.13
C ASP A 98 12.60 5.29 -3.18
N ILE A 99 12.45 5.01 -1.88
CA ILE A 99 12.60 6.03 -0.87
C ILE A 99 13.78 5.68 0.03
N PRO A 100 14.55 6.74 0.42
CA PRO A 100 15.71 6.57 1.27
C PRO A 100 15.29 6.30 2.72
N LYS A 101 14.44 5.28 2.88
CA LYS A 101 13.96 4.92 4.20
C LYS A 101 14.79 3.76 4.74
N LYS A 102 14.63 2.61 4.10
CA LYS A 102 15.37 1.42 4.51
C LYS A 102 16.80 1.79 4.84
N GLY A 103 17.32 2.74 4.09
CA GLY A 103 18.69 3.21 4.30
C GLY A 103 18.94 3.51 5.77
N VAL A 104 18.09 4.38 6.32
CA VAL A 104 18.22 4.76 7.71
C VAL A 104 19.50 5.59 7.90
N SER A 105 20.63 4.91 7.75
CA SER A 105 21.92 5.55 7.91
C SER A 105 23.03 4.51 7.86
N GLY A 106 22.75 3.36 8.46
CA GLY A 106 23.72 2.28 8.50
C GLY A 106 23.63 1.50 9.82
N PRO A 107 23.84 0.17 9.71
CA PRO A 107 23.77 -0.69 10.87
C PRO A 107 25.03 -0.54 11.73
N SER A 108 24.83 -0.57 13.05
CA SER A 108 25.93 -0.44 13.98
C SER A 108 26.14 -1.76 14.72
N SER A 109 27.23 -1.79 15.48
CA SER A 109 27.57 -2.99 16.25
C SER A 109 27.55 -2.68 17.75
N GLY A 110 27.42 -3.73 18.54
CA GLY A 110 27.39 -3.58 19.98
C GLY A 110 28.76 -3.89 20.59
N PRO A 1 -34.51 6.69 -14.73
CA PRO A 1 -33.96 7.94 -14.23
C PRO A 1 -32.66 8.29 -14.93
N SER A 2 -32.09 9.42 -14.53
CA SER A 2 -30.84 9.88 -15.12
C SER A 2 -30.32 11.09 -14.33
N SER A 3 -29.02 11.33 -14.48
CA SER A 3 -28.38 12.44 -13.80
C SER A 3 -26.89 12.46 -14.11
N GLY A 4 -26.24 13.55 -13.72
CA GLY A 4 -24.82 13.71 -13.95
C GLY A 4 -24.22 14.74 -13.00
N SER A 5 -22.90 14.84 -13.03
CA SER A 5 -22.19 15.78 -12.18
C SER A 5 -20.72 15.85 -12.58
N SER A 6 -20.03 16.84 -12.04
CA SER A 6 -18.63 17.03 -12.34
C SER A 6 -18.07 18.20 -11.52
N GLY A 7 -16.75 18.29 -11.50
CA GLY A 7 -16.08 19.36 -10.76
C GLY A 7 -14.68 18.93 -10.34
N PHE A 8 -13.72 19.82 -10.58
CA PHE A 8 -12.34 19.54 -10.23
C PHE A 8 -11.45 20.77 -10.49
N LEU A 9 -10.40 20.88 -9.70
CA LEU A 9 -9.48 21.99 -9.84
C LEU A 9 -8.12 21.60 -9.26
N ASP A 10 -7.26 21.12 -10.15
CA ASP A 10 -5.93 20.70 -9.75
C ASP A 10 -5.13 20.30 -10.98
N LYS A 11 -3.97 20.91 -11.13
CA LYS A 11 -3.09 20.64 -12.26
C LYS A 11 -1.64 20.58 -11.78
N PRO A 12 -1.33 19.51 -11.01
CA PRO A 12 0.02 19.33 -10.49
C PRO A 12 0.97 18.87 -11.59
N THR A 13 2.16 18.47 -11.16
CA THR A 13 3.18 18.00 -12.09
C THR A 13 4.18 17.09 -11.37
N LEU A 14 4.81 17.65 -10.35
CA LEU A 14 5.78 16.90 -9.59
C LEU A 14 6.93 16.48 -10.50
N LEU A 15 7.88 15.76 -9.92
CA LEU A 15 9.04 15.29 -10.66
C LEU A 15 8.57 14.35 -11.78
N SER A 16 9.54 13.89 -12.56
CA SER A 16 9.24 12.97 -13.65
C SER A 16 8.99 11.57 -13.11
N PRO A 17 8.40 10.72 -13.99
CA PRO A 17 8.09 9.35 -13.62
C PRO A 17 9.36 8.49 -13.59
N GLU A 18 10.36 8.95 -14.31
CA GLU A 18 11.63 8.25 -14.38
C GLU A 18 12.47 8.54 -13.13
N GLU A 19 12.51 9.82 -12.78
CA GLU A 19 13.27 10.26 -11.62
C GLU A 19 12.86 9.45 -10.39
N LEU A 20 11.56 9.42 -10.14
CA LEU A 20 11.03 8.69 -9.00
C LEU A 20 11.67 7.30 -8.96
N LYS A 21 11.44 6.55 -10.02
CA LYS A 21 11.98 5.20 -10.13
C LYS A 21 13.41 5.19 -9.56
N ALA A 22 14.24 6.05 -10.11
CA ALA A 22 15.62 6.14 -9.68
C ALA A 22 15.66 6.42 -8.18
N ALA A 23 15.04 7.53 -7.80
CA ALA A 23 14.99 7.91 -6.40
C ALA A 23 14.64 6.70 -5.54
N SER A 24 13.65 5.96 -6.00
CA SER A 24 13.21 4.76 -5.29
C SER A 24 14.42 3.93 -4.88
N ARG A 25 15.37 3.81 -5.79
CA ARG A 25 16.56 3.05 -5.53
C ARG A 25 17.18 3.47 -4.19
N GLY A 26 16.84 4.68 -3.77
CA GLY A 26 17.35 5.21 -2.52
C GLY A 26 17.22 4.18 -1.40
N ASN A 27 15.99 3.89 -1.03
CA ASN A 27 15.72 2.93 0.02
C ASN A 27 15.30 1.59 -0.60
N GLY A 28 14.18 1.63 -1.28
CA GLY A 28 13.66 0.43 -1.93
C GLY A 28 12.98 -0.49 -0.92
N GLU A 29 11.68 -0.33 -0.79
CA GLU A 29 10.91 -1.13 0.14
C GLU A 29 9.63 -1.64 -0.54
N TYR A 30 8.80 -2.30 0.26
CA TYR A 30 7.55 -2.85 -0.24
C TYR A 30 6.37 -1.93 0.10
N ALA A 31 5.50 -1.74 -0.88
CA ALA A 31 4.34 -0.89 -0.69
C ALA A 31 3.13 -1.55 -1.35
N TRP A 32 1.97 -1.32 -0.75
CA TRP A 32 0.73 -1.87 -1.26
C TRP A 32 -0.01 -0.77 -2.02
N TYR A 33 -0.82 -1.21 -2.98
CA TYR A 33 -1.58 -0.27 -3.79
C TYR A 33 -2.97 -0.83 -4.11
N TYR A 34 -3.98 -0.01 -3.86
CA TYR A 34 -5.35 -0.41 -4.13
C TYR A 34 -5.89 0.28 -5.37
N GLU A 35 -6.69 -0.47 -6.13
CA GLU A 35 -7.28 0.06 -7.35
C GLU A 35 -7.89 1.44 -7.08
N GLY A 36 -7.28 2.46 -7.69
CA GLY A 36 -7.75 3.82 -7.53
C GLY A 36 -8.25 4.39 -8.85
N ARG A 37 -8.78 5.60 -8.78
CA ARG A 37 -9.29 6.27 -9.98
C ARG A 37 -8.22 6.30 -11.06
N ASN A 38 -7.11 6.95 -10.75
CA ASN A 38 -6.02 7.06 -11.69
C ASN A 38 -5.56 5.66 -12.11
N GLY A 39 -5.81 4.70 -11.22
CA GLY A 39 -5.44 3.33 -11.48
C GLY A 39 -5.15 2.58 -10.18
N TRP A 40 -4.09 3.03 -9.50
CA TRP A 40 -3.70 2.42 -8.25
C TRP A 40 -3.28 3.53 -7.29
N TRP A 41 -3.71 3.41 -6.05
CA TRP A 41 -3.40 4.39 -5.03
C TRP A 41 -2.75 3.67 -3.86
N GLN A 42 -1.85 4.36 -3.20
CA GLN A 42 -1.14 3.80 -2.05
C GLN A 42 -1.90 4.11 -0.75
N TYR A 43 -1.58 3.35 0.28
CA TYR A 43 -2.23 3.55 1.57
C TYR A 43 -1.43 4.52 2.44
N ASP A 44 -1.87 4.67 3.68
CA ASP A 44 -1.22 5.56 4.61
C ASP A 44 0.25 5.16 4.74
N GLU A 45 0.48 4.10 5.50
CA GLU A 45 1.83 3.61 5.73
C GLU A 45 1.80 2.36 6.62
N ARG A 46 1.06 2.47 7.71
CA ARG A 46 0.94 1.37 8.64
C ARG A 46 -0.04 0.32 8.11
N THR A 47 -1.24 0.78 7.79
CA THR A 47 -2.26 -0.11 7.27
C THR A 47 -1.66 -1.09 6.27
N SER A 48 -0.63 -0.62 5.58
CA SER A 48 0.05 -1.46 4.60
C SER A 48 1.11 -2.33 5.28
N ARG A 49 1.85 -1.69 6.18
CA ARG A 49 2.89 -2.39 6.91
C ARG A 49 2.36 -3.70 7.49
N GLU A 50 1.06 -3.70 7.76
CA GLU A 50 0.41 -4.88 8.32
C GLU A 50 0.12 -5.89 7.21
N LEU A 51 -0.14 -5.37 6.02
CA LEU A 51 -0.44 -6.22 4.87
C LEU A 51 0.75 -7.14 4.61
N GLU A 52 1.95 -6.58 4.74
CA GLU A 52 3.16 -7.34 4.53
C GLU A 52 3.36 -8.37 5.64
N ASP A 53 3.43 -7.86 6.86
CA ASP A 53 3.61 -8.71 8.02
C ASP A 53 2.72 -9.94 7.89
N ALA A 54 1.47 -9.69 7.53
CA ALA A 54 0.50 -10.77 7.37
C ALA A 54 0.87 -11.59 6.13
N PHE A 55 1.02 -10.89 5.02
CA PHE A 55 1.35 -11.53 3.76
C PHE A 55 2.56 -12.46 3.94
N SER A 56 3.55 -11.96 4.65
CA SER A 56 4.77 -12.73 4.90
C SER A 56 4.48 -13.84 5.91
N LYS A 57 4.09 -13.43 7.11
CA LYS A 57 3.78 -14.38 8.16
C LYS A 57 3.02 -15.56 7.57
N GLY A 58 2.19 -15.25 6.59
CA GLY A 58 1.39 -16.28 5.93
C GLY A 58 -0.10 -15.93 5.95
N LYS A 59 -0.41 -14.90 6.73
CA LYS A 59 -1.79 -14.45 6.86
C LYS A 59 -2.36 -14.19 5.46
N LYS A 60 -3.10 -15.18 4.96
CA LYS A 60 -3.70 -15.06 3.65
C LYS A 60 -4.46 -13.74 3.55
N ASN A 61 -4.84 -13.23 4.71
CA ASN A 61 -5.56 -11.98 4.77
C ASN A 61 -5.56 -11.46 6.21
N THR A 62 -5.70 -10.15 6.33
CA THR A 62 -5.71 -9.52 7.64
C THR A 62 -6.90 -8.56 7.76
N GLU A 63 -7.38 -8.40 8.99
CA GLU A 63 -8.50 -7.53 9.25
C GLU A 63 -8.02 -6.18 9.78
N MET A 64 -8.47 -5.13 9.13
CA MET A 64 -8.10 -3.77 9.51
C MET A 64 -9.33 -2.94 9.85
N LEU A 65 -9.11 -1.95 10.71
CA LEU A 65 -10.18 -1.07 11.13
C LEU A 65 -9.88 0.36 10.68
N ILE A 66 -10.58 0.79 9.64
CA ILE A 66 -10.39 2.12 9.11
C ILE A 66 -11.28 3.10 9.86
N ALA A 67 -11.11 4.38 9.54
CA ALA A 67 -11.89 5.42 10.19
C ALA A 67 -13.34 4.94 10.35
N GLY A 68 -13.62 4.35 11.50
CA GLY A 68 -14.94 3.85 11.79
C GLY A 68 -15.48 3.01 10.63
N PHE A 69 -14.64 2.08 10.19
CA PHE A 69 -15.01 1.20 9.08
C PHE A 69 -14.23 -0.11 9.14
N LEU A 70 -14.95 -1.18 9.44
CA LEU A 70 -14.33 -2.49 9.52
C LEU A 70 -13.99 -2.99 8.12
N TYR A 71 -12.70 -3.10 7.86
CA TYR A 71 -12.23 -3.56 6.56
C TYR A 71 -11.36 -4.81 6.70
N VAL A 72 -11.29 -5.56 5.62
CA VAL A 72 -10.49 -6.78 5.60
C VAL A 72 -9.68 -6.85 4.31
N ALA A 73 -8.38 -6.99 4.47
CA ALA A 73 -7.49 -7.07 3.32
C ALA A 73 -7.09 -8.52 3.09
N ASP A 74 -7.21 -8.95 1.84
CA ASP A 74 -6.86 -10.31 1.48
C ASP A 74 -5.66 -10.29 0.53
N LEU A 75 -4.63 -11.01 0.92
CA LEU A 75 -3.41 -11.08 0.13
C LEU A 75 -3.51 -12.28 -0.83
N GLU A 76 -4.13 -13.34 -0.33
CA GLU A 76 -4.29 -14.55 -1.11
C GLU A 76 -4.86 -14.21 -2.50
N ASN A 77 -5.87 -13.36 -2.51
CA ASN A 77 -6.50 -12.94 -3.74
C ASN A 77 -6.01 -11.54 -4.11
N MET A 78 -5.32 -10.91 -3.17
CA MET A 78 -4.79 -9.57 -3.38
C MET A 78 -5.93 -8.57 -3.60
N VAL A 79 -6.86 -8.56 -2.67
CA VAL A 79 -8.00 -7.66 -2.75
C VAL A 79 -8.47 -7.29 -1.34
N GLN A 80 -8.89 -6.04 -1.20
CA GLN A 80 -9.36 -5.56 0.09
C GLN A 80 -10.88 -5.35 0.05
N TYR A 81 -11.56 -6.05 0.95
CA TYR A 81 -13.00 -5.95 1.04
C TYR A 81 -13.45 -5.59 2.46
N ARG A 82 -14.56 -4.88 2.54
CA ARG A 82 -15.09 -4.47 3.83
C ARG A 82 -15.42 -5.71 4.69
N ARG A 83 -15.12 -5.58 5.97
CA ARG A 83 -15.37 -6.68 6.89
C ARG A 83 -16.80 -7.19 6.73
N ASN A 84 -17.73 -6.25 6.71
CA ASN A 84 -19.14 -6.59 6.56
C ASN A 84 -19.54 -6.44 5.10
N GLU A 85 -19.30 -5.25 4.56
CA GLU A 85 -19.63 -4.98 3.18
C GLU A 85 -18.71 -5.76 2.24
N HIS A 86 -18.73 -7.07 2.40
CA HIS A 86 -17.91 -7.94 1.58
C HIS A 86 -18.00 -7.50 0.12
N GLY A 87 -19.16 -6.97 -0.23
CA GLY A 87 -19.38 -6.50 -1.60
C GLY A 87 -18.39 -5.40 -1.97
N ARG A 88 -18.21 -4.47 -1.05
CA ARG A 88 -17.30 -3.36 -1.27
C ARG A 88 -15.85 -3.82 -1.07
N ARG A 89 -15.13 -3.86 -2.19
CA ARG A 89 -13.74 -4.28 -2.16
C ARG A 89 -13.00 -3.76 -3.40
N ARG A 90 -11.67 -3.82 -3.32
CA ARG A 90 -10.85 -3.36 -4.42
C ARG A 90 -9.62 -4.26 -4.57
N LYS A 91 -8.99 -4.16 -5.74
CA LYS A 91 -7.81 -4.95 -6.02
C LYS A 91 -6.58 -4.29 -5.39
N ILE A 92 -5.80 -5.10 -4.68
CA ILE A 92 -4.61 -4.60 -4.04
C ILE A 92 -3.38 -5.30 -4.62
N LYS A 93 -2.30 -4.54 -4.73
CA LYS A 93 -1.06 -5.09 -5.27
C LYS A 93 0.11 -4.59 -4.42
N ARG A 94 1.26 -5.23 -4.63
CA ARG A 94 2.46 -4.87 -3.89
C ARG A 94 3.59 -4.52 -4.87
N ASP A 95 4.09 -3.31 -4.72
CA ASP A 95 5.17 -2.84 -5.58
C ASP A 95 6.31 -2.30 -4.70
N ILE A 96 7.45 -2.06 -5.35
CA ILE A 96 8.61 -1.54 -4.65
C ILE A 96 8.57 -0.01 -4.66
N ILE A 97 8.79 0.56 -3.48
CA ILE A 97 8.79 2.01 -3.34
C ILE A 97 9.85 2.42 -2.33
N ASP A 98 9.53 3.44 -1.55
CA ASP A 98 10.45 3.94 -0.54
C ASP A 98 11.52 4.80 -1.22
N ILE A 99 11.58 6.05 -0.80
CA ILE A 99 12.54 6.98 -1.36
C ILE A 99 13.40 7.55 -0.23
N PRO A 100 14.56 8.12 -0.62
CA PRO A 100 15.48 8.71 0.35
C PRO A 100 14.95 10.05 0.85
N LYS A 101 13.75 10.02 1.39
CA LYS A 101 13.13 11.23 1.91
C LYS A 101 13.35 11.29 3.42
N LYS A 102 12.69 10.39 4.13
CA LYS A 102 12.80 10.34 5.58
C LYS A 102 13.86 9.29 5.96
N GLY A 103 13.66 8.09 5.45
CA GLY A 103 14.58 7.00 5.74
C GLY A 103 16.03 7.44 5.54
N VAL A 104 16.34 7.87 4.33
CA VAL A 104 17.67 8.33 4.00
C VAL A 104 18.64 7.15 4.10
N SER A 105 18.98 6.80 5.33
CA SER A 105 19.89 5.69 5.57
C SER A 105 19.31 4.75 6.62
N GLY A 106 19.72 3.49 6.54
CA GLY A 106 19.25 2.49 7.48
C GLY A 106 20.29 2.23 8.56
N PRO A 107 19.86 2.43 9.84
CA PRO A 107 20.74 2.22 10.97
C PRO A 107 20.92 0.73 11.25
N SER A 108 21.76 0.44 12.24
CA SER A 108 22.03 -0.93 12.61
C SER A 108 22.59 -0.99 14.04
N SER A 109 22.25 -2.08 14.73
CA SER A 109 22.71 -2.26 16.09
C SER A 109 22.27 -3.64 16.60
N GLY A 110 22.76 -3.98 17.79
CA GLY A 110 22.42 -5.25 18.40
C GLY A 110 22.98 -5.34 19.82
N PRO A 1 -15.25 36.44 -33.13
CA PRO A 1 -15.62 36.20 -34.52
C PRO A 1 -15.82 34.70 -34.77
N SER A 2 -14.76 33.94 -34.50
CA SER A 2 -14.82 32.51 -34.70
C SER A 2 -13.52 31.86 -34.18
N SER A 3 -13.60 30.57 -33.93
CA SER A 3 -12.45 29.83 -33.44
C SER A 3 -12.76 28.33 -33.41
N GLY A 4 -11.71 27.54 -33.55
CA GLY A 4 -11.86 26.09 -33.55
C GLY A 4 -10.84 25.44 -32.61
N SER A 5 -10.93 24.12 -32.51
CA SER A 5 -10.03 23.38 -31.65
C SER A 5 -10.42 21.89 -31.65
N SER A 6 -9.83 21.16 -32.58
CA SER A 6 -10.11 19.73 -32.70
C SER A 6 -9.18 19.11 -33.75
N GLY A 7 -8.74 17.90 -33.44
CA GLY A 7 -7.86 17.17 -34.34
C GLY A 7 -6.99 16.18 -33.56
N PHE A 8 -7.47 14.95 -33.50
CA PHE A 8 -6.75 13.90 -32.79
C PHE A 8 -6.43 14.31 -31.36
N LEU A 9 -7.16 13.71 -30.43
CA LEU A 9 -6.97 14.02 -29.01
C LEU A 9 -7.54 12.88 -28.18
N ASP A 10 -6.78 11.79 -28.10
CA ASP A 10 -7.20 10.64 -27.33
C ASP A 10 -6.50 10.65 -25.97
N LYS A 11 -5.17 10.59 -26.03
CA LYS A 11 -4.37 10.58 -24.82
C LYS A 11 -2.88 10.64 -25.20
N PRO A 12 -2.51 11.78 -25.84
CA PRO A 12 -1.13 11.99 -26.25
C PRO A 12 -0.23 12.31 -25.06
N THR A 13 -0.09 11.32 -24.19
CA THR A 13 0.74 11.49 -22.99
C THR A 13 1.61 10.26 -22.77
N LEU A 14 2.37 10.30 -21.69
CA LEU A 14 3.25 9.19 -21.34
C LEU A 14 3.31 9.05 -19.83
N LEU A 15 4.31 8.29 -19.38
CA LEU A 15 4.49 8.07 -17.95
C LEU A 15 4.86 9.39 -17.28
N SER A 16 4.98 9.33 -15.95
CA SER A 16 5.33 10.51 -15.18
C SER A 16 6.85 10.59 -15.00
N PRO A 17 7.32 11.80 -14.60
CA PRO A 17 8.74 12.02 -14.40
C PRO A 17 9.21 11.37 -13.10
N GLU A 18 8.24 10.99 -12.28
CA GLU A 18 8.54 10.36 -11.00
C GLU A 18 8.76 8.86 -11.19
N GLU A 19 7.84 8.25 -11.94
CA GLU A 19 7.91 6.83 -12.19
C GLU A 19 9.33 6.43 -12.61
N LEU A 20 10.05 7.42 -13.15
CA LEU A 20 11.41 7.19 -13.60
C LEU A 20 12.30 6.94 -12.39
N LYS A 21 12.51 8.00 -11.61
CA LYS A 21 13.34 7.92 -10.42
C LYS A 21 12.71 6.92 -9.45
N ALA A 22 11.39 6.84 -9.50
CA ALA A 22 10.66 5.93 -8.63
C ALA A 22 11.22 4.52 -8.79
N ALA A 23 11.52 4.17 -10.03
CA ALA A 23 12.07 2.85 -10.32
C ALA A 23 13.23 2.56 -9.37
N SER A 24 14.15 3.50 -9.31
CA SER A 24 15.31 3.37 -8.45
C SER A 24 14.87 3.24 -6.98
N ARG A 25 14.16 4.26 -6.52
CA ARG A 25 13.66 4.28 -5.16
C ARG A 25 13.15 2.89 -4.77
N GLY A 26 12.67 2.17 -5.76
CA GLY A 26 12.14 0.83 -5.53
C GLY A 26 13.12 -0.01 -4.70
N ASN A 27 14.36 -0.02 -5.17
CA ASN A 27 15.40 -0.77 -4.48
C ASN A 27 15.29 -0.55 -2.98
N GLY A 28 14.73 0.60 -2.62
CA GLY A 28 14.56 0.95 -1.22
C GLY A 28 13.76 -0.13 -0.48
N GLU A 29 12.44 -0.01 -0.59
CA GLU A 29 11.56 -0.96 0.06
C GLU A 29 10.35 -1.27 -0.83
N TYR A 30 9.27 -1.69 -0.19
CA TYR A 30 8.06 -2.02 -0.92
C TYR A 30 6.86 -1.22 -0.39
N ALA A 31 5.73 -1.40 -1.06
CA ALA A 31 4.52 -0.70 -0.66
C ALA A 31 3.31 -1.38 -1.32
N TRP A 32 2.21 -1.40 -0.58
CA TRP A 32 0.99 -2.01 -1.08
C TRP A 32 0.19 -0.93 -1.82
N TYR A 33 -0.62 -1.39 -2.76
CA TYR A 33 -1.44 -0.48 -3.55
C TYR A 33 -2.83 -1.06 -3.78
N TYR A 34 -3.82 -0.19 -3.68
CA TYR A 34 -5.21 -0.61 -3.87
C TYR A 34 -5.83 0.12 -5.07
N GLU A 35 -6.77 -0.56 -5.70
CA GLU A 35 -7.46 0.01 -6.86
C GLU A 35 -8.06 1.37 -6.51
N GLY A 36 -7.51 2.40 -7.14
CA GLY A 36 -7.99 3.76 -6.89
C GLY A 36 -8.65 4.33 -8.14
N ARG A 37 -9.00 5.61 -8.05
CA ARG A 37 -9.65 6.28 -9.17
C ARG A 37 -8.80 6.14 -10.44
N ASN A 38 -7.61 6.71 -10.38
CA ASN A 38 -6.69 6.65 -11.51
C ASN A 38 -6.43 5.18 -11.89
N GLY A 39 -5.95 4.44 -10.89
CA GLY A 39 -5.66 3.03 -11.10
C GLY A 39 -5.34 2.34 -9.78
N TRP A 40 -4.17 2.68 -9.24
CA TRP A 40 -3.73 2.11 -7.98
C TRP A 40 -3.20 3.24 -7.10
N TRP A 41 -3.61 3.21 -5.84
CA TRP A 41 -3.18 4.23 -4.89
C TRP A 41 -2.58 3.51 -3.68
N GLN A 42 -1.78 4.26 -2.92
CA GLN A 42 -1.15 3.72 -1.74
C GLN A 42 -1.99 4.01 -0.50
N TYR A 43 -1.83 3.15 0.51
CA TYR A 43 -2.57 3.31 1.76
C TYR A 43 -2.01 4.47 2.58
N ASP A 44 -0.96 4.17 3.32
CA ASP A 44 -0.33 5.18 4.16
C ASP A 44 0.94 4.61 4.77
N GLU A 45 0.77 3.60 5.61
CA GLU A 45 1.89 2.97 6.27
C GLU A 45 1.42 2.17 7.49
N ARG A 46 0.31 2.63 8.06
CA ARG A 46 -0.25 1.98 9.23
C ARG A 46 -0.91 0.66 8.83
N THR A 47 -1.68 0.72 7.75
CA THR A 47 -2.37 -0.46 7.26
C THR A 47 -1.38 -1.45 6.65
N SER A 48 -0.75 -1.01 5.57
CA SER A 48 0.23 -1.85 4.89
C SER A 48 1.04 -2.64 5.91
N ARG A 49 1.46 -1.95 6.96
CA ARG A 49 2.25 -2.57 8.01
C ARG A 49 1.71 -3.98 8.30
N GLU A 50 0.42 -4.14 8.09
CA GLU A 50 -0.22 -5.42 8.32
C GLU A 50 -0.28 -6.23 7.03
N LEU A 51 -0.54 -5.53 5.93
CA LEU A 51 -0.63 -6.17 4.64
C LEU A 51 0.59 -7.09 4.44
N GLU A 52 1.75 -6.53 4.71
CA GLU A 52 2.99 -7.27 4.58
C GLU A 52 3.12 -8.29 5.70
N ASP A 53 3.09 -7.78 6.92
CA ASP A 53 3.21 -8.62 8.09
C ASP A 53 2.42 -9.91 7.87
N ALA A 54 1.16 -9.75 7.49
CA ALA A 54 0.29 -10.88 7.23
C ALA A 54 0.78 -11.62 5.98
N PHE A 55 0.74 -10.92 4.86
CA PHE A 55 1.18 -11.49 3.60
C PHE A 55 2.44 -12.34 3.80
N SER A 56 3.32 -11.84 4.64
CA SER A 56 4.57 -12.54 4.92
C SER A 56 4.32 -13.67 5.91
N LYS A 57 3.85 -13.29 7.10
CA LYS A 57 3.58 -14.28 8.14
C LYS A 57 2.87 -15.48 7.52
N GLY A 58 2.15 -15.22 6.43
CA GLY A 58 1.43 -16.27 5.74
C GLY A 58 -0.07 -16.01 5.77
N LYS A 59 -0.45 -14.99 6.54
CA LYS A 59 -1.86 -14.63 6.67
C LYS A 59 -2.46 -14.46 5.28
N LYS A 60 -3.51 -15.22 5.03
CA LYS A 60 -4.18 -15.17 3.74
C LYS A 60 -4.85 -13.80 3.57
N ASN A 61 -5.21 -13.22 4.71
CA ASN A 61 -5.86 -11.91 4.71
C ASN A 61 -5.69 -11.25 6.08
N THR A 62 -5.47 -9.95 6.05
CA THR A 62 -5.29 -9.20 7.29
C THR A 62 -6.47 -8.24 7.50
N GLU A 63 -6.95 -8.21 8.73
CA GLU A 63 -8.06 -7.34 9.08
C GLU A 63 -7.55 -5.98 9.55
N MET A 64 -8.00 -4.95 8.86
CA MET A 64 -7.60 -3.58 9.18
C MET A 64 -8.81 -2.74 9.61
N LEU A 65 -8.54 -1.77 10.47
CA LEU A 65 -9.59 -0.89 10.95
C LEU A 65 -9.34 0.53 10.44
N ILE A 66 -10.12 0.92 9.44
CA ILE A 66 -9.99 2.24 8.86
C ILE A 66 -10.85 3.23 9.65
N ALA A 67 -10.69 4.50 9.32
CA ALA A 67 -11.45 5.55 9.98
C ALA A 67 -12.89 5.08 10.20
N GLY A 68 -13.12 4.50 11.37
CA GLY A 68 -14.44 4.01 11.71
C GLY A 68 -15.01 3.14 10.58
N PHE A 69 -14.19 2.20 10.13
CA PHE A 69 -14.60 1.30 9.07
C PHE A 69 -13.79 0.01 9.11
N LEU A 70 -14.48 -1.07 9.46
CA LEU A 70 -13.84 -2.38 9.54
C LEU A 70 -13.56 -2.89 8.13
N TYR A 71 -12.28 -2.99 7.81
CA TYR A 71 -11.87 -3.47 6.49
C TYR A 71 -11.01 -4.73 6.62
N VAL A 72 -11.00 -5.50 5.53
CA VAL A 72 -10.22 -6.73 5.51
C VAL A 72 -9.47 -6.83 4.18
N ALA A 73 -8.15 -6.82 4.28
CA ALA A 73 -7.30 -6.90 3.10
C ALA A 73 -6.89 -8.36 2.87
N ASP A 74 -7.45 -8.93 1.82
CA ASP A 74 -7.15 -10.32 1.49
C ASP A 74 -5.98 -10.35 0.51
N LEU A 75 -4.96 -11.13 0.88
CA LEU A 75 -3.78 -11.27 0.04
C LEU A 75 -3.93 -12.49 -0.86
N GLU A 76 -4.62 -13.50 -0.33
CA GLU A 76 -4.84 -14.72 -1.07
C GLU A 76 -5.39 -14.41 -2.46
N ASN A 77 -6.36 -13.50 -2.48
CA ASN A 77 -6.98 -13.10 -3.73
C ASN A 77 -6.40 -11.76 -4.19
N MET A 78 -5.64 -11.15 -3.29
CA MET A 78 -5.02 -9.87 -3.59
C MET A 78 -6.07 -8.77 -3.75
N VAL A 79 -7.01 -8.75 -2.81
CA VAL A 79 -8.08 -7.77 -2.83
C VAL A 79 -8.54 -7.49 -1.41
N GLN A 80 -8.95 -6.24 -1.19
CA GLN A 80 -9.42 -5.84 0.13
C GLN A 80 -10.92 -5.53 0.09
N TYR A 81 -11.63 -6.09 1.05
CA TYR A 81 -13.07 -5.88 1.13
C TYR A 81 -13.48 -5.46 2.54
N ARG A 82 -14.63 -4.80 2.61
CA ARG A 82 -15.15 -4.34 3.89
C ARG A 82 -15.55 -5.53 4.76
N ARG A 83 -15.65 -5.26 6.06
CA ARG A 83 -16.03 -6.30 7.00
C ARG A 83 -17.53 -6.59 6.91
N ASN A 84 -18.31 -5.66 7.45
CA ASN A 84 -19.76 -5.80 7.43
C ASN A 84 -20.24 -5.84 5.98
N GLU A 85 -19.64 -4.97 5.17
CA GLU A 85 -20.00 -4.90 3.76
C GLU A 85 -18.97 -5.62 2.90
N HIS A 86 -18.94 -6.94 3.04
CA HIS A 86 -18.01 -7.76 2.29
C HIS A 86 -18.10 -7.41 0.80
N GLY A 87 -19.28 -6.94 0.41
CA GLY A 87 -19.50 -6.56 -0.97
C GLY A 87 -18.41 -5.61 -1.47
N ARG A 88 -18.27 -4.50 -0.77
CA ARG A 88 -17.28 -3.51 -1.12
C ARG A 88 -15.87 -4.11 -1.06
N ARG A 89 -15.27 -4.25 -2.23
CA ARG A 89 -13.93 -4.81 -2.32
C ARG A 89 -13.18 -4.18 -3.49
N ARG A 90 -11.86 -4.19 -3.36
CA ARG A 90 -11.00 -3.63 -4.41
C ARG A 90 -9.74 -4.47 -4.56
N LYS A 91 -9.22 -4.46 -5.78
CA LYS A 91 -8.01 -5.21 -6.08
C LYS A 91 -6.80 -4.47 -5.51
N ILE A 92 -5.84 -5.25 -5.01
CA ILE A 92 -4.64 -4.68 -4.44
C ILE A 92 -3.42 -5.35 -5.07
N LYS A 93 -2.27 -4.71 -4.91
CA LYS A 93 -1.04 -5.23 -5.45
C LYS A 93 0.14 -4.73 -4.60
N ARG A 94 1.29 -5.37 -4.80
CA ARG A 94 2.48 -5.00 -4.06
C ARG A 94 3.52 -4.38 -5.01
N ASP A 95 3.74 -3.09 -4.82
CA ASP A 95 4.69 -2.37 -5.64
C ASP A 95 5.96 -2.10 -4.83
N ILE A 96 7.00 -1.71 -5.54
CA ILE A 96 8.28 -1.41 -4.90
C ILE A 96 8.41 0.10 -4.68
N ILE A 97 8.81 0.46 -3.47
CA ILE A 97 8.97 1.86 -3.13
C ILE A 97 10.17 2.01 -2.19
N ASP A 98 9.93 2.69 -1.08
CA ASP A 98 10.98 2.91 -0.09
C ASP A 98 10.42 3.76 1.05
N ILE A 99 9.81 3.07 2.00
CA ILE A 99 9.24 3.75 3.16
C ILE A 99 10.36 4.16 4.12
N PRO A 100 10.20 5.38 4.71
CA PRO A 100 11.19 5.88 5.65
C PRO A 100 11.08 5.18 6.99
N LYS A 101 11.56 3.94 7.02
CA LYS A 101 11.51 3.14 8.24
C LYS A 101 12.69 3.54 9.14
N LYS A 102 13.66 4.20 8.52
CA LYS A 102 14.84 4.63 9.25
C LYS A 102 14.48 5.84 10.12
N GLY A 103 13.97 6.86 9.47
CA GLY A 103 13.57 8.08 10.17
C GLY A 103 12.79 7.75 11.43
N VAL A 104 11.68 7.06 11.25
CA VAL A 104 10.83 6.68 12.36
C VAL A 104 11.55 5.63 13.21
N SER A 105 11.29 5.68 14.51
CA SER A 105 11.90 4.74 15.43
C SER A 105 11.07 4.65 16.71
N GLY A 106 11.11 3.47 17.31
CA GLY A 106 10.36 3.24 18.55
C GLY A 106 11.30 3.18 19.75
N PRO A 107 11.18 4.22 20.62
CA PRO A 107 12.01 4.30 21.81
C PRO A 107 11.53 3.30 22.88
N SER A 108 12.49 2.60 23.45
CA SER A 108 12.19 1.62 24.48
C SER A 108 11.90 2.32 25.81
N SER A 109 11.35 1.56 26.74
CA SER A 109 11.02 2.10 28.05
C SER A 109 12.30 2.28 28.88
N GLY A 110 12.26 3.26 29.76
CA GLY A 110 13.40 3.54 30.62
C GLY A 110 13.72 2.35 31.52
N PRO A 1 25.52 9.54 -47.02
CA PRO A 1 24.20 8.95 -46.79
C PRO A 1 23.26 9.96 -46.14
N SER A 2 22.04 9.50 -45.89
CA SER A 2 21.03 10.35 -45.28
C SER A 2 19.75 9.56 -45.04
N SER A 3 19.04 9.94 -43.98
CA SER A 3 17.80 9.28 -43.64
C SER A 3 17.00 10.14 -42.65
N GLY A 4 15.76 9.73 -42.42
CA GLY A 4 14.89 10.45 -41.51
C GLY A 4 13.68 9.60 -41.12
N SER A 5 12.73 10.24 -40.45
CA SER A 5 11.53 9.56 -40.01
C SER A 5 10.40 10.56 -39.82
N SER A 6 9.18 10.05 -39.90
CA SER A 6 8.00 10.90 -39.73
C SER A 6 7.52 10.82 -38.29
N GLY A 7 7.69 11.94 -37.58
CA GLY A 7 7.27 12.02 -36.19
C GLY A 7 8.35 11.48 -35.26
N PHE A 8 9.18 12.41 -34.77
CA PHE A 8 10.26 12.04 -33.86
C PHE A 8 10.70 13.24 -33.02
N LEU A 9 10.66 13.05 -31.72
CA LEU A 9 11.05 14.11 -30.80
C LEU A 9 10.00 15.22 -30.82
N ASP A 10 9.44 15.48 -29.65
CA ASP A 10 8.42 16.52 -29.52
C ASP A 10 8.21 16.84 -28.05
N LYS A 11 7.85 15.80 -27.29
CA LYS A 11 7.62 15.97 -25.86
C LYS A 11 7.98 14.67 -25.14
N PRO A 12 9.30 14.37 -25.14
CA PRO A 12 9.79 13.15 -24.48
C PRO A 12 9.79 13.31 -22.97
N THR A 13 9.91 12.19 -22.28
CA THR A 13 9.92 12.19 -20.83
C THR A 13 10.95 13.19 -20.31
N LEU A 14 10.59 13.82 -19.21
CA LEU A 14 11.47 14.81 -18.59
C LEU A 14 11.85 14.34 -17.18
N LEU A 15 11.62 13.06 -16.94
CA LEU A 15 11.94 12.48 -15.65
C LEU A 15 13.28 13.01 -15.17
N SER A 16 13.50 12.89 -13.86
CA SER A 16 14.74 13.35 -13.27
C SER A 16 15.76 12.22 -13.23
N PRO A 17 17.00 12.57 -12.79
CA PRO A 17 18.07 11.59 -12.71
C PRO A 17 17.87 10.66 -11.52
N GLU A 18 17.07 11.12 -10.57
CA GLU A 18 16.79 10.34 -9.38
C GLU A 18 15.84 9.18 -9.71
N GLU A 19 14.91 9.46 -10.62
CA GLU A 19 13.94 8.46 -11.03
C GLU A 19 14.66 7.19 -11.50
N LEU A 20 15.87 7.40 -12.01
CA LEU A 20 16.67 6.29 -12.51
C LEU A 20 17.16 5.45 -11.32
N LYS A 21 17.80 6.13 -10.38
CA LYS A 21 18.32 5.46 -9.20
C LYS A 21 17.16 4.89 -8.39
N ALA A 22 16.09 5.68 -8.31
CA ALA A 22 14.92 5.28 -7.56
C ALA A 22 14.57 3.82 -7.91
N ALA A 23 14.76 3.50 -9.19
CA ALA A 23 14.48 2.16 -9.67
C ALA A 23 15.18 1.14 -8.75
N SER A 24 16.48 1.30 -8.65
CA SER A 24 17.28 0.40 -7.82
C SER A 24 16.89 0.57 -6.35
N ARG A 25 17.14 1.77 -5.84
CA ARG A 25 16.82 2.07 -4.46
C ARG A 25 15.48 1.46 -4.07
N GLY A 26 14.57 1.43 -5.04
CA GLY A 26 13.25 0.88 -4.82
C GLY A 26 13.33 -0.48 -4.13
N ASN A 27 14.35 -1.25 -4.51
CA ASN A 27 14.55 -2.56 -3.94
C ASN A 27 14.49 -2.47 -2.42
N GLY A 28 14.75 -1.27 -1.93
CA GLY A 28 14.73 -1.03 -0.49
C GLY A 28 13.59 -1.81 0.18
N GLU A 29 12.37 -1.43 -0.16
CA GLU A 29 11.20 -2.08 0.39
C GLU A 29 10.09 -2.16 -0.66
N TYR A 30 8.90 -2.48 -0.19
CA TYR A 30 7.75 -2.59 -1.07
C TYR A 30 6.48 -2.08 -0.39
N ALA A 31 5.76 -1.23 -1.09
CA ALA A 31 4.52 -0.67 -0.56
C ALA A 31 3.33 -1.37 -1.22
N TRP A 32 2.21 -1.31 -0.51
CA TRP A 32 0.99 -1.94 -1.00
C TRP A 32 0.11 -0.84 -1.64
N TYR A 33 -0.73 -1.27 -2.56
CA TYR A 33 -1.62 -0.35 -3.24
C TYR A 33 -2.99 -0.99 -3.50
N TYR A 34 -4.02 -0.16 -3.44
CA TYR A 34 -5.37 -0.63 -3.67
C TYR A 34 -6.05 0.15 -4.80
N GLU A 35 -6.93 -0.53 -5.51
CA GLU A 35 -7.64 0.09 -6.61
C GLU A 35 -8.00 1.54 -6.27
N GLY A 36 -7.39 2.45 -7.02
CA GLY A 36 -7.63 3.86 -6.80
C GLY A 36 -8.30 4.50 -8.03
N ARG A 37 -8.94 5.63 -7.79
CA ARG A 37 -9.63 6.34 -8.85
C ARG A 37 -8.75 6.39 -10.10
N ASN A 38 -7.52 6.83 -9.91
CA ASN A 38 -6.58 6.93 -11.01
C ASN A 38 -6.21 5.52 -11.49
N GLY A 39 -6.04 4.63 -10.52
CA GLY A 39 -5.69 3.25 -10.83
C GLY A 39 -5.30 2.49 -9.56
N TRP A 40 -4.21 2.93 -8.96
CA TRP A 40 -3.71 2.31 -7.75
C TRP A 40 -3.36 3.42 -6.74
N TRP A 41 -3.89 3.27 -5.54
CA TRP A 41 -3.65 4.25 -4.49
C TRP A 41 -2.87 3.55 -3.37
N GLN A 42 -1.98 4.31 -2.76
CA GLN A 42 -1.16 3.78 -1.68
C GLN A 42 -1.84 4.03 -0.32
N TYR A 43 -1.70 3.06 0.56
CA TYR A 43 -2.30 3.16 1.88
C TYR A 43 -1.63 4.27 2.71
N ASP A 44 -2.24 4.57 3.84
CA ASP A 44 -1.72 5.60 4.72
C ASP A 44 -0.29 5.25 5.11
N GLU A 45 -0.17 4.19 5.90
CA GLU A 45 1.14 3.73 6.36
C GLU A 45 0.99 2.50 7.25
N ARG A 46 -0.02 2.56 8.11
CA ARG A 46 -0.28 1.46 9.03
C ARG A 46 -0.85 0.26 8.27
N THR A 47 -1.96 0.50 7.59
CA THR A 47 -2.61 -0.54 6.82
C THR A 47 -1.57 -1.46 6.17
N SER A 48 -0.63 -0.83 5.49
CA SER A 48 0.43 -1.56 4.82
C SER A 48 1.28 -2.31 5.84
N ARG A 49 1.73 -1.58 6.85
CA ARG A 49 2.56 -2.16 7.90
C ARG A 49 1.98 -3.50 8.33
N GLU A 50 0.67 -3.63 8.17
CA GLU A 50 -0.01 -4.87 8.54
C GLU A 50 -0.09 -5.81 7.35
N LEU A 51 -0.23 -5.23 6.17
CA LEU A 51 -0.32 -6.01 4.95
C LEU A 51 1.01 -6.73 4.72
N GLU A 52 2.08 -5.95 4.77
CA GLU A 52 3.42 -6.49 4.56
C GLU A 52 3.68 -7.62 5.56
N ASP A 53 3.24 -7.40 6.79
CA ASP A 53 3.42 -8.39 7.83
C ASP A 53 2.64 -9.66 7.49
N ALA A 54 1.33 -9.48 7.34
CA ALA A 54 0.46 -10.60 7.01
C ALA A 54 1.11 -11.43 5.89
N PHE A 55 1.26 -10.79 4.74
CA PHE A 55 1.86 -11.46 3.59
C PHE A 55 3.11 -12.23 4.00
N SER A 56 4.01 -11.53 4.68
CA SER A 56 5.25 -12.13 5.13
C SER A 56 4.94 -13.30 6.09
N LYS A 57 4.39 -12.94 7.24
CA LYS A 57 4.05 -13.93 8.24
C LYS A 57 3.47 -15.17 7.55
N GLY A 58 2.60 -14.92 6.58
CA GLY A 58 1.97 -15.99 5.84
C GLY A 58 0.45 -15.84 5.82
N LYS A 59 -0.02 -14.88 6.60
CA LYS A 59 -1.44 -14.61 6.69
C LYS A 59 -2.01 -14.43 5.28
N LYS A 60 -3.20 -14.98 5.08
CA LYS A 60 -3.86 -14.89 3.79
C LYS A 60 -4.74 -13.64 3.76
N ASN A 61 -5.57 -13.51 4.78
CA ASN A 61 -6.47 -12.37 4.88
C ASN A 61 -6.15 -11.59 6.16
N THR A 62 -5.83 -10.32 5.97
CA THR A 62 -5.51 -9.46 7.09
C THR A 62 -6.67 -8.50 7.39
N GLU A 63 -7.07 -8.48 8.65
CA GLU A 63 -8.16 -7.62 9.07
C GLU A 63 -7.62 -6.23 9.45
N MET A 64 -8.12 -5.23 8.75
CA MET A 64 -7.70 -3.86 9.00
C MET A 64 -8.90 -2.98 9.40
N LEU A 65 -8.59 -1.87 10.05
CA LEU A 65 -9.61 -0.95 10.49
C LEU A 65 -9.30 0.45 9.96
N ILE A 66 -10.04 0.84 8.93
CA ILE A 66 -9.86 2.15 8.32
C ILE A 66 -10.62 3.19 9.13
N ALA A 67 -10.38 4.45 8.79
CA ALA A 67 -11.04 5.55 9.47
C ALA A 67 -12.53 5.23 9.63
N GLY A 68 -12.84 4.60 10.76
CA GLY A 68 -14.22 4.23 11.04
C GLY A 68 -14.79 3.33 9.95
N PHE A 69 -13.99 2.34 9.57
CA PHE A 69 -14.40 1.40 8.53
C PHE A 69 -13.60 0.10 8.62
N LEU A 70 -14.21 -0.89 9.27
CA LEU A 70 -13.57 -2.18 9.42
C LEU A 70 -13.43 -2.85 8.05
N TYR A 71 -12.20 -2.94 7.59
CA TYR A 71 -11.92 -3.56 6.31
C TYR A 71 -11.12 -4.84 6.48
N VAL A 72 -11.11 -5.65 5.43
CA VAL A 72 -10.39 -6.91 5.44
C VAL A 72 -9.69 -7.12 4.09
N ALA A 73 -8.38 -7.18 4.15
CA ALA A 73 -7.58 -7.38 2.96
C ALA A 73 -7.36 -8.88 2.73
N ASP A 74 -7.85 -9.35 1.59
CA ASP A 74 -7.71 -10.76 1.25
C ASP A 74 -6.59 -10.92 0.22
N LEU A 75 -5.45 -11.38 0.71
CA LEU A 75 -4.30 -11.59 -0.16
C LEU A 75 -4.54 -12.79 -1.06
N GLU A 76 -5.19 -13.79 -0.49
CA GLU A 76 -5.50 -15.00 -1.24
C GLU A 76 -6.02 -14.65 -2.63
N ASN A 77 -6.92 -13.67 -2.66
CA ASN A 77 -7.51 -13.23 -3.91
C ASN A 77 -6.85 -11.92 -4.34
N MET A 78 -6.09 -11.33 -3.41
CA MET A 78 -5.41 -10.08 -3.69
C MET A 78 -6.40 -8.93 -3.77
N VAL A 79 -7.46 -9.04 -2.99
CA VAL A 79 -8.49 -8.00 -2.97
C VAL A 79 -8.94 -7.78 -1.52
N GLN A 80 -9.22 -6.52 -1.21
CA GLN A 80 -9.65 -6.15 0.13
C GLN A 80 -11.12 -5.69 0.10
N TYR A 81 -11.88 -6.21 1.05
CA TYR A 81 -13.28 -5.86 1.14
C TYR A 81 -13.65 -5.47 2.57
N ARG A 82 -14.70 -4.65 2.66
CA ARG A 82 -15.17 -4.18 3.97
C ARG A 82 -15.79 -5.34 4.75
N ARG A 83 -15.52 -5.34 6.05
CA ARG A 83 -16.04 -6.38 6.92
C ARG A 83 -17.56 -6.46 6.79
N ASN A 84 -18.22 -5.49 7.38
CA ASN A 84 -19.68 -5.43 7.33
C ASN A 84 -20.14 -5.48 5.88
N GLU A 85 -19.64 -4.53 5.09
CA GLU A 85 -20.00 -4.46 3.69
C GLU A 85 -19.03 -5.29 2.86
N HIS A 86 -19.25 -6.60 2.85
CA HIS A 86 -18.41 -7.50 2.10
C HIS A 86 -18.36 -7.06 0.63
N GLY A 87 -19.47 -6.50 0.18
CA GLY A 87 -19.57 -6.03 -1.20
C GLY A 87 -18.42 -5.08 -1.53
N ARG A 88 -18.39 -3.96 -0.82
CA ARG A 88 -17.36 -2.97 -1.04
C ARG A 88 -15.97 -3.61 -0.92
N ARG A 89 -15.28 -3.65 -2.05
CA ARG A 89 -13.95 -4.24 -2.11
C ARG A 89 -13.15 -3.64 -3.25
N ARG A 90 -11.84 -3.91 -3.23
CA ARG A 90 -10.96 -3.40 -4.27
C ARG A 90 -9.74 -4.31 -4.41
N LYS A 91 -9.10 -4.22 -5.57
CA LYS A 91 -7.93 -5.03 -5.84
C LYS A 91 -6.72 -4.40 -5.16
N ILE A 92 -5.80 -5.26 -4.72
CA ILE A 92 -4.60 -4.80 -4.06
C ILE A 92 -3.37 -5.33 -4.81
N LYS A 93 -2.29 -4.58 -4.70
CA LYS A 93 -1.05 -4.95 -5.36
C LYS A 93 0.14 -4.47 -4.53
N ARG A 94 1.31 -5.00 -4.85
CA ARG A 94 2.52 -4.63 -4.15
C ARG A 94 3.52 -3.98 -5.12
N ASP A 95 3.81 -2.72 -4.85
CA ASP A 95 4.74 -1.98 -5.69
C ASP A 95 6.01 -1.68 -4.88
N ILE A 96 7.14 -2.08 -5.46
CA ILE A 96 8.42 -1.87 -4.81
C ILE A 96 8.62 -0.38 -4.56
N ILE A 97 9.04 -0.07 -3.34
CA ILE A 97 9.28 1.31 -2.96
C ILE A 97 10.62 1.42 -2.23
N ASP A 98 11.14 2.64 -2.18
CA ASP A 98 12.40 2.89 -1.50
C ASP A 98 12.21 2.79 0.01
N ILE A 99 12.79 3.76 0.70
CA ILE A 99 12.68 3.80 2.15
C ILE A 99 12.39 5.23 2.60
N PRO A 100 11.77 5.34 3.81
CA PRO A 100 11.44 6.64 4.36
C PRO A 100 12.70 7.35 4.90
N LYS A 101 12.51 8.60 5.30
CA LYS A 101 13.60 9.39 5.82
C LYS A 101 14.29 8.61 6.94
N LYS A 102 13.50 8.22 7.94
CA LYS A 102 14.04 7.48 9.06
C LYS A 102 14.81 6.26 8.54
N GLY A 103 14.46 5.85 7.34
CA GLY A 103 15.11 4.71 6.72
C GLY A 103 16.62 4.93 6.60
N VAL A 104 16.98 5.94 5.80
CA VAL A 104 18.38 6.27 5.59
C VAL A 104 18.94 6.90 6.87
N SER A 105 19.95 6.23 7.42
CA SER A 105 20.57 6.72 8.64
C SER A 105 21.72 5.77 9.04
N GLY A 106 22.81 5.87 8.28
CA GLY A 106 23.96 5.03 8.55
C GLY A 106 25.17 5.88 8.97
N PRO A 107 26.19 5.20 9.55
CA PRO A 107 27.38 5.88 10.01
C PRO A 107 28.28 6.26 8.82
N SER A 108 28.61 5.24 8.02
CA SER A 108 29.45 5.45 6.87
C SER A 108 29.57 4.15 6.06
N SER A 109 30.17 4.27 4.89
CA SER A 109 30.35 3.11 4.02
C SER A 109 31.80 3.05 3.53
N GLY A 110 32.25 1.83 3.30
CA GLY A 110 33.61 1.62 2.82
C GLY A 110 33.77 0.21 2.23
N PRO A 1 46.63 -20.63 -30.30
CA PRO A 1 45.42 -20.93 -29.56
C PRO A 1 44.49 -19.71 -29.48
N SER A 2 43.38 -19.90 -28.80
CA SER A 2 42.42 -18.82 -28.64
C SER A 2 41.38 -19.20 -27.58
N SER A 3 40.89 -18.18 -26.90
CA SER A 3 39.89 -18.39 -25.85
C SER A 3 39.31 -17.05 -25.41
N GLY A 4 37.98 -16.98 -25.41
CA GLY A 4 37.29 -15.77 -25.01
C GLY A 4 37.61 -15.42 -23.55
N SER A 5 36.56 -15.07 -22.83
CA SER A 5 36.71 -14.70 -21.43
C SER A 5 35.42 -15.03 -20.66
N SER A 6 34.34 -14.38 -21.06
CA SER A 6 33.05 -14.61 -20.44
C SER A 6 33.05 -14.00 -19.02
N GLY A 7 31.87 -13.97 -18.42
CA GLY A 7 31.73 -13.42 -17.09
C GLY A 7 30.72 -14.25 -16.27
N PHE A 8 30.44 -13.74 -15.07
CA PHE A 8 29.50 -14.41 -14.19
C PHE A 8 29.27 -13.60 -12.92
N LEU A 9 28.33 -14.07 -12.11
CA LEU A 9 28.01 -13.40 -10.86
C LEU A 9 27.15 -14.32 -9.99
N ASP A 10 27.31 -14.18 -8.69
CA ASP A 10 26.57 -15.00 -7.74
C ASP A 10 26.91 -14.55 -6.32
N LYS A 11 26.10 -15.02 -5.38
CA LYS A 11 26.31 -14.70 -3.99
C LYS A 11 27.61 -15.34 -3.50
N PRO A 12 28.45 -14.49 -2.83
CA PRO A 12 29.72 -14.98 -2.31
C PRO A 12 29.52 -15.83 -1.05
N THR A 13 28.86 -15.23 -0.07
CA THR A 13 28.60 -15.93 1.18
C THR A 13 27.22 -15.53 1.73
N LEU A 14 27.01 -15.88 2.98
CA LEU A 14 25.74 -15.58 3.64
C LEU A 14 25.38 -14.12 3.36
N LEU A 15 24.43 -13.93 2.44
CA LEU A 15 23.99 -12.60 2.09
C LEU A 15 25.19 -11.76 1.67
N SER A 16 24.91 -10.50 1.36
CA SER A 16 25.96 -9.58 0.94
C SER A 16 26.05 -8.41 1.93
N PRO A 17 27.12 -7.58 1.75
CA PRO A 17 27.33 -6.43 2.61
C PRO A 17 26.36 -5.31 2.25
N GLU A 18 25.79 -5.41 1.06
CA GLU A 18 24.85 -4.40 0.59
C GLU A 18 23.46 -4.67 1.18
N GLU A 19 23.24 -5.92 1.54
CA GLU A 19 21.95 -6.32 2.11
C GLU A 19 21.81 -5.76 3.52
N LEU A 20 22.93 -5.71 4.22
CA LEU A 20 22.95 -5.20 5.59
C LEU A 20 22.56 -3.72 5.57
N LYS A 21 22.85 -3.08 4.45
CA LYS A 21 22.55 -1.66 4.30
C LYS A 21 21.04 -1.49 4.13
N ALA A 22 20.36 -2.61 3.95
CA ALA A 22 18.91 -2.60 3.77
C ALA A 22 18.29 -1.60 4.76
N ALA A 23 18.97 -1.44 5.89
CA ALA A 23 18.50 -0.53 6.91
C ALA A 23 18.12 0.81 6.27
N SER A 24 18.73 1.07 5.12
CA SER A 24 18.47 2.30 4.40
C SER A 24 17.25 2.12 3.49
N ARG A 25 17.43 1.31 2.47
CA ARG A 25 16.35 1.04 1.53
C ARG A 25 15.03 0.84 2.26
N GLY A 26 15.15 0.37 3.50
CA GLY A 26 13.97 0.13 4.32
C GLY A 26 12.90 1.21 4.07
N ASN A 27 13.38 2.40 3.77
CA ASN A 27 12.48 3.52 3.53
C ASN A 27 11.35 3.06 2.59
N GLY A 28 11.74 2.67 1.39
CA GLY A 28 10.78 2.21 0.40
C GLY A 28 10.77 0.69 0.33
N GLU A 29 11.45 0.16 -0.68
CA GLU A 29 11.52 -1.27 -0.88
C GLU A 29 10.23 -1.79 -1.52
N TYR A 30 9.22 -1.95 -0.67
CA TYR A 30 7.93 -2.44 -1.15
C TYR A 30 6.79 -1.57 -0.59
N ALA A 31 5.72 -1.51 -1.36
CA ALA A 31 4.56 -0.73 -0.96
C ALA A 31 3.29 -1.42 -1.47
N TRP A 32 2.22 -1.26 -0.69
CA TRP A 32 0.95 -1.86 -1.05
C TRP A 32 0.08 -0.77 -1.69
N TYR A 33 -0.47 -1.11 -2.84
CA TYR A 33 -1.32 -0.18 -3.56
C TYR A 33 -2.71 -0.78 -3.81
N TYR A 34 -3.72 0.08 -3.70
CA TYR A 34 -5.09 -0.36 -3.90
C TYR A 34 -5.68 0.29 -5.16
N GLU A 35 -6.36 -0.54 -5.94
CA GLU A 35 -6.99 -0.06 -7.17
C GLU A 35 -7.81 1.19 -6.89
N GLY A 36 -7.61 2.19 -7.74
CA GLY A 36 -8.33 3.44 -7.60
C GLY A 36 -8.85 3.93 -8.95
N ARG A 37 -9.33 5.16 -8.95
CA ARG A 37 -9.86 5.76 -10.17
C ARG A 37 -8.79 5.77 -11.26
N ASN A 38 -7.69 6.45 -10.97
CA ASN A 38 -6.59 6.53 -11.91
C ASN A 38 -6.11 5.13 -12.26
N GLY A 39 -5.94 4.31 -11.23
CA GLY A 39 -5.49 2.94 -11.42
C GLY A 39 -5.15 2.29 -10.08
N TRP A 40 -4.07 2.79 -9.47
CA TRP A 40 -3.63 2.26 -8.20
C TRP A 40 -3.25 3.45 -7.31
N TRP A 41 -3.63 3.34 -6.04
CA TRP A 41 -3.34 4.39 -5.08
C TRP A 41 -2.58 3.76 -3.91
N GLN A 42 -1.85 4.61 -3.20
CA GLN A 42 -1.07 4.15 -2.06
C GLN A 42 -1.88 4.32 -0.77
N TYR A 43 -1.49 3.55 0.24
CA TYR A 43 -2.17 3.61 1.52
C TYR A 43 -1.52 4.66 2.44
N ASP A 44 -1.95 4.63 3.69
CA ASP A 44 -1.42 5.57 4.67
C ASP A 44 -0.03 5.12 5.11
N GLU A 45 0.00 4.05 5.89
CA GLU A 45 1.25 3.51 6.38
C GLU A 45 1.00 2.30 7.29
N ARG A 46 0.03 2.47 8.19
CA ARG A 46 -0.32 1.42 9.12
C ARG A 46 -0.97 0.25 8.36
N THR A 47 -2.09 0.55 7.74
CA THR A 47 -2.82 -0.47 6.99
C THR A 47 -1.85 -1.41 6.29
N SER A 48 -0.83 -0.81 5.68
CA SER A 48 0.18 -1.59 4.98
C SER A 48 0.95 -2.46 5.96
N ARG A 49 1.43 -1.82 7.03
CA ARG A 49 2.19 -2.53 8.05
C ARG A 49 1.50 -3.85 8.39
N GLU A 50 0.19 -3.88 8.19
CA GLU A 50 -0.58 -5.07 8.47
C GLU A 50 -0.60 -6.00 7.26
N LEU A 51 -0.64 -5.38 6.08
CA LEU A 51 -0.68 -6.13 4.84
C LEU A 51 0.58 -7.01 4.76
N GLU A 52 1.72 -6.37 4.92
CA GLU A 52 2.99 -7.07 4.86
C GLU A 52 3.07 -8.11 5.99
N ASP A 53 2.97 -7.62 7.21
CA ASP A 53 3.02 -8.49 8.38
C ASP A 53 2.24 -9.78 8.08
N ALA A 54 1.07 -9.60 7.51
CA ALA A 54 0.21 -10.73 7.18
C ALA A 54 0.85 -11.51 6.02
N PHE A 55 0.90 -10.85 4.88
CA PHE A 55 1.48 -11.47 3.69
C PHE A 55 2.76 -12.24 4.03
N SER A 56 3.59 -11.60 4.86
CA SER A 56 4.84 -12.22 5.26
C SER A 56 4.57 -13.46 6.11
N LYS A 57 3.86 -13.24 7.21
CA LYS A 57 3.52 -14.34 8.11
C LYS A 57 2.94 -15.50 7.30
N GLY A 58 2.10 -15.15 6.34
CA GLY A 58 1.47 -16.15 5.49
C GLY A 58 -0.05 -16.04 5.54
N LYS A 59 -0.52 -15.18 6.44
CA LYS A 59 -1.95 -14.97 6.60
C LYS A 59 -2.56 -14.64 5.23
N LYS A 60 -3.63 -15.37 4.91
CA LYS A 60 -4.31 -15.16 3.65
C LYS A 60 -5.07 -13.83 3.69
N ASN A 61 -5.90 -13.69 4.71
CA ASN A 61 -6.69 -12.48 4.88
C ASN A 61 -6.22 -11.76 6.15
N THR A 62 -6.26 -10.43 6.09
CA THR A 62 -5.85 -9.61 7.21
C THR A 62 -6.97 -8.63 7.58
N GLU A 63 -6.90 -8.13 8.81
CA GLU A 63 -7.88 -7.20 9.30
C GLU A 63 -7.28 -5.79 9.39
N MET A 64 -8.12 -4.80 9.11
CA MET A 64 -7.67 -3.42 9.16
C MET A 64 -8.83 -2.48 9.51
N LEU A 65 -8.59 -1.66 10.53
CA LEU A 65 -9.61 -0.72 10.98
C LEU A 65 -9.43 0.61 10.24
N ILE A 66 -10.34 0.85 9.30
CA ILE A 66 -10.29 2.08 8.52
C ILE A 66 -11.21 3.12 9.16
N ALA A 67 -11.18 4.31 8.59
CA ALA A 67 -12.00 5.40 9.09
C ALA A 67 -13.34 4.84 9.58
N GLY A 68 -13.37 4.54 10.87
CA GLY A 68 -14.58 3.99 11.48
C GLY A 68 -15.24 2.97 10.56
N PHE A 69 -14.44 2.01 10.11
CA PHE A 69 -14.93 0.97 9.23
C PHE A 69 -14.00 -0.25 9.24
N LEU A 70 -14.57 -1.39 9.63
CA LEU A 70 -13.80 -2.62 9.69
C LEU A 70 -13.58 -3.15 8.28
N TYR A 71 -12.31 -3.31 7.92
CA TYR A 71 -11.95 -3.81 6.61
C TYR A 71 -11.02 -5.01 6.71
N VAL A 72 -10.92 -5.74 5.60
CA VAL A 72 -10.07 -6.90 5.56
C VAL A 72 -9.34 -6.96 4.20
N ALA A 73 -8.11 -7.43 4.24
CA ALA A 73 -7.32 -7.54 3.03
C ALA A 73 -7.05 -9.01 2.73
N ASP A 74 -7.59 -9.45 1.60
CA ASP A 74 -7.43 -10.84 1.18
C ASP A 74 -6.29 -10.93 0.17
N LEU A 75 -5.15 -11.39 0.64
CA LEU A 75 -3.98 -11.53 -0.21
C LEU A 75 -4.20 -12.69 -1.17
N GLU A 76 -4.98 -13.66 -0.72
CA GLU A 76 -5.27 -14.82 -1.54
C GLU A 76 -5.68 -14.39 -2.95
N ASN A 77 -6.63 -13.47 -3.01
CA ASN A 77 -7.11 -12.97 -4.29
C ASN A 77 -6.48 -11.60 -4.55
N MET A 78 -5.71 -11.14 -3.59
CA MET A 78 -5.05 -9.85 -3.71
C MET A 78 -6.07 -8.71 -3.76
N VAL A 79 -7.13 -8.87 -2.97
CA VAL A 79 -8.18 -7.87 -2.91
C VAL A 79 -8.66 -7.73 -1.46
N GLN A 80 -9.03 -6.51 -1.11
CA GLN A 80 -9.51 -6.24 0.24
C GLN A 80 -10.98 -5.81 0.19
N TYR A 81 -11.70 -6.17 1.25
CA TYR A 81 -13.10 -5.83 1.35
C TYR A 81 -13.50 -5.53 2.79
N ARG A 82 -14.59 -4.79 2.93
CA ARG A 82 -15.09 -4.43 4.25
C ARG A 82 -15.51 -5.68 5.01
N ARG A 83 -15.12 -5.71 6.28
CA ARG A 83 -15.45 -6.84 7.13
C ARG A 83 -16.95 -7.16 7.05
N ASN A 84 -17.75 -6.12 7.25
CA ASN A 84 -19.20 -6.26 7.20
C ASN A 84 -19.67 -6.00 5.77
N GLU A 85 -19.30 -4.84 5.26
CA GLU A 85 -19.68 -4.45 3.91
C GLU A 85 -18.88 -5.25 2.88
N HIS A 86 -19.00 -6.56 2.99
CA HIS A 86 -18.30 -7.45 2.07
C HIS A 86 -18.39 -6.90 0.65
N GLY A 87 -19.46 -6.16 0.40
CA GLY A 87 -19.68 -5.57 -0.90
C GLY A 87 -18.52 -4.66 -1.30
N ARG A 88 -18.16 -3.78 -0.37
CA ARG A 88 -17.07 -2.85 -0.61
C ARG A 88 -15.74 -3.60 -0.64
N ARG A 89 -15.15 -3.64 -1.83
CA ARG A 89 -13.87 -4.31 -2.01
C ARG A 89 -13.04 -3.59 -3.07
N ARG A 90 -11.75 -3.91 -3.08
CA ARG A 90 -10.83 -3.31 -4.03
C ARG A 90 -9.60 -4.19 -4.23
N LYS A 91 -8.98 -4.04 -5.39
CA LYS A 91 -7.80 -4.82 -5.71
C LYS A 91 -6.58 -4.20 -5.02
N ILE A 92 -5.61 -5.05 -4.73
CA ILE A 92 -4.39 -4.60 -4.07
C ILE A 92 -3.18 -5.22 -4.77
N LYS A 93 -2.09 -4.47 -4.77
CA LYS A 93 -0.87 -4.92 -5.40
C LYS A 93 0.33 -4.49 -4.55
N ARG A 94 1.48 -5.09 -4.84
CA ARG A 94 2.69 -4.76 -4.12
C ARG A 94 3.76 -4.22 -5.09
N ASP A 95 4.01 -2.93 -4.96
CA ASP A 95 4.99 -2.27 -5.81
C ASP A 95 6.30 -2.09 -5.03
N ILE A 96 7.31 -1.59 -5.73
CA ILE A 96 8.60 -1.38 -5.11
C ILE A 96 8.78 0.12 -4.84
N ILE A 97 9.53 0.40 -3.77
CA ILE A 97 9.78 1.78 -3.39
C ILE A 97 11.28 1.98 -3.15
N ASP A 98 11.65 3.22 -2.91
CA ASP A 98 13.05 3.55 -2.67
C ASP A 98 13.85 3.43 -3.97
N ILE A 99 14.29 4.57 -4.45
CA ILE A 99 15.06 4.62 -5.69
C ILE A 99 16.02 3.43 -5.73
N PRO A 100 16.42 3.06 -6.98
CA PRO A 100 17.35 1.94 -7.16
C PRO A 100 18.77 2.33 -6.77
N LYS A 101 19.25 1.71 -5.71
CA LYS A 101 20.60 1.98 -5.22
C LYS A 101 21.58 1.01 -5.89
N LYS A 102 21.30 -0.27 -5.73
CA LYS A 102 22.15 -1.30 -6.30
C LYS A 102 22.56 -0.89 -7.71
N GLY A 103 21.66 -0.17 -8.37
CA GLY A 103 21.90 0.29 -9.72
C GLY A 103 23.03 1.33 -9.75
N VAL A 104 22.76 2.47 -9.12
CA VAL A 104 23.74 3.55 -9.07
C VAL A 104 24.48 3.63 -10.40
N SER A 105 23.71 3.83 -11.45
CA SER A 105 24.27 3.92 -12.79
C SER A 105 25.61 4.68 -12.74
N GLY A 106 26.69 3.92 -12.79
CA GLY A 106 28.02 4.49 -12.75
C GLY A 106 28.10 5.74 -13.64
N PRO A 107 28.07 6.92 -12.98
CA PRO A 107 28.14 8.18 -13.69
C PRO A 107 29.56 8.45 -14.17
N SER A 108 29.67 8.71 -15.47
CA SER A 108 30.97 8.99 -16.08
C SER A 108 31.82 7.71 -16.10
N SER A 109 32.82 7.73 -16.97
CA SER A 109 33.71 6.59 -17.10
C SER A 109 35.02 7.02 -17.74
N GLY A 110 36.11 6.40 -17.28
CA GLY A 110 37.42 6.71 -17.80
C GLY A 110 37.39 6.89 -19.32
N PRO A 1 -27.34 12.28 -45.07
CA PRO A 1 -26.23 11.51 -44.58
C PRO A 1 -26.60 10.78 -43.27
N SER A 2 -25.64 10.06 -42.74
CA SER A 2 -25.85 9.32 -41.50
C SER A 2 -24.50 8.97 -40.87
N SER A 3 -23.70 8.23 -41.62
CA SER A 3 -22.39 7.81 -41.16
C SER A 3 -21.33 8.82 -41.59
N GLY A 4 -20.26 8.87 -40.82
CA GLY A 4 -19.17 9.80 -41.13
C GLY A 4 -18.28 10.01 -39.90
N SER A 5 -17.26 10.83 -40.09
CA SER A 5 -16.34 11.14 -39.00
C SER A 5 -15.62 9.86 -38.56
N SER A 6 -14.37 10.04 -38.13
CA SER A 6 -13.57 8.91 -37.68
C SER A 6 -12.26 9.42 -37.08
N GLY A 7 -11.53 8.48 -36.48
CA GLY A 7 -10.26 8.82 -35.87
C GLY A 7 -9.71 7.64 -35.06
N PHE A 8 -8.41 7.71 -34.78
CA PHE A 8 -7.76 6.65 -34.03
C PHE A 8 -6.41 7.13 -33.47
N LEU A 9 -6.45 7.62 -32.24
CA LEU A 9 -5.24 8.10 -31.60
C LEU A 9 -5.56 8.45 -30.14
N ASP A 10 -4.64 8.07 -29.25
CA ASP A 10 -4.81 8.35 -27.84
C ASP A 10 -3.49 8.08 -27.11
N LYS A 11 -3.08 6.82 -27.15
CA LYS A 11 -1.84 6.42 -26.50
C LYS A 11 -1.79 7.01 -25.09
N PRO A 12 -2.63 6.43 -24.20
CA PRO A 12 -2.69 6.88 -22.82
C PRO A 12 -1.47 6.41 -22.03
N THR A 13 -0.93 7.33 -21.24
CA THR A 13 0.25 7.03 -20.43
C THR A 13 0.57 8.21 -19.50
N LEU A 14 1.72 8.11 -18.85
CA LEU A 14 2.15 9.14 -17.93
C LEU A 14 3.39 8.65 -17.17
N LEU A 15 4.33 9.57 -17.00
CA LEU A 15 5.56 9.25 -16.29
C LEU A 15 6.46 10.49 -16.24
N SER A 16 7.67 10.29 -15.76
CA SER A 16 8.62 11.38 -15.64
C SER A 16 10.05 10.84 -15.74
N PRO A 17 11.03 11.78 -15.72
CA PRO A 17 12.43 11.40 -15.81
C PRO A 17 12.92 10.84 -14.47
N GLU A 18 12.12 11.04 -13.45
CA GLU A 18 12.45 10.55 -12.12
C GLU A 18 11.96 9.11 -11.95
N GLU A 19 10.70 8.91 -12.29
CA GLU A 19 10.10 7.58 -12.17
C GLU A 19 11.04 6.52 -12.74
N LEU A 20 11.88 6.95 -13.67
CA LEU A 20 12.83 6.05 -14.30
C LEU A 20 13.90 5.65 -13.27
N LYS A 21 14.73 6.62 -12.91
CA LYS A 21 15.79 6.39 -11.96
C LYS A 21 15.18 5.91 -10.63
N ALA A 22 14.04 6.48 -10.30
CA ALA A 22 13.34 6.13 -9.08
C ALA A 22 13.21 4.61 -9.00
N ALA A 23 12.95 4.00 -10.16
CA ALA A 23 12.80 2.56 -10.23
C ALA A 23 13.95 1.89 -9.47
N SER A 24 15.10 2.56 -9.49
CA SER A 24 16.28 2.04 -8.81
C SER A 24 16.14 2.23 -7.30
N ARG A 25 15.99 3.48 -6.90
CA ARG A 25 15.84 3.81 -5.49
C ARG A 25 14.62 3.09 -4.90
N GLY A 26 13.77 2.62 -5.80
CA GLY A 26 12.56 1.91 -5.39
C GLY A 26 12.90 0.69 -4.55
N ASN A 27 13.90 -0.05 -5.03
CA ASN A 27 14.34 -1.26 -4.34
C ASN A 27 14.42 -0.97 -2.83
N GLY A 28 14.65 0.30 -2.51
CA GLY A 28 14.76 0.71 -1.12
C GLY A 28 13.77 -0.05 -0.25
N GLU A 29 12.49 0.17 -0.54
CA GLU A 29 11.43 -0.49 0.21
C GLU A 29 10.25 -0.81 -0.70
N TYR A 30 9.16 -1.22 -0.08
CA TYR A 30 7.95 -1.55 -0.82
C TYR A 30 6.71 -1.01 -0.11
N ALA A 31 5.60 -1.00 -0.85
CA ALA A 31 4.35 -0.51 -0.31
C ALA A 31 3.19 -1.26 -0.97
N TRP A 32 2.10 -1.37 -0.21
CA TRP A 32 0.92 -2.06 -0.71
C TRP A 32 0.02 -1.03 -1.40
N TYR A 33 -0.57 -1.46 -2.51
CA TYR A 33 -1.45 -0.59 -3.27
C TYR A 33 -2.82 -1.23 -3.47
N TYR A 34 -3.82 -0.38 -3.63
CA TYR A 34 -5.18 -0.86 -3.84
C TYR A 34 -5.86 -0.09 -4.96
N GLU A 35 -6.78 -0.77 -5.63
CA GLU A 35 -7.51 -0.16 -6.74
C GLU A 35 -8.20 1.12 -6.28
N GLY A 36 -8.21 2.10 -7.17
CA GLY A 36 -8.82 3.38 -6.87
C GLY A 36 -9.48 3.98 -8.11
N ARG A 37 -9.40 5.30 -8.22
CA ARG A 37 -9.98 6.00 -9.35
C ARG A 37 -9.08 5.86 -10.58
N ASN A 38 -7.91 6.49 -10.48
CA ASN A 38 -6.96 6.45 -11.57
C ASN A 38 -6.61 4.99 -11.89
N GLY A 39 -6.20 4.29 -10.85
CA GLY A 39 -5.83 2.89 -11.00
C GLY A 39 -5.54 2.25 -9.63
N TRP A 40 -4.35 2.53 -9.12
CA TRP A 40 -3.94 1.99 -7.84
C TRP A 40 -3.48 3.15 -6.96
N TRP A 41 -3.71 3.01 -5.67
CA TRP A 41 -3.33 4.04 -4.72
C TRP A 41 -2.75 3.36 -3.48
N GLN A 42 -1.88 4.07 -2.79
CA GLN A 42 -1.25 3.54 -1.60
C GLN A 42 -2.06 3.93 -0.36
N TYR A 43 -2.05 3.05 0.62
CA TYR A 43 -2.77 3.29 1.86
C TYR A 43 -2.14 4.44 2.66
N ASP A 44 -0.93 4.19 3.13
CA ASP A 44 -0.21 5.19 3.90
C ASP A 44 1.18 4.66 4.22
N GLU A 45 1.21 3.65 5.08
CA GLU A 45 2.47 3.05 5.49
C GLU A 45 2.22 1.94 6.51
N ARG A 46 1.35 2.25 7.47
CA ARG A 46 1.02 1.29 8.52
C ARG A 46 0.06 0.22 7.97
N THR A 47 -1.06 0.69 7.45
CA THR A 47 -2.06 -0.21 6.89
C THR A 47 -1.39 -1.30 6.05
N SER A 48 -0.38 -0.89 5.30
CA SER A 48 0.36 -1.82 4.46
C SER A 48 1.28 -2.68 5.31
N ARG A 49 1.99 -2.01 6.22
CA ARG A 49 2.91 -2.70 7.10
C ARG A 49 2.28 -3.98 7.66
N GLU A 50 0.95 -3.96 7.72
CA GLU A 50 0.22 -5.11 8.22
C GLU A 50 -0.03 -6.11 7.10
N LEU A 51 -0.33 -5.58 5.93
CA LEU A 51 -0.59 -6.42 4.77
C LEU A 51 0.57 -7.39 4.56
N GLU A 52 1.77 -6.82 4.55
CA GLU A 52 2.97 -7.62 4.37
C GLU A 52 3.11 -8.63 5.51
N ASP A 53 3.17 -8.11 6.72
CA ASP A 53 3.31 -8.95 7.90
C ASP A 53 2.39 -10.18 7.74
N ALA A 54 1.14 -9.90 7.45
CA ALA A 54 0.16 -10.96 7.28
C ALA A 54 0.53 -11.79 6.05
N PHE A 55 0.58 -11.12 4.91
CA PHE A 55 0.92 -11.79 3.67
C PHE A 55 2.12 -12.71 3.85
N SER A 56 3.16 -12.18 4.45
CA SER A 56 4.37 -12.94 4.70
C SER A 56 4.10 -14.04 5.73
N LYS A 57 3.73 -13.60 6.92
CA LYS A 57 3.44 -14.53 8.01
C LYS A 57 2.65 -15.71 7.45
N GLY A 58 1.88 -15.43 6.41
CA GLY A 58 1.07 -16.47 5.78
C GLY A 58 -0.41 -16.13 5.89
N LYS A 59 -0.71 -15.13 6.70
CA LYS A 59 -2.08 -14.71 6.91
C LYS A 59 -2.75 -14.51 5.55
N LYS A 60 -3.53 -15.50 5.14
CA LYS A 60 -4.23 -15.44 3.87
C LYS A 60 -4.91 -14.07 3.73
N ASN A 61 -5.30 -13.52 4.88
CA ASN A 61 -5.95 -12.22 4.90
C ASN A 61 -5.57 -11.49 6.18
N THR A 62 -5.93 -10.21 6.22
CA THR A 62 -5.64 -9.39 7.37
C THR A 62 -6.69 -8.29 7.53
N GLU A 63 -7.23 -8.20 8.72
CA GLU A 63 -8.25 -7.20 9.02
C GLU A 63 -7.60 -5.85 9.32
N MET A 64 -8.38 -4.80 9.16
CA MET A 64 -7.88 -3.45 9.42
C MET A 64 -9.04 -2.49 9.72
N LEU A 65 -8.70 -1.41 10.40
CA LEU A 65 -9.71 -0.41 10.77
C LEU A 65 -9.38 0.90 10.06
N ILE A 66 -10.27 1.28 9.14
CA ILE A 66 -10.08 2.51 8.40
C ILE A 66 -11.03 3.58 8.94
N ALA A 67 -10.97 4.76 8.33
CA ALA A 67 -11.82 5.86 8.74
C ALA A 67 -13.20 5.33 9.12
N GLY A 68 -13.36 5.05 10.40
CA GLY A 68 -14.62 4.53 10.90
C GLY A 68 -15.21 3.50 9.94
N PHE A 69 -14.36 2.58 9.53
CA PHE A 69 -14.79 1.53 8.61
C PHE A 69 -13.85 0.31 8.69
N LEU A 70 -14.40 -0.77 9.22
CA LEU A 70 -13.63 -2.00 9.36
C LEU A 70 -13.49 -2.67 7.99
N TYR A 71 -12.25 -2.87 7.58
CA TYR A 71 -11.98 -3.50 6.30
C TYR A 71 -11.15 -4.77 6.48
N VAL A 72 -11.17 -5.60 5.46
CA VAL A 72 -10.43 -6.85 5.49
C VAL A 72 -9.63 -7.00 4.20
N ALA A 73 -8.32 -6.94 4.33
CA ALA A 73 -7.43 -7.05 3.19
C ALA A 73 -7.02 -8.52 3.02
N ASP A 74 -7.57 -9.14 1.99
CA ASP A 74 -7.27 -10.54 1.71
C ASP A 74 -6.11 -10.62 0.73
N LEU A 75 -5.07 -11.34 1.15
CA LEU A 75 -3.89 -11.49 0.33
C LEU A 75 -4.06 -12.73 -0.57
N GLU A 76 -4.77 -13.71 -0.03
CA GLU A 76 -5.00 -14.94 -0.76
C GLU A 76 -5.42 -14.63 -2.20
N ASN A 77 -6.38 -13.72 -2.32
CA ASN A 77 -6.87 -13.33 -3.63
C ASN A 77 -6.29 -11.96 -4.00
N MET A 78 -5.60 -11.36 -3.03
CA MET A 78 -4.99 -10.06 -3.24
C MET A 78 -6.06 -8.98 -3.44
N VAL A 79 -7.10 -9.07 -2.63
CA VAL A 79 -8.19 -8.11 -2.70
C VAL A 79 -8.65 -7.76 -1.29
N GLN A 80 -9.03 -6.50 -1.12
CA GLN A 80 -9.49 -6.02 0.17
C GLN A 80 -10.98 -5.68 0.12
N TYR A 81 -11.72 -6.26 1.06
CA TYR A 81 -13.15 -6.04 1.12
C TYR A 81 -13.57 -5.60 2.53
N ARG A 82 -14.56 -4.72 2.56
CA ARG A 82 -15.07 -4.22 3.83
C ARG A 82 -15.51 -5.36 4.73
N ARG A 83 -15.15 -5.25 6.00
CA ARG A 83 -15.50 -6.27 6.97
C ARG A 83 -17.00 -6.57 6.91
N ASN A 84 -17.79 -5.59 7.33
CA ASN A 84 -19.24 -5.73 7.32
C ASN A 84 -19.73 -5.78 5.87
N GLU A 85 -19.29 -4.79 5.10
CA GLU A 85 -19.69 -4.71 3.70
C GLU A 85 -18.67 -5.44 2.82
N HIS A 86 -18.82 -6.76 2.77
CA HIS A 86 -17.94 -7.58 1.96
C HIS A 86 -18.05 -7.18 0.49
N GLY A 87 -19.21 -6.64 0.15
CA GLY A 87 -19.46 -6.21 -1.22
C GLY A 87 -18.37 -5.24 -1.69
N ARG A 88 -18.21 -4.16 -0.94
CA ARG A 88 -17.21 -3.16 -1.27
C ARG A 88 -15.81 -3.72 -1.07
N ARG A 89 -15.11 -3.88 -2.20
CA ARG A 89 -13.75 -4.41 -2.16
C ARG A 89 -12.96 -3.90 -3.37
N ARG A 90 -11.65 -4.04 -3.27
CA ARG A 90 -10.76 -3.60 -4.34
C ARG A 90 -9.49 -4.44 -4.36
N LYS A 91 -8.99 -4.68 -5.56
CA LYS A 91 -7.78 -5.46 -5.73
C LYS A 91 -6.59 -4.68 -5.19
N ILE A 92 -5.59 -5.41 -4.73
CA ILE A 92 -4.39 -4.80 -4.19
C ILE A 92 -3.16 -5.40 -4.86
N LYS A 93 -2.09 -4.61 -4.88
CA LYS A 93 -0.85 -5.05 -5.49
C LYS A 93 0.34 -4.48 -4.71
N ARG A 94 1.38 -5.27 -4.63
CA ARG A 94 2.59 -4.86 -3.90
C ARG A 94 3.52 -4.09 -4.84
N ASP A 95 3.66 -2.81 -4.55
CA ASP A 95 4.52 -1.94 -5.35
C ASP A 95 5.82 -1.67 -4.58
N ILE A 96 6.78 -1.09 -5.29
CA ILE A 96 8.06 -0.77 -4.69
C ILE A 96 8.11 0.73 -4.37
N ILE A 97 8.65 1.04 -3.21
CA ILE A 97 8.77 2.43 -2.78
C ILE A 97 10.22 2.73 -2.41
N ASP A 98 10.56 4.01 -2.49
CA ASP A 98 11.92 4.43 -2.16
C ASP A 98 12.22 4.10 -0.70
N ILE A 99 11.49 4.76 0.19
CA ILE A 99 11.68 4.54 1.61
C ILE A 99 10.45 5.07 2.36
N PRO A 100 10.31 4.61 3.63
CA PRO A 100 9.19 5.02 4.46
C PRO A 100 9.39 6.45 4.97
N LYS A 101 8.30 7.05 5.40
CA LYS A 101 8.33 8.41 5.92
C LYS A 101 8.40 8.37 7.45
N LYS A 102 7.44 7.68 8.04
CA LYS A 102 7.38 7.55 9.48
C LYS A 102 8.25 6.38 9.92
N GLY A 103 7.98 5.22 9.34
CA GLY A 103 8.74 4.03 9.67
C GLY A 103 10.21 4.35 9.88
N VAL A 104 10.84 4.84 8.82
CA VAL A 104 12.25 5.19 8.88
C VAL A 104 12.54 5.88 10.20
N SER A 105 13.37 5.23 11.01
CA SER A 105 13.74 5.77 12.31
C SER A 105 14.99 5.06 12.83
N GLY A 106 15.49 5.57 13.94
CA GLY A 106 16.67 5.00 14.56
C GLY A 106 16.36 4.41 15.94
N PRO A 107 16.43 3.05 16.01
CA PRO A 107 16.15 2.36 17.26
C PRO A 107 17.31 2.50 18.24
N SER A 108 17.03 2.14 19.49
CA SER A 108 18.04 2.23 20.53
C SER A 108 17.62 1.40 21.74
N SER A 109 18.57 1.15 22.62
CA SER A 109 18.31 0.37 23.82
C SER A 109 17.88 1.30 24.96
N GLY A 110 17.32 0.70 25.99
CA GLY A 110 16.86 1.45 27.14
C GLY A 110 17.03 0.65 28.43
N PRO A 1 -0.75 -24.80 7.07
CA PRO A 1 -1.42 -23.70 7.74
C PRO A 1 -1.63 -24.01 9.22
N SER A 2 -1.54 -22.96 10.03
CA SER A 2 -1.70 -23.09 11.47
C SER A 2 -2.39 -21.85 12.04
N SER A 3 -1.78 -20.70 11.77
CA SER A 3 -2.32 -19.44 12.24
C SER A 3 -2.36 -19.44 13.78
N GLY A 4 -2.06 -18.27 14.34
CA GLY A 4 -2.07 -18.13 15.79
C GLY A 4 -1.16 -16.97 16.22
N SER A 5 -1.75 -15.78 16.25
CA SER A 5 -1.01 -14.59 16.64
C SER A 5 -1.90 -13.36 16.50
N SER A 6 -1.46 -12.28 17.14
CA SER A 6 -2.21 -11.03 17.10
C SER A 6 -1.37 -9.90 17.69
N GLY A 7 -1.78 -8.68 17.37
CA GLY A 7 -1.07 -7.51 17.86
C GLY A 7 -1.99 -6.28 17.88
N PHE A 8 -1.36 -5.11 17.87
CA PHE A 8 -2.11 -3.86 17.89
C PHE A 8 -1.23 -2.70 17.42
N LEU A 9 -1.64 -2.10 16.32
CA LEU A 9 -0.91 -0.97 15.76
C LEU A 9 -1.80 -0.25 14.74
N ASP A 10 -1.84 1.07 14.88
CA ASP A 10 -2.64 1.89 13.98
C ASP A 10 -2.45 3.37 14.34
N LYS A 11 -1.97 4.13 13.37
CA LYS A 11 -1.74 5.55 13.57
C LYS A 11 -1.73 6.25 12.22
N PRO A 12 -2.77 7.09 12.00
CA PRO A 12 -2.89 7.84 10.76
C PRO A 12 -1.89 9.00 10.71
N THR A 13 -1.64 9.47 9.50
CA THR A 13 -0.71 10.58 9.31
C THR A 13 -0.72 11.02 7.85
N LEU A 14 0.23 11.90 7.53
CA LEU A 14 0.35 12.42 6.18
C LEU A 14 1.51 11.71 5.47
N LEU A 15 1.48 11.77 4.14
CA LEU A 15 2.51 11.15 3.34
C LEU A 15 3.87 11.76 3.71
N SER A 16 4.88 11.39 2.92
CA SER A 16 6.23 11.89 3.15
C SER A 16 6.85 12.31 1.83
N PRO A 17 7.96 13.09 1.94
CA PRO A 17 8.67 13.56 0.76
C PRO A 17 9.47 12.44 0.11
N GLU A 18 9.54 11.31 0.82
CA GLU A 18 10.27 10.16 0.32
C GLU A 18 9.34 9.26 -0.49
N GLU A 19 8.06 9.37 -0.20
CA GLU A 19 7.06 8.57 -0.89
C GLU A 19 6.91 9.03 -2.34
N LEU A 20 7.32 10.27 -2.58
CA LEU A 20 7.24 10.84 -3.91
C LEU A 20 8.49 10.45 -4.70
N LYS A 21 9.60 10.33 -3.98
CA LYS A 21 10.86 9.96 -4.60
C LYS A 21 10.86 8.46 -4.90
N ALA A 22 9.82 7.79 -4.41
CA ALA A 22 9.69 6.36 -4.62
C ALA A 22 10.10 6.02 -6.05
N ALA A 23 9.89 6.98 -6.94
CA ALA A 23 10.23 6.80 -8.34
C ALA A 23 11.51 5.98 -8.45
N SER A 24 12.61 6.58 -8.02
CA SER A 24 13.89 5.91 -8.06
C SER A 24 14.24 5.35 -6.68
N ARG A 25 14.10 6.21 -5.68
CA ARG A 25 14.39 5.82 -4.31
C ARG A 25 13.55 4.60 -3.92
N GLY A 26 12.51 4.36 -4.71
CA GLY A 26 11.63 3.23 -4.45
C GLY A 26 12.42 1.99 -4.04
N ASN A 27 13.65 1.93 -4.53
CA ASN A 27 14.52 0.81 -4.22
C ASN A 27 14.58 0.61 -2.71
N GLY A 28 14.22 1.66 -1.99
CA GLY A 28 14.22 1.62 -0.54
C GLY A 28 13.49 0.39 -0.02
N GLU A 29 12.17 0.48 -0.03
CA GLU A 29 11.34 -0.62 0.45
C GLU A 29 10.16 -0.84 -0.51
N TYR A 30 9.17 -1.55 -0.01
CA TYR A 30 7.98 -1.84 -0.80
C TYR A 30 6.71 -1.38 -0.07
N ALA A 31 5.70 -1.07 -0.86
CA ALA A 31 4.43 -0.62 -0.30
C ALA A 31 3.28 -1.41 -0.94
N TRP A 32 2.12 -1.33 -0.31
CA TRP A 32 0.95 -2.03 -0.79
C TRP A 32 0.01 -1.00 -1.42
N TYR A 33 -0.61 -1.40 -2.52
CA TYR A 33 -1.54 -0.53 -3.21
C TYR A 33 -2.91 -1.19 -3.37
N TYR A 34 -3.94 -0.35 -3.38
CA TYR A 34 -5.30 -0.84 -3.52
C TYR A 34 -6.09 0.03 -4.50
N GLU A 35 -6.80 -0.65 -5.40
CA GLU A 35 -7.60 0.04 -6.39
C GLU A 35 -8.15 1.35 -5.82
N GLY A 36 -7.73 2.44 -6.41
CA GLY A 36 -8.17 3.76 -5.97
C GLY A 36 -9.25 4.31 -6.90
N ARG A 37 -9.44 5.62 -6.82
CA ARG A 37 -10.43 6.28 -7.64
C ARG A 37 -9.89 6.53 -9.05
N ASN A 38 -8.60 6.82 -9.11
CA ASN A 38 -7.94 7.07 -10.38
C ASN A 38 -7.44 5.76 -10.96
N GLY A 39 -6.76 4.99 -10.11
CA GLY A 39 -6.23 3.71 -10.53
C GLY A 39 -5.81 2.86 -9.32
N TRP A 40 -4.61 3.11 -8.85
CA TRP A 40 -4.08 2.39 -7.70
C TRP A 40 -3.79 3.41 -6.59
N TRP A 41 -4.44 3.20 -5.46
CA TRP A 41 -4.27 4.09 -4.33
C TRP A 41 -3.21 3.47 -3.40
N GLN A 42 -2.21 4.28 -3.08
CA GLN A 42 -1.13 3.82 -2.21
C GLN A 42 -1.47 4.12 -0.74
N TYR A 43 -1.35 3.09 0.07
CA TYR A 43 -1.63 3.24 1.50
C TYR A 43 -0.70 4.27 2.14
N ASP A 44 -0.87 4.44 3.45
CA ASP A 44 -0.05 5.38 4.19
C ASP A 44 1.34 4.80 4.38
N GLU A 45 1.41 3.77 5.21
CA GLU A 45 2.68 3.12 5.48
C GLU A 45 2.49 1.98 6.49
N ARG A 46 1.63 2.25 7.47
CA ARG A 46 1.35 1.26 8.50
C ARG A 46 0.43 0.16 7.95
N THR A 47 -0.78 0.57 7.61
CA THR A 47 -1.76 -0.36 7.08
C THR A 47 -1.09 -1.38 6.16
N SER A 48 -0.17 -0.87 5.33
CA SER A 48 0.55 -1.71 4.40
C SER A 48 1.53 -2.60 5.16
N ARG A 49 2.29 -1.97 6.05
CA ARG A 49 3.28 -2.69 6.84
C ARG A 49 2.65 -3.94 7.46
N GLU A 50 1.32 -3.89 7.59
CA GLU A 50 0.59 -5.01 8.16
C GLU A 50 0.27 -6.05 7.08
N LEU A 51 0.02 -5.54 5.88
CA LEU A 51 -0.31 -6.40 4.76
C LEU A 51 0.80 -7.44 4.58
N GLU A 52 2.04 -6.95 4.57
CA GLU A 52 3.19 -7.82 4.41
C GLU A 52 3.40 -8.66 5.67
N ASP A 53 3.35 -7.99 6.81
CA ASP A 53 3.53 -8.66 8.08
C ASP A 53 2.63 -9.89 8.14
N ALA A 54 1.39 -9.70 7.68
CA ALA A 54 0.42 -10.78 7.68
C ALA A 54 0.74 -11.74 6.53
N PHE A 55 0.79 -11.18 5.33
CA PHE A 55 1.09 -11.98 4.16
C PHE A 55 2.31 -12.87 4.39
N SER A 56 3.35 -12.26 4.93
CA SER A 56 4.58 -12.98 5.21
C SER A 56 4.34 -14.05 6.27
N LYS A 57 3.96 -13.59 7.45
CA LYS A 57 3.69 -14.49 8.57
C LYS A 57 2.95 -15.73 8.04
N GLY A 58 2.11 -15.49 7.04
CA GLY A 58 1.34 -16.56 6.44
C GLY A 58 -0.16 -16.21 6.39
N LYS A 59 -0.49 -15.13 7.08
CA LYS A 59 -1.87 -14.66 7.12
C LYS A 59 -2.34 -14.36 5.70
N LYS A 60 -3.39 -15.08 5.30
CA LYS A 60 -3.95 -14.90 3.98
C LYS A 60 -4.96 -13.75 4.01
N ASN A 61 -5.72 -13.70 5.08
CA ASN A 61 -6.73 -12.67 5.25
C ASN A 61 -6.34 -11.76 6.41
N THR A 62 -5.96 -10.54 6.07
CA THR A 62 -5.56 -9.57 7.07
C THR A 62 -6.59 -8.44 7.18
N GLU A 63 -7.19 -8.33 8.36
CA GLU A 63 -8.19 -7.31 8.60
C GLU A 63 -7.52 -5.97 8.91
N MET A 64 -8.17 -4.91 8.48
CA MET A 64 -7.67 -3.57 8.71
C MET A 64 -8.79 -2.60 9.10
N LEU A 65 -8.39 -1.49 9.71
CA LEU A 65 -9.34 -0.50 10.15
C LEU A 65 -9.09 0.81 9.39
N ILE A 66 -9.96 1.05 8.42
CA ILE A 66 -9.85 2.26 7.61
C ILE A 66 -10.60 3.41 8.30
N ALA A 67 -10.42 4.60 7.75
CA ALA A 67 -11.07 5.78 8.30
C ALA A 67 -12.51 5.44 8.65
N GLY A 68 -12.72 5.05 9.91
CA GLY A 68 -14.05 4.70 10.38
C GLY A 68 -14.69 3.66 9.45
N PHE A 69 -13.92 2.66 9.10
CA PHE A 69 -14.40 1.60 8.23
C PHE A 69 -13.50 0.37 8.30
N LEU A 70 -13.94 -0.61 9.08
CA LEU A 70 -13.19 -1.84 9.23
C LEU A 70 -13.27 -2.66 7.95
N TYR A 71 -12.12 -2.85 7.32
CA TYR A 71 -12.05 -3.60 6.09
C TYR A 71 -11.28 -4.90 6.29
N VAL A 72 -11.34 -5.75 5.27
CA VAL A 72 -10.66 -7.03 5.32
C VAL A 72 -9.85 -7.23 4.03
N ALA A 73 -8.54 -7.23 4.19
CA ALA A 73 -7.65 -7.40 3.05
C ALA A 73 -7.39 -8.89 2.85
N ASP A 74 -7.86 -9.39 1.71
CA ASP A 74 -7.69 -10.80 1.39
C ASP A 74 -6.51 -10.94 0.40
N LEU A 75 -5.38 -11.36 0.95
CA LEU A 75 -4.19 -11.55 0.13
C LEU A 75 -4.38 -12.77 -0.76
N GLU A 76 -5.20 -13.69 -0.29
CA GLU A 76 -5.47 -14.91 -1.03
C GLU A 76 -5.82 -14.58 -2.48
N ASN A 77 -6.80 -13.69 -2.63
CA ASN A 77 -7.24 -13.28 -3.94
C ASN A 77 -6.66 -11.91 -4.27
N MET A 78 -5.96 -11.35 -3.29
CA MET A 78 -5.34 -10.04 -3.47
C MET A 78 -6.41 -8.95 -3.64
N VAL A 79 -7.40 -9.00 -2.77
CA VAL A 79 -8.48 -8.03 -2.81
C VAL A 79 -8.98 -7.76 -1.39
N GLN A 80 -9.21 -6.48 -1.11
CA GLN A 80 -9.68 -6.08 0.20
C GLN A 80 -11.15 -5.65 0.13
N TYR A 81 -11.95 -6.25 1.02
CA TYR A 81 -13.37 -5.94 1.07
C TYR A 81 -13.80 -5.55 2.48
N ARG A 82 -14.71 -4.59 2.54
CA ARG A 82 -15.22 -4.12 3.82
C ARG A 82 -15.57 -5.30 4.73
N ARG A 83 -15.47 -5.06 6.02
CA ARG A 83 -15.78 -6.09 7.00
C ARG A 83 -17.09 -6.80 6.63
N ASN A 84 -18.18 -6.11 6.88
CA ASN A 84 -19.50 -6.65 6.59
C ASN A 84 -19.84 -6.39 5.12
N GLU A 85 -19.65 -5.15 4.71
CA GLU A 85 -19.93 -4.75 3.34
C GLU A 85 -18.96 -5.46 2.38
N HIS A 86 -19.17 -6.75 2.22
CA HIS A 86 -18.34 -7.55 1.34
C HIS A 86 -18.32 -6.92 -0.06
N GLY A 87 -19.50 -6.48 -0.48
CA GLY A 87 -19.63 -5.86 -1.79
C GLY A 87 -18.50 -4.87 -2.06
N ARG A 88 -18.35 -3.93 -1.14
CA ARG A 88 -17.31 -2.92 -1.25
C ARG A 88 -15.93 -3.56 -1.07
N ARG A 89 -15.17 -3.57 -2.15
CA ARG A 89 -13.84 -4.14 -2.12
C ARG A 89 -13.00 -3.59 -3.29
N ARG A 90 -11.70 -3.82 -3.19
CA ARG A 90 -10.78 -3.34 -4.22
C ARG A 90 -9.58 -4.28 -4.32
N LYS A 91 -8.97 -4.30 -5.50
CA LYS A 91 -7.81 -5.14 -5.74
C LYS A 91 -6.60 -4.54 -5.03
N ILE A 92 -5.73 -5.42 -4.55
CA ILE A 92 -4.52 -5.00 -3.87
C ILE A 92 -3.30 -5.57 -4.57
N LYS A 93 -2.26 -4.76 -4.63
CA LYS A 93 -1.02 -5.18 -5.28
C LYS A 93 0.17 -4.69 -4.45
N ARG A 94 1.33 -5.25 -4.76
CA ARG A 94 2.55 -4.88 -4.06
C ARG A 94 3.46 -4.03 -4.96
N ASP A 95 3.63 -2.78 -4.57
CA ASP A 95 4.47 -1.87 -5.33
C ASP A 95 5.74 -1.57 -4.54
N ILE A 96 6.62 -0.81 -5.16
CA ILE A 96 7.88 -0.45 -4.54
C ILE A 96 7.81 1.00 -4.06
N ILE A 97 8.31 1.21 -2.85
CA ILE A 97 8.30 2.54 -2.27
C ILE A 97 9.70 2.86 -1.72
N ASP A 98 9.92 4.14 -1.47
CA ASP A 98 11.19 4.59 -0.95
C ASP A 98 11.34 4.13 0.51
N ILE A 99 10.90 4.99 1.41
CA ILE A 99 10.97 4.69 2.84
C ILE A 99 12.43 4.62 3.26
N PRO A 100 12.69 5.14 4.49
CA PRO A 100 14.05 5.15 5.03
C PRO A 100 14.46 3.75 5.50
N LYS A 101 15.30 3.13 4.70
CA LYS A 101 15.78 1.78 5.01
C LYS A 101 17.14 1.89 5.71
N LYS A 102 18.05 2.60 5.05
CA LYS A 102 19.39 2.79 5.59
C LYS A 102 19.29 3.32 7.02
N GLY A 103 18.45 4.35 7.17
CA GLY A 103 18.27 4.96 8.48
C GLY A 103 17.97 3.91 9.54
N VAL A 104 16.81 3.28 9.40
CA VAL A 104 16.39 2.25 10.34
C VAL A 104 17.26 1.01 10.15
N SER A 105 18.00 0.68 11.20
CA SER A 105 18.88 -0.48 11.15
C SER A 105 19.04 -1.07 12.55
N GLY A 106 19.38 -2.35 12.59
CA GLY A 106 19.57 -3.04 13.85
C GLY A 106 21.05 -3.29 14.13
N PRO A 107 21.31 -4.35 14.94
CA PRO A 107 22.68 -4.70 15.29
C PRO A 107 23.39 -5.38 14.11
N SER A 108 24.56 -4.87 13.80
CA SER A 108 25.34 -5.42 12.70
C SER A 108 26.82 -5.47 13.09
N SER A 109 27.56 -6.30 12.35
CA SER A 109 28.98 -6.45 12.62
C SER A 109 29.79 -5.75 11.51
N GLY A 110 29.60 -6.23 10.29
CA GLY A 110 30.30 -5.66 9.15
C GLY A 110 30.13 -6.55 7.91
N PRO A 1 -25.82 33.98 -26.99
CA PRO A 1 -25.65 33.59 -25.60
C PRO A 1 -26.82 32.72 -25.13
N SER A 2 -26.52 31.86 -24.16
CA SER A 2 -27.53 30.98 -23.60
C SER A 2 -26.93 30.15 -22.47
N SER A 3 -27.63 30.15 -21.35
CA SER A 3 -27.18 29.40 -20.18
C SER A 3 -28.16 29.59 -19.03
N GLY A 4 -27.98 28.80 -17.99
CA GLY A 4 -28.84 28.86 -16.82
C GLY A 4 -28.48 27.77 -15.82
N SER A 5 -28.99 27.93 -14.61
CA SER A 5 -28.73 26.98 -13.54
C SER A 5 -29.39 27.44 -12.24
N SER A 6 -29.47 26.53 -11.29
CA SER A 6 -30.07 26.83 -10.01
C SER A 6 -29.72 25.74 -8.99
N GLY A 7 -28.64 25.98 -8.26
CA GLY A 7 -28.18 25.03 -7.26
C GLY A 7 -26.72 25.28 -6.88
N PHE A 8 -26.29 24.59 -5.84
CA PHE A 8 -24.92 24.73 -5.37
C PHE A 8 -24.57 23.63 -4.37
N LEU A 9 -23.97 22.57 -4.89
CA LEU A 9 -23.57 21.44 -4.06
C LEU A 9 -22.25 20.86 -4.57
N ASP A 10 -21.23 21.71 -4.55
CA ASP A 10 -19.92 21.30 -5.01
C ASP A 10 -18.87 21.66 -3.96
N LYS A 11 -18.22 20.64 -3.42
CA LYS A 11 -17.21 20.85 -2.41
C LYS A 11 -15.85 20.43 -2.97
N PRO A 12 -14.81 21.25 -2.66
CA PRO A 12 -13.46 20.97 -3.12
C PRO A 12 -12.83 19.83 -2.33
N THR A 13 -11.59 19.53 -2.67
CA THR A 13 -10.87 18.45 -2.00
C THR A 13 -9.36 18.66 -2.13
N LEU A 14 -8.62 17.72 -1.59
CA LEU A 14 -7.16 17.78 -1.64
C LEU A 14 -6.57 16.48 -1.08
N LEU A 15 -5.25 16.40 -1.13
CA LEU A 15 -4.56 15.22 -0.62
C LEU A 15 -4.79 15.11 0.88
N SER A 16 -4.32 14.00 1.44
CA SER A 16 -4.46 13.77 2.86
C SER A 16 -3.14 14.03 3.57
N PRO A 17 -3.22 14.13 4.93
CA PRO A 17 -2.04 14.39 5.73
C PRO A 17 -1.18 13.12 5.85
N GLU A 18 -1.79 12.00 5.53
CA GLU A 18 -1.09 10.72 5.59
C GLU A 18 -0.16 10.57 4.38
N GLU A 19 -0.61 11.10 3.27
CA GLU A 19 0.16 11.03 2.03
C GLU A 19 1.53 11.70 2.23
N LEU A 20 1.55 12.66 3.13
CA LEU A 20 2.78 13.38 3.43
C LEU A 20 3.87 12.39 3.84
N LYS A 21 3.68 11.82 5.02
CA LYS A 21 4.63 10.86 5.54
C LYS A 21 4.88 9.77 4.49
N ALA A 22 3.79 9.16 4.05
CA ALA A 22 3.87 8.11 3.06
C ALA A 22 4.90 8.50 2.00
N ALA A 23 4.88 9.77 1.62
CA ALA A 23 5.80 10.27 0.62
C ALA A 23 7.20 9.73 0.92
N SER A 24 7.58 9.83 2.19
CA SER A 24 8.88 9.36 2.62
C SER A 24 9.19 8.00 1.98
N ARG A 25 8.15 7.21 1.81
CA ARG A 25 8.29 5.89 1.22
C ARG A 25 9.28 5.94 0.06
N GLY A 26 9.27 7.06 -0.65
CA GLY A 26 10.15 7.24 -1.78
C GLY A 26 11.60 6.86 -1.42
N ASN A 27 11.86 6.89 -0.12
CA ASN A 27 13.19 6.55 0.37
C ASN A 27 13.62 5.20 -0.22
N GLY A 28 12.63 4.39 -0.55
CA GLY A 28 12.90 3.09 -1.13
C GLY A 28 12.42 1.97 -0.20
N GLU A 29 11.41 1.24 -0.66
CA GLU A 29 10.86 0.15 0.12
C GLU A 29 9.52 -0.28 -0.46
N TYR A 30 9.12 -1.50 -0.10
CA TYR A 30 7.87 -2.06 -0.58
C TYR A 30 6.70 -1.11 -0.26
N ALA A 31 5.62 -1.29 -1.01
CA ALA A 31 4.44 -0.46 -0.83
C ALA A 31 3.22 -1.19 -1.38
N TRP A 32 2.16 -1.19 -0.59
CA TRP A 32 0.93 -1.85 -1.00
C TRP A 32 0.06 -0.82 -1.74
N TYR A 33 -0.57 -1.29 -2.81
CA TYR A 33 -1.43 -0.44 -3.60
C TYR A 33 -2.81 -1.05 -3.78
N TYR A 34 -3.80 -0.18 -3.93
CA TYR A 34 -5.17 -0.62 -4.11
C TYR A 34 -5.85 0.14 -5.25
N GLU A 35 -6.80 -0.54 -5.88
CA GLU A 35 -7.52 0.05 -6.99
C GLU A 35 -8.06 1.44 -6.60
N GLY A 36 -7.46 2.46 -7.20
CA GLY A 36 -7.86 3.83 -6.92
C GLY A 36 -8.58 4.44 -8.11
N ARG A 37 -8.70 5.76 -8.08
CA ARG A 37 -9.38 6.47 -9.16
C ARG A 37 -8.58 6.36 -10.46
N ASN A 38 -7.34 6.84 -10.40
CA ASN A 38 -6.47 6.79 -11.56
C ASN A 38 -6.20 5.33 -11.94
N GLY A 39 -5.94 4.53 -10.93
CA GLY A 39 -5.67 3.12 -11.14
C GLY A 39 -5.36 2.41 -9.82
N TRP A 40 -4.23 2.78 -9.24
CA TRP A 40 -3.81 2.19 -7.98
C TRP A 40 -3.28 3.32 -7.09
N TRP A 41 -3.64 3.24 -5.82
CA TRP A 41 -3.20 4.24 -4.85
C TRP A 41 -2.62 3.50 -3.64
N GLN A 42 -1.95 4.27 -2.80
CA GLN A 42 -1.34 3.72 -1.60
C GLN A 42 -2.19 4.04 -0.36
N TYR A 43 -2.06 3.20 0.65
CA TYR A 43 -2.80 3.38 1.88
C TYR A 43 -2.17 4.49 2.73
N ASP A 44 -0.97 4.23 3.19
CA ASP A 44 -0.25 5.19 4.02
C ASP A 44 1.14 4.64 4.34
N GLU A 45 1.17 3.78 5.36
CA GLU A 45 2.43 3.17 5.78
C GLU A 45 2.16 2.10 6.84
N ARG A 46 1.21 2.40 7.73
CA ARG A 46 0.86 1.47 8.78
C ARG A 46 -0.05 0.36 8.24
N THR A 47 -1.17 0.79 7.67
CA THR A 47 -2.12 -0.15 7.11
C THR A 47 -1.39 -1.24 6.31
N SER A 48 -0.33 -0.83 5.66
CA SER A 48 0.47 -1.75 4.86
C SER A 48 1.37 -2.59 5.77
N ARG A 49 1.97 -1.91 6.74
CA ARG A 49 2.86 -2.58 7.67
C ARG A 49 2.23 -3.88 8.17
N GLU A 50 0.91 -3.91 8.14
CA GLU A 50 0.18 -5.09 8.57
C GLU A 50 0.05 -6.10 7.43
N LEU A 51 -0.20 -5.57 6.25
CA LEU A 51 -0.34 -6.41 5.06
C LEU A 51 0.91 -7.27 4.90
N GLU A 52 2.04 -6.59 4.79
CA GLU A 52 3.31 -7.28 4.64
C GLU A 52 3.50 -8.31 5.75
N ASP A 53 3.18 -7.89 6.96
CA ASP A 53 3.30 -8.76 8.12
C ASP A 53 2.41 -9.98 7.93
N ALA A 54 1.18 -9.72 7.49
CA ALA A 54 0.22 -10.78 7.27
C ALA A 54 0.68 -11.63 6.09
N PHE A 55 0.76 -10.99 4.93
CA PHE A 55 1.17 -11.67 3.72
C PHE A 55 2.36 -12.59 3.99
N SER A 56 3.33 -12.05 4.73
CA SER A 56 4.52 -12.82 5.07
C SER A 56 4.17 -13.94 6.06
N LYS A 57 3.72 -13.52 7.23
CA LYS A 57 3.34 -14.47 8.27
C LYS A 57 2.61 -15.65 7.62
N GLY A 58 1.93 -15.36 6.53
CA GLY A 58 1.18 -16.38 5.81
C GLY A 58 -0.32 -16.08 5.82
N LYS A 59 -0.68 -15.07 6.60
CA LYS A 59 -2.07 -14.66 6.70
C LYS A 59 -2.62 -14.40 5.30
N LYS A 60 -3.42 -15.34 4.82
CA LYS A 60 -4.02 -15.23 3.51
C LYS A 60 -4.71 -13.87 3.39
N ASN A 61 -5.13 -13.36 4.54
CA ASN A 61 -5.81 -12.07 4.57
C ASN A 61 -5.67 -11.47 5.96
N THR A 62 -5.66 -10.14 6.02
CA THR A 62 -5.53 -9.43 7.27
C THR A 62 -6.71 -8.49 7.47
N GLU A 63 -7.16 -8.40 8.72
CA GLU A 63 -8.28 -7.54 9.06
C GLU A 63 -7.78 -6.19 9.57
N MET A 64 -8.22 -5.14 8.90
CA MET A 64 -7.83 -3.79 9.28
C MET A 64 -9.04 -2.96 9.70
N LEU A 65 -8.78 -1.93 10.49
CA LEU A 65 -9.83 -1.06 10.97
C LEU A 65 -9.54 0.38 10.53
N ILE A 66 -10.30 0.82 9.54
CA ILE A 66 -10.14 2.16 9.02
C ILE A 66 -10.99 3.13 9.84
N ALA A 67 -10.81 4.42 9.56
CA ALA A 67 -11.55 5.45 10.27
C ALA A 67 -13.00 5.01 10.42
N GLY A 68 -13.28 4.38 11.55
CA GLY A 68 -14.62 3.88 11.83
C GLY A 68 -15.17 3.07 10.67
N PHE A 69 -14.35 2.13 10.21
CA PHE A 69 -14.74 1.28 9.10
C PHE A 69 -13.94 -0.02 9.11
N LEU A 70 -14.62 -1.10 9.48
CA LEU A 70 -13.98 -2.41 9.53
C LEU A 70 -13.70 -2.89 8.10
N TYR A 71 -12.41 -3.01 7.81
CA TYR A 71 -11.99 -3.46 6.49
C TYR A 71 -11.14 -4.73 6.59
N VAL A 72 -11.09 -5.45 5.48
CA VAL A 72 -10.33 -6.68 5.42
C VAL A 72 -9.54 -6.74 4.11
N ALA A 73 -8.22 -6.83 4.25
CA ALA A 73 -7.35 -6.88 3.09
C ALA A 73 -6.90 -8.33 2.87
N ASP A 74 -7.43 -8.93 1.80
CA ASP A 74 -7.09 -10.30 1.47
C ASP A 74 -5.91 -10.31 0.50
N LEU A 75 -4.89 -11.07 0.87
CA LEU A 75 -3.69 -11.17 0.04
C LEU A 75 -3.82 -12.39 -0.88
N GLU A 76 -4.40 -13.45 -0.33
CA GLU A 76 -4.58 -14.68 -1.09
C GLU A 76 -5.20 -14.37 -2.45
N ASN A 77 -6.16 -13.45 -2.43
CA ASN A 77 -6.85 -13.06 -3.65
C ASN A 77 -6.30 -11.72 -4.13
N MET A 78 -5.58 -11.06 -3.24
CA MET A 78 -4.99 -9.77 -3.55
C MET A 78 -6.07 -8.70 -3.75
N VAL A 79 -6.99 -8.68 -2.80
CA VAL A 79 -8.09 -7.72 -2.84
C VAL A 79 -8.57 -7.43 -1.42
N GLN A 80 -9.01 -6.20 -1.22
CA GLN A 80 -9.50 -5.78 0.08
C GLN A 80 -10.99 -5.45 0.02
N TYR A 81 -11.72 -5.96 1.00
CA TYR A 81 -13.15 -5.74 1.05
C TYR A 81 -13.58 -5.26 2.45
N ARG A 82 -14.74 -4.63 2.49
CA ARG A 82 -15.26 -4.12 3.75
C ARG A 82 -15.86 -5.26 4.57
N ARG A 83 -15.59 -5.22 5.87
CA ARG A 83 -16.10 -6.23 6.77
C ARG A 83 -17.62 -6.32 6.67
N ASN A 84 -18.28 -5.32 7.23
CA ASN A 84 -19.73 -5.28 7.20
C ASN A 84 -20.22 -5.40 5.76
N GLU A 85 -19.63 -4.60 4.90
CA GLU A 85 -20.01 -4.61 3.49
C GLU A 85 -19.02 -5.48 2.69
N HIS A 86 -19.18 -6.78 2.84
CA HIS A 86 -18.32 -7.73 2.15
C HIS A 86 -18.37 -7.45 0.64
N GLY A 87 -19.41 -6.74 0.24
CA GLY A 87 -19.59 -6.41 -1.17
C GLY A 87 -18.48 -5.47 -1.65
N ARG A 88 -18.34 -4.36 -0.94
CA ARG A 88 -17.33 -3.36 -1.28
C ARG A 88 -15.94 -3.98 -1.20
N ARG A 89 -15.31 -4.12 -2.37
CA ARG A 89 -13.98 -4.69 -2.44
C ARG A 89 -13.20 -4.07 -3.60
N ARG A 90 -11.87 -4.14 -3.48
CA ARG A 90 -11.01 -3.59 -4.51
C ARG A 90 -9.73 -4.42 -4.62
N LYS A 91 -9.20 -4.46 -5.84
CA LYS A 91 -7.98 -5.21 -6.10
C LYS A 91 -6.79 -4.46 -5.52
N ILE A 92 -5.83 -5.22 -5.02
CA ILE A 92 -4.63 -4.64 -4.43
C ILE A 92 -3.40 -5.31 -5.04
N LYS A 93 -2.27 -4.64 -4.91
CA LYS A 93 -1.01 -5.15 -5.42
C LYS A 93 0.15 -4.56 -4.64
N ARG A 94 1.09 -5.42 -4.29
CA ARG A 94 2.26 -4.99 -3.53
C ARG A 94 3.41 -4.69 -4.48
N ASP A 95 3.76 -3.41 -4.55
CA ASP A 95 4.85 -2.97 -5.41
C ASP A 95 6.04 -2.56 -4.54
N ILE A 96 7.08 -2.08 -5.21
CA ILE A 96 8.27 -1.64 -4.53
C ILE A 96 8.58 -0.19 -4.91
N ILE A 97 8.94 0.59 -3.90
CA ILE A 97 9.26 1.99 -4.12
C ILE A 97 10.78 2.17 -4.08
N ASP A 98 11.26 3.11 -4.87
CA ASP A 98 12.68 3.40 -4.94
C ASP A 98 13.47 2.10 -4.73
N ILE A 99 13.27 1.16 -5.65
CA ILE A 99 13.94 -0.12 -5.57
C ILE A 99 15.37 0.10 -5.05
N PRO A 100 15.87 -0.91 -4.29
CA PRO A 100 17.20 -0.85 -3.73
C PRO A 100 18.26 -1.11 -4.80
N LYS A 101 19.42 -0.50 -4.61
CA LYS A 101 20.51 -0.65 -5.56
C LYS A 101 21.40 -1.81 -5.11
N LYS A 102 21.18 -2.25 -3.88
CA LYS A 102 21.95 -3.35 -3.33
C LYS A 102 21.35 -4.68 -3.81
N GLY A 103 20.06 -4.63 -4.09
CA GLY A 103 19.36 -5.82 -4.56
C GLY A 103 19.93 -6.30 -5.89
N VAL A 104 19.93 -5.39 -6.86
CA VAL A 104 20.43 -5.70 -8.19
C VAL A 104 19.59 -6.83 -8.80
N SER A 105 19.39 -6.73 -10.11
CA SER A 105 18.61 -7.73 -10.82
C SER A 105 19.34 -9.06 -10.82
N GLY A 106 18.57 -10.13 -11.02
CA GLY A 106 19.12 -11.47 -11.03
C GLY A 106 20.39 -11.52 -11.89
N PRO A 107 21.54 -11.72 -11.21
CA PRO A 107 22.82 -11.80 -11.90
C PRO A 107 22.99 -13.13 -12.62
N SER A 108 22.86 -14.21 -11.84
CA SER A 108 22.98 -15.54 -12.39
C SER A 108 22.83 -16.58 -11.28
N SER A 109 22.86 -17.84 -11.67
CA SER A 109 22.74 -18.94 -10.72
C SER A 109 21.42 -18.82 -9.96
N GLY A 110 21.00 -19.93 -9.39
CA GLY A 110 19.76 -19.97 -8.63
C GLY A 110 19.78 -21.08 -7.59
N PRO A 1 2.24 21.85 -32.46
CA PRO A 1 0.98 21.39 -33.05
C PRO A 1 -0.13 21.42 -32.01
N SER A 2 -1.32 21.04 -32.46
CA SER A 2 -2.49 21.02 -31.59
C SER A 2 -2.69 19.61 -31.02
N SER A 3 -2.51 19.50 -29.72
CA SER A 3 -2.68 18.22 -29.05
C SER A 3 -3.22 18.43 -27.63
N GLY A 4 -3.98 17.45 -27.18
CA GLY A 4 -4.56 17.51 -25.84
C GLY A 4 -4.54 16.14 -25.17
N SER A 5 -3.43 15.88 -24.49
CA SER A 5 -3.26 14.62 -23.78
C SER A 5 -2.04 14.68 -22.87
N SER A 6 -2.30 14.77 -21.58
CA SER A 6 -1.24 14.84 -20.60
C SER A 6 -0.41 16.10 -20.81
N GLY A 7 0.39 16.43 -19.81
CA GLY A 7 1.23 17.61 -19.87
C GLY A 7 0.42 18.88 -19.62
N PHE A 8 -0.46 19.17 -20.56
CA PHE A 8 -1.30 20.35 -20.47
C PHE A 8 -2.78 19.96 -20.32
N LEU A 9 -3.31 20.20 -19.13
CA LEU A 9 -4.70 19.88 -18.85
C LEU A 9 -5.04 20.30 -17.42
N ASP A 10 -5.00 21.60 -17.20
CA ASP A 10 -5.30 22.14 -15.88
C ASP A 10 -4.26 21.65 -14.88
N LYS A 11 -3.31 22.51 -14.57
CA LYS A 11 -2.26 22.18 -13.63
C LYS A 11 -1.32 21.15 -14.27
N PRO A 12 0.00 21.30 -13.94
CA PRO A 12 1.00 20.40 -14.49
C PRO A 12 0.94 19.04 -13.80
N THR A 13 1.97 18.24 -14.05
CA THR A 13 2.04 16.92 -13.45
C THR A 13 1.59 16.95 -11.99
N LEU A 14 1.05 15.82 -11.54
CA LEU A 14 0.57 15.71 -10.18
C LEU A 14 1.72 15.28 -9.26
N LEU A 15 2.89 15.15 -9.87
CA LEU A 15 4.07 14.75 -9.13
C LEU A 15 5.28 15.57 -9.60
N SER A 16 6.42 15.27 -9.01
CA SER A 16 7.65 15.98 -9.36
C SER A 16 8.60 15.02 -10.09
N PRO A 17 9.63 15.63 -10.75
CA PRO A 17 10.61 14.85 -11.48
C PRO A 17 11.59 14.16 -10.53
N GLU A 18 11.56 14.60 -9.28
CA GLU A 18 12.42 14.03 -8.26
C GLU A 18 11.83 12.73 -7.73
N GLU A 19 10.51 12.70 -7.66
CA GLU A 19 9.81 11.53 -7.18
C GLU A 19 10.16 10.30 -8.02
N LEU A 20 10.28 10.54 -9.32
CA LEU A 20 10.61 9.48 -10.25
C LEU A 20 11.85 8.74 -9.75
N LYS A 21 12.64 9.44 -8.95
CA LYS A 21 13.85 8.87 -8.40
C LYS A 21 13.49 7.73 -7.45
N ALA A 22 12.52 8.01 -6.59
CA ALA A 22 12.06 7.02 -5.62
C ALA A 22 11.93 5.66 -6.31
N ALA A 23 11.65 5.71 -7.61
CA ALA A 23 11.49 4.50 -8.39
C ALA A 23 12.76 3.65 -8.26
N SER A 24 13.88 4.27 -8.55
CA SER A 24 15.16 3.59 -8.48
C SER A 24 15.40 3.07 -7.06
N ARG A 25 15.23 3.97 -6.11
CA ARG A 25 15.42 3.63 -4.70
C ARG A 25 14.40 2.55 -4.29
N GLY A 26 13.40 2.36 -5.13
CA GLY A 26 12.37 1.37 -4.87
C GLY A 26 12.97 0.11 -4.26
N ASN A 27 14.12 -0.28 -4.79
CA ASN A 27 14.81 -1.46 -4.31
C ASN A 27 14.74 -1.51 -2.78
N GLY A 28 14.64 -0.33 -2.20
CA GLY A 28 14.56 -0.22 -0.74
C GLY A 28 13.66 -1.31 -0.16
N GLU A 29 12.37 -1.15 -0.38
CA GLU A 29 11.40 -2.12 0.12
C GLU A 29 10.19 -2.19 -0.83
N TYR A 30 9.16 -2.88 -0.36
CA TYR A 30 7.96 -3.03 -1.15
C TYR A 30 6.74 -2.45 -0.41
N ALA A 31 5.87 -1.81 -1.18
CA ALA A 31 4.69 -1.20 -0.61
C ALA A 31 3.44 -1.93 -1.15
N TRP A 32 2.29 -1.47 -0.70
CA TRP A 32 1.03 -2.06 -1.12
C TRP A 32 0.17 -0.95 -1.73
N TYR A 33 -0.67 -1.34 -2.67
CA TYR A 33 -1.56 -0.40 -3.33
C TYR A 33 -2.93 -1.03 -3.61
N TYR A 34 -3.92 -0.18 -3.76
CA TYR A 34 -5.28 -0.64 -4.05
C TYR A 34 -5.84 0.06 -5.29
N GLU A 35 -6.78 -0.62 -5.93
CA GLU A 35 -7.42 -0.08 -7.12
C GLU A 35 -8.04 1.28 -6.82
N GLY A 36 -7.87 2.21 -7.74
CA GLY A 36 -8.42 3.55 -7.58
C GLY A 36 -9.02 4.04 -8.89
N ARG A 37 -8.93 5.36 -9.09
CA ARG A 37 -9.46 5.97 -10.29
C ARG A 37 -8.44 5.90 -11.43
N ASN A 38 -7.34 6.61 -11.24
CA ASN A 38 -6.29 6.63 -12.24
C ASN A 38 -5.79 5.20 -12.49
N GLY A 39 -5.46 4.53 -11.39
CA GLY A 39 -4.97 3.16 -11.47
C GLY A 39 -4.89 2.53 -10.08
N TRP A 40 -3.70 2.61 -9.49
CA TRP A 40 -3.49 2.06 -8.17
C TRP A 40 -3.06 3.19 -7.24
N TRP A 41 -3.75 3.27 -6.11
CA TRP A 41 -3.47 4.30 -5.13
C TRP A 41 -2.89 3.63 -3.88
N GLN A 42 -2.12 4.39 -3.14
CA GLN A 42 -1.50 3.88 -1.92
C GLN A 42 -2.42 4.11 -0.72
N TYR A 43 -2.38 3.17 0.21
CA TYR A 43 -3.20 3.26 1.40
C TYR A 43 -2.76 4.43 2.28
N ASP A 44 -1.59 4.27 2.88
CA ASP A 44 -1.04 5.30 3.75
C ASP A 44 0.35 4.87 4.22
N GLU A 45 0.38 3.88 5.09
CA GLU A 45 1.64 3.38 5.61
C GLU A 45 1.39 2.28 6.64
N ARG A 46 0.37 2.51 7.46
CA ARG A 46 0.01 1.55 8.50
C ARG A 46 -0.72 0.36 7.88
N THR A 47 -1.75 0.66 7.11
CA THR A 47 -2.53 -0.38 6.46
C THR A 47 -1.62 -1.42 5.83
N SER A 48 -0.58 -0.92 5.17
CA SER A 48 0.37 -1.80 4.51
C SER A 48 1.23 -2.52 5.57
N ARG A 49 1.74 -1.74 6.51
CA ARG A 49 2.57 -2.28 7.57
C ARG A 49 1.96 -3.59 8.10
N GLU A 50 0.65 -3.68 7.99
CA GLU A 50 -0.06 -4.86 8.44
C GLU A 50 -0.18 -5.89 7.31
N LEU A 51 -0.36 -5.37 6.11
CA LEU A 51 -0.48 -6.22 4.94
C LEU A 51 0.87 -6.85 4.62
N GLU A 52 1.92 -6.06 4.81
CA GLU A 52 3.27 -6.52 4.55
C GLU A 52 3.66 -7.58 5.58
N ASP A 53 3.25 -7.37 6.81
CA ASP A 53 3.54 -8.29 7.89
C ASP A 53 2.80 -9.60 7.65
N ALA A 54 1.50 -9.48 7.43
CA ALA A 54 0.66 -10.64 7.19
C ALA A 54 1.26 -11.46 6.05
N PHE A 55 1.19 -10.90 4.85
CA PHE A 55 1.73 -11.57 3.68
C PHE A 55 3.01 -12.32 4.01
N SER A 56 3.92 -11.63 4.69
CA SER A 56 5.18 -12.23 5.08
C SER A 56 4.95 -13.35 6.08
N LYS A 57 4.44 -12.96 7.24
CA LYS A 57 4.16 -13.92 8.30
C LYS A 57 3.59 -15.20 7.68
N GLY A 58 2.74 -15.00 6.69
CA GLY A 58 2.12 -16.13 6.01
C GLY A 58 0.60 -15.95 5.93
N LYS A 59 0.10 -15.04 6.75
CA LYS A 59 -1.32 -14.76 6.79
C LYS A 59 -1.81 -14.41 5.38
N LYS A 60 -2.97 -14.94 5.03
CA LYS A 60 -3.54 -14.70 3.73
C LYS A 60 -4.33 -13.39 3.77
N ASN A 61 -5.29 -13.34 4.69
CA ASN A 61 -6.13 -12.15 4.84
C ASN A 61 -5.76 -11.45 6.15
N THR A 62 -6.21 -10.21 6.26
CA THR A 62 -5.94 -9.41 7.45
C THR A 62 -7.01 -8.33 7.62
N GLU A 63 -7.67 -8.37 8.77
CA GLU A 63 -8.71 -7.40 9.07
C GLU A 63 -8.09 -6.13 9.64
N MET A 64 -8.47 -5.00 9.05
CA MET A 64 -7.97 -3.72 9.50
C MET A 64 -9.12 -2.75 9.77
N LEU A 65 -9.21 -2.34 11.03
CA LEU A 65 -10.26 -1.41 11.45
C LEU A 65 -9.77 0.03 11.23
N ILE A 66 -10.24 0.62 10.14
CA ILE A 66 -9.86 1.98 9.80
C ILE A 66 -10.75 2.95 10.59
N ALA A 67 -10.46 4.23 10.42
CA ALA A 67 -11.21 5.27 11.10
C ALA A 67 -12.72 4.96 10.98
N GLY A 68 -13.22 4.24 11.97
CA GLY A 68 -14.62 3.87 11.99
C GLY A 68 -15.02 3.16 10.69
N PHE A 69 -14.13 2.30 10.24
CA PHE A 69 -14.38 1.54 9.02
C PHE A 69 -13.65 0.19 9.04
N LEU A 70 -14.38 -0.82 9.47
CA LEU A 70 -13.82 -2.16 9.55
C LEU A 70 -13.59 -2.70 8.14
N TYR A 71 -12.33 -2.96 7.84
CA TYR A 71 -11.96 -3.47 6.53
C TYR A 71 -11.29 -4.84 6.66
N VAL A 72 -11.28 -5.56 5.54
CA VAL A 72 -10.67 -6.89 5.50
C VAL A 72 -9.84 -7.03 4.22
N ALA A 73 -8.61 -7.48 4.40
CA ALA A 73 -7.71 -7.66 3.27
C ALA A 73 -7.58 -9.16 2.98
N ASP A 74 -7.53 -9.48 1.69
CA ASP A 74 -7.41 -10.86 1.28
C ASP A 74 -6.28 -10.98 0.23
N LEU A 75 -5.15 -11.48 0.69
CA LEU A 75 -4.00 -11.64 -0.18
C LEU A 75 -4.24 -12.81 -1.13
N GLU A 76 -4.86 -13.85 -0.58
CA GLU A 76 -5.16 -15.04 -1.37
C GLU A 76 -5.67 -14.65 -2.76
N ASN A 77 -6.59 -13.70 -2.76
CA ASN A 77 -7.17 -13.22 -4.01
C ASN A 77 -6.53 -11.89 -4.38
N MET A 78 -5.83 -11.31 -3.42
CA MET A 78 -5.17 -10.03 -3.63
C MET A 78 -6.19 -8.90 -3.77
N VAL A 79 -7.21 -8.96 -2.92
CA VAL A 79 -8.25 -7.95 -2.95
C VAL A 79 -8.59 -7.55 -1.51
N GLN A 80 -9.15 -6.35 -1.38
CA GLN A 80 -9.53 -5.85 -0.08
C GLN A 80 -11.01 -5.46 -0.07
N TYR A 81 -11.73 -6.01 0.90
CA TYR A 81 -13.15 -5.73 1.03
C TYR A 81 -13.50 -5.37 2.47
N ARG A 82 -14.54 -4.56 2.61
CA ARG A 82 -14.99 -4.12 3.93
C ARG A 82 -15.39 -5.33 4.77
N ARG A 83 -15.20 -5.19 6.08
CA ARG A 83 -15.55 -6.26 6.99
C ARG A 83 -17.03 -6.59 6.89
N ASN A 84 -17.85 -5.67 7.37
CA ASN A 84 -19.29 -5.85 7.34
C ASN A 84 -19.76 -5.91 5.88
N GLU A 85 -19.44 -4.85 5.15
CA GLU A 85 -19.82 -4.77 3.75
C GLU A 85 -18.76 -5.41 2.87
N HIS A 86 -19.04 -6.64 2.45
CA HIS A 86 -18.12 -7.37 1.61
C HIS A 86 -18.18 -6.83 0.18
N GLY A 87 -19.36 -6.34 -0.19
CA GLY A 87 -19.57 -5.79 -1.51
C GLY A 87 -18.48 -4.78 -1.86
N ARG A 88 -18.23 -3.87 -0.92
CA ARG A 88 -17.22 -2.85 -1.10
C ARG A 88 -15.82 -3.46 -0.99
N ARG A 89 -15.14 -3.52 -2.12
CA ARG A 89 -13.80 -4.08 -2.16
C ARG A 89 -13.04 -3.55 -3.38
N ARG A 90 -11.75 -3.84 -3.41
CA ARG A 90 -10.91 -3.41 -4.52
C ARG A 90 -9.64 -4.26 -4.59
N LYS A 91 -9.18 -4.46 -5.81
CA LYS A 91 -7.97 -5.26 -6.03
C LYS A 91 -6.76 -4.50 -5.47
N ILE A 92 -5.83 -5.28 -4.93
CA ILE A 92 -4.62 -4.70 -4.36
C ILE A 92 -3.40 -5.22 -5.13
N LYS A 93 -2.29 -4.53 -4.92
CA LYS A 93 -1.05 -4.92 -5.58
C LYS A 93 0.13 -4.50 -4.71
N ARG A 94 1.29 -5.06 -5.04
CA ARG A 94 2.51 -4.75 -4.31
C ARG A 94 3.44 -3.87 -5.15
N ASP A 95 3.76 -2.72 -4.60
CA ASP A 95 4.65 -1.79 -5.28
C ASP A 95 6.03 -1.83 -4.65
N ILE A 96 6.93 -1.02 -5.19
CA ILE A 96 8.29 -0.98 -4.69
C ILE A 96 8.60 0.45 -4.20
N ILE A 97 8.99 0.52 -2.94
CA ILE A 97 9.32 1.80 -2.33
C ILE A 97 10.51 1.63 -1.38
N ASP A 98 10.32 2.09 -0.16
CA ASP A 98 11.36 2.00 0.85
C ASP A 98 10.86 2.60 2.17
N ILE A 99 10.36 1.72 3.02
CA ILE A 99 9.84 2.16 4.32
C ILE A 99 10.72 1.60 5.43
N PRO A 100 10.92 2.43 6.48
CA PRO A 100 11.74 2.03 7.62
C PRO A 100 11.00 1.03 8.50
N LYS A 101 11.63 -0.11 8.71
CA LYS A 101 11.04 -1.16 9.54
C LYS A 101 11.58 -1.03 10.96
N LYS A 102 12.88 -1.26 11.10
CA LYS A 102 13.51 -1.18 12.40
C LYS A 102 12.94 0.02 13.17
N GLY A 103 13.15 1.20 12.60
CA GLY A 103 12.67 2.42 13.22
C GLY A 103 11.28 2.22 13.83
N VAL A 104 10.42 1.56 13.06
CA VAL A 104 9.06 1.30 13.51
C VAL A 104 9.10 0.32 14.68
N SER A 105 9.56 -0.89 14.39
CA SER A 105 9.65 -1.92 15.40
C SER A 105 10.74 -2.94 15.03
N GLY A 106 11.44 -3.41 16.05
CA GLY A 106 12.51 -4.37 15.84
C GLY A 106 11.93 -5.79 15.67
N PRO A 107 12.42 -6.46 14.60
CA PRO A 107 11.97 -7.82 14.31
C PRO A 107 12.60 -8.83 15.28
N SER A 108 11.76 -9.36 16.15
CA SER A 108 12.21 -10.33 17.14
C SER A 108 12.23 -11.73 16.52
N SER A 109 13.40 -12.12 16.03
CA SER A 109 13.56 -13.42 15.42
C SER A 109 13.61 -14.50 16.49
N GLY A 110 13.34 -15.73 16.08
CA GLY A 110 13.34 -16.86 16.99
C GLY A 110 13.09 -18.17 16.25
N PRO A 1 13.84 -20.35 1.74
CA PRO A 1 12.57 -20.70 2.37
C PRO A 1 12.12 -19.61 3.34
N SER A 2 10.88 -19.74 3.79
CA SER A 2 10.31 -18.77 4.72
C SER A 2 8.98 -19.30 5.26
N SER A 3 8.78 -19.08 6.54
CA SER A 3 7.56 -19.52 7.21
C SER A 3 7.48 -18.92 8.61
N GLY A 4 6.28 -18.98 9.17
CA GLY A 4 6.05 -18.45 10.51
C GLY A 4 4.59 -18.61 10.91
N SER A 5 4.35 -18.45 12.21
CA SER A 5 2.99 -18.58 12.74
C SER A 5 2.91 -17.89 14.11
N SER A 6 1.75 -17.30 14.36
CA SER A 6 1.53 -16.62 15.63
C SER A 6 0.03 -16.33 15.81
N GLY A 7 -0.33 -15.96 17.03
CA GLY A 7 -1.71 -15.67 17.34
C GLY A 7 -1.81 -14.54 18.38
N PHE A 8 -2.52 -13.49 18.00
CA PHE A 8 -2.69 -12.34 18.87
C PHE A 8 -3.92 -11.53 18.47
N LEU A 9 -4.24 -10.54 19.30
CA LEU A 9 -5.38 -9.68 19.04
C LEU A 9 -4.90 -8.27 18.72
N ASP A 10 -4.29 -7.64 19.71
CA ASP A 10 -3.78 -6.30 19.54
C ASP A 10 -4.93 -5.35 19.21
N LYS A 11 -4.95 -4.22 19.91
CA LYS A 11 -5.99 -3.23 19.70
C LYS A 11 -5.40 -2.03 18.96
N PRO A 12 -6.26 -1.42 18.10
CA PRO A 12 -5.84 -0.26 17.31
C PRO A 12 -5.76 1.00 18.19
N THR A 13 -4.71 1.77 17.98
CA THR A 13 -4.51 2.99 18.74
C THR A 13 -4.05 4.12 17.81
N LEU A 14 -4.11 5.34 18.35
CA LEU A 14 -3.69 6.51 17.59
C LEU A 14 -2.23 6.36 17.16
N LEU A 15 -1.87 7.07 16.12
CA LEU A 15 -0.52 7.02 15.60
C LEU A 15 0.47 7.12 16.78
N SER A 16 1.72 6.80 16.49
CA SER A 16 2.75 6.84 17.51
C SER A 16 3.97 7.60 16.98
N PRO A 17 5.00 7.72 17.86
CA PRO A 17 6.22 8.42 17.50
C PRO A 17 7.08 7.57 16.56
N GLU A 18 6.72 6.30 16.47
CA GLU A 18 7.45 5.37 15.62
C GLU A 18 6.99 5.51 14.16
N GLU A 19 5.69 5.65 14.01
CA GLU A 19 5.10 5.79 12.68
C GLU A 19 5.82 6.90 11.91
N LEU A 20 6.24 7.91 12.66
CA LEU A 20 6.94 9.04 12.05
C LEU A 20 8.19 8.53 11.31
N LYS A 21 9.13 8.03 12.09
CA LYS A 21 10.37 7.51 11.52
C LYS A 21 10.04 6.32 10.60
N ALA A 22 8.85 5.77 10.80
CA ALA A 22 8.41 4.64 10.01
C ALA A 22 8.16 5.10 8.57
N ALA A 23 7.82 6.38 8.44
CA ALA A 23 7.55 6.94 7.13
C ALA A 23 8.86 7.01 6.33
N SER A 24 9.91 7.46 7.00
CA SER A 24 11.20 7.57 6.37
C SER A 24 11.47 6.33 5.49
N ARG A 25 10.86 5.23 5.87
CA ARG A 25 11.02 3.99 5.14
C ARG A 25 10.99 4.27 3.63
N GLY A 26 10.24 5.29 3.26
CA GLY A 26 10.13 5.67 1.86
C GLY A 26 11.51 5.81 1.22
N ASN A 27 12.50 6.00 2.07
CA ASN A 27 13.87 6.15 1.60
C ASN A 27 14.27 4.91 0.79
N GLY A 28 13.49 3.85 0.97
CA GLY A 28 13.75 2.61 0.27
C GLY A 28 13.10 1.42 1.00
N GLU A 29 11.96 1.00 0.45
CA GLU A 29 11.24 -0.12 1.04
C GLU A 29 10.12 -0.57 0.10
N TYR A 30 9.11 -1.19 0.69
CA TYR A 30 7.98 -1.68 -0.08
C TYR A 30 6.72 -0.86 0.23
N ALA A 31 5.70 -1.08 -0.59
CA ALA A 31 4.44 -0.37 -0.43
C ALA A 31 3.34 -1.11 -1.18
N TRP A 32 2.19 -1.22 -0.53
CA TRP A 32 1.05 -1.89 -1.13
C TRP A 32 0.18 -0.85 -1.83
N TYR A 33 -0.69 -1.32 -2.70
CA TYR A 33 -1.58 -0.45 -3.42
C TYR A 33 -2.95 -1.10 -3.63
N TYR A 34 -3.93 -0.26 -3.95
CA TYR A 34 -5.28 -0.74 -4.18
C TYR A 34 -5.91 -0.05 -5.39
N GLU A 35 -6.75 -0.81 -6.09
CA GLU A 35 -7.41 -0.28 -7.26
C GLU A 35 -8.08 1.06 -6.95
N GLY A 36 -7.48 2.12 -7.49
CA GLY A 36 -8.00 3.46 -7.28
C GLY A 36 -8.49 4.07 -8.59
N ARG A 37 -8.97 5.30 -8.49
CA ARG A 37 -9.46 6.01 -9.65
C ARG A 37 -8.40 6.05 -10.75
N ASN A 38 -7.29 6.72 -10.43
CA ASN A 38 -6.20 6.83 -11.38
C ASN A 38 -5.79 5.43 -11.85
N GLY A 39 -5.79 4.50 -10.92
CA GLY A 39 -5.43 3.13 -11.22
C GLY A 39 -5.14 2.33 -9.94
N TRP A 40 -4.04 2.70 -9.29
CA TRP A 40 -3.66 2.04 -8.05
C TRP A 40 -3.22 3.11 -7.05
N TRP A 41 -4.02 3.26 -6.01
CA TRP A 41 -3.74 4.24 -4.98
C TRP A 41 -3.04 3.53 -3.83
N GLN A 42 -2.14 4.26 -3.18
CA GLN A 42 -1.40 3.71 -2.06
C GLN A 42 -2.17 3.92 -0.75
N TYR A 43 -1.77 3.17 0.27
CA TYR A 43 -2.41 3.27 1.56
C TYR A 43 -1.76 4.35 2.42
N ASP A 44 -2.16 4.39 3.68
CA ASP A 44 -1.63 5.38 4.61
C ASP A 44 -0.23 4.93 5.07
N GLU A 45 -0.22 3.82 5.80
CA GLU A 45 1.04 3.29 6.31
C GLU A 45 0.77 2.05 7.16
N ARG A 46 -0.21 2.18 8.04
CA ARG A 46 -0.58 1.09 8.92
C ARG A 46 -1.17 -0.08 8.11
N THR A 47 -2.13 0.27 7.27
CA THR A 47 -2.78 -0.73 6.44
C THR A 47 -1.75 -1.69 5.85
N SER A 48 -0.76 -1.12 5.17
CA SER A 48 0.29 -1.90 4.55
C SER A 48 1.05 -2.69 5.62
N ARG A 49 1.42 -1.98 6.68
CA ARG A 49 2.15 -2.60 7.77
C ARG A 49 1.52 -3.94 8.14
N GLU A 50 0.23 -4.04 7.86
CA GLU A 50 -0.51 -5.26 8.16
C GLU A 50 -0.49 -6.20 6.96
N LEU A 51 -0.54 -5.59 5.78
CA LEU A 51 -0.52 -6.36 4.54
C LEU A 51 0.75 -7.21 4.48
N GLU A 52 1.87 -6.53 4.70
CA GLU A 52 3.16 -7.21 4.68
C GLU A 52 3.19 -8.33 5.70
N ASP A 53 3.01 -7.96 6.96
CA ASP A 53 3.02 -8.93 8.05
C ASP A 53 2.24 -10.17 7.61
N ALA A 54 1.01 -9.95 7.18
CA ALA A 54 0.17 -11.04 6.73
C ALA A 54 0.84 -11.77 5.57
N PHE A 55 0.99 -11.04 4.47
CA PHE A 55 1.62 -11.59 3.28
C PHE A 55 2.86 -12.43 3.65
N SER A 56 3.65 -11.86 4.55
CA SER A 56 4.86 -12.54 5.00
C SER A 56 4.50 -13.73 5.89
N LYS A 57 3.94 -13.41 7.05
CA LYS A 57 3.54 -14.44 7.99
C LYS A 57 2.92 -15.62 7.23
N GLY A 58 2.16 -15.28 6.20
CA GLY A 58 1.51 -16.29 5.39
C GLY A 58 -0.01 -16.14 5.44
N LYS A 59 -0.45 -15.28 6.35
CA LYS A 59 -1.89 -15.04 6.51
C LYS A 59 -2.51 -14.74 5.15
N LYS A 60 -3.64 -15.37 4.90
CA LYS A 60 -4.35 -15.17 3.65
C LYS A 60 -5.08 -13.83 3.69
N ASN A 61 -5.88 -13.66 4.73
CA ASN A 61 -6.64 -12.44 4.89
C ASN A 61 -6.13 -11.68 6.12
N THR A 62 -6.16 -10.36 6.01
CA THR A 62 -5.70 -9.51 7.09
C THR A 62 -6.76 -8.47 7.45
N GLU A 63 -6.58 -7.87 8.62
CA GLU A 63 -7.52 -6.87 9.09
C GLU A 63 -6.87 -5.48 9.09
N MET A 64 -7.68 -4.47 8.87
CA MET A 64 -7.20 -3.10 8.83
C MET A 64 -8.32 -2.11 9.18
N LEU A 65 -8.07 -1.33 10.22
CA LEU A 65 -9.05 -0.35 10.67
C LEU A 65 -8.85 0.94 9.87
N ILE A 66 -9.73 1.14 8.90
CA ILE A 66 -9.67 2.33 8.06
C ILE A 66 -10.51 3.43 8.69
N ALA A 67 -10.47 4.60 8.06
CA ALA A 67 -11.22 5.75 8.54
C ALA A 67 -12.57 5.27 9.09
N GLY A 68 -12.58 5.00 10.39
CA GLY A 68 -13.79 4.54 11.05
C GLY A 68 -14.50 3.47 10.21
N PHE A 69 -13.73 2.48 9.80
CA PHE A 69 -14.28 1.39 9.00
C PHE A 69 -13.37 0.17 9.04
N LEU A 70 -13.90 -0.90 9.59
CA LEU A 70 -13.16 -2.14 9.70
C LEU A 70 -13.07 -2.81 8.32
N TYR A 71 -11.85 -2.90 7.82
CA TYR A 71 -11.62 -3.51 6.52
C TYR A 71 -10.71 -4.73 6.63
N VAL A 72 -10.68 -5.51 5.56
CA VAL A 72 -9.85 -6.71 5.53
C VAL A 72 -9.18 -6.83 4.16
N ALA A 73 -7.93 -7.27 4.18
CA ALA A 73 -7.18 -7.44 2.95
C ALA A 73 -7.00 -8.93 2.67
N ASP A 74 -7.61 -9.38 1.59
CA ASP A 74 -7.52 -10.77 1.20
C ASP A 74 -6.40 -10.93 0.16
N LEU A 75 -5.27 -11.44 0.62
CA LEU A 75 -4.12 -11.64 -0.26
C LEU A 75 -4.40 -12.85 -1.16
N GLU A 76 -5.33 -13.67 -0.71
CA GLU A 76 -5.68 -14.87 -1.47
C GLU A 76 -6.07 -14.50 -2.90
N ASN A 77 -7.01 -13.57 -3.00
CA ASN A 77 -7.48 -13.12 -4.30
C ASN A 77 -6.81 -11.78 -4.64
N MET A 78 -6.06 -11.27 -3.68
CA MET A 78 -5.38 -10.00 -3.86
C MET A 78 -6.38 -8.85 -3.90
N VAL A 79 -7.32 -8.89 -2.97
CA VAL A 79 -8.34 -7.86 -2.90
C VAL A 79 -8.78 -7.69 -1.44
N GLN A 80 -9.07 -6.44 -1.09
CA GLN A 80 -9.51 -6.13 0.27
C GLN A 80 -10.96 -5.66 0.26
N TYR A 81 -11.67 -6.03 1.32
CA TYR A 81 -13.06 -5.65 1.45
C TYR A 81 -13.42 -5.36 2.92
N ARG A 82 -14.52 -4.64 3.09
CA ARG A 82 -14.98 -4.30 4.43
C ARG A 82 -15.29 -5.56 5.23
N ARG A 83 -15.07 -5.47 6.53
CA ARG A 83 -15.31 -6.59 7.41
C ARG A 83 -16.71 -7.18 7.15
N ASN A 84 -17.71 -6.48 7.66
CA ASN A 84 -19.08 -6.91 7.47
C ASN A 84 -19.52 -6.64 6.04
N GLU A 85 -19.33 -5.40 5.62
CA GLU A 85 -19.70 -5.00 4.27
C GLU A 85 -18.87 -5.78 3.24
N HIS A 86 -19.23 -7.05 3.08
CA HIS A 86 -18.53 -7.90 2.14
C HIS A 86 -18.58 -7.27 0.74
N GLY A 87 -19.49 -6.33 0.57
CA GLY A 87 -19.65 -5.64 -0.70
C GLY A 87 -18.43 -4.79 -1.01
N ARG A 88 -18.23 -3.78 -0.18
CA ARG A 88 -17.10 -2.87 -0.36
C ARG A 88 -15.80 -3.67 -0.47
N ARG A 89 -15.25 -3.68 -1.67
CA ARG A 89 -14.01 -4.40 -1.92
C ARG A 89 -13.23 -3.75 -3.06
N ARG A 90 -11.94 -4.01 -3.09
CA ARG A 90 -11.09 -3.46 -4.12
C ARG A 90 -9.82 -4.33 -4.30
N LYS A 91 -9.27 -4.28 -5.50
CA LYS A 91 -8.08 -5.05 -5.80
C LYS A 91 -6.88 -4.42 -5.09
N ILE A 92 -5.90 -5.26 -4.80
CA ILE A 92 -4.70 -4.80 -4.12
C ILE A 92 -3.47 -5.35 -4.84
N LYS A 93 -2.36 -4.65 -4.69
CA LYS A 93 -1.11 -5.06 -5.31
C LYS A 93 0.05 -4.67 -4.41
N ARG A 94 1.20 -5.30 -4.67
CA ARG A 94 2.39 -5.03 -3.90
C ARG A 94 3.47 -4.41 -4.79
N ASP A 95 3.81 -3.16 -4.48
CA ASP A 95 4.82 -2.46 -5.25
C ASP A 95 6.00 -2.10 -4.33
N ILE A 96 7.13 -1.84 -4.95
CA ILE A 96 8.33 -1.49 -4.19
C ILE A 96 8.58 0.02 -4.33
N ILE A 97 8.89 0.62 -3.19
CA ILE A 97 9.15 2.06 -3.16
C ILE A 97 10.65 2.28 -2.95
N ASP A 98 11.17 3.26 -3.68
CA ASP A 98 12.59 3.59 -3.59
C ASP A 98 13.41 2.31 -3.54
N ILE A 99 13.19 1.46 -4.54
CA ILE A 99 13.89 0.19 -4.62
C ILE A 99 15.31 0.37 -4.07
N PRO A 100 15.61 -0.39 -2.98
CA PRO A 100 16.91 -0.32 -2.35
C PRO A 100 17.96 -1.06 -3.19
N LYS A 101 19.19 -1.01 -2.71
CA LYS A 101 20.29 -1.67 -3.39
C LYS A 101 20.55 -3.04 -2.76
N LYS A 102 20.70 -3.02 -1.44
CA LYS A 102 20.95 -4.23 -0.69
C LYS A 102 19.64 -5.00 -0.50
N GLY A 103 18.63 -4.27 -0.05
CA GLY A 103 17.32 -4.86 0.18
C GLY A 103 16.99 -5.89 -0.91
N VAL A 104 16.88 -5.40 -2.13
CA VAL A 104 16.57 -6.27 -3.26
C VAL A 104 17.50 -7.49 -3.24
N SER A 105 16.90 -8.66 -3.30
CA SER A 105 17.65 -9.90 -3.29
C SER A 105 16.71 -11.09 -3.40
N GLY A 106 16.86 -11.84 -4.48
CA GLY A 106 16.03 -13.02 -4.71
C GLY A 106 16.81 -14.30 -4.44
N PRO A 107 16.05 -15.37 -4.08
CA PRO A 107 16.66 -16.66 -3.80
C PRO A 107 17.08 -17.36 -5.10
N SER A 108 17.73 -18.50 -4.92
CA SER A 108 18.20 -19.27 -6.06
C SER A 108 17.24 -20.43 -6.32
N SER A 109 17.20 -21.36 -5.36
CA SER A 109 16.34 -22.52 -5.47
C SER A 109 16.68 -23.30 -6.75
N GLY A 110 17.27 -24.47 -6.54
CA GLY A 110 17.66 -25.32 -7.65
C GLY A 110 17.67 -26.79 -7.24
N PRO A 1 -41.33 -3.79 -4.54
CA PRO A 1 -40.14 -2.95 -4.47
C PRO A 1 -39.00 -3.67 -3.74
N SER A 2 -37.79 -3.41 -4.19
CA SER A 2 -36.61 -4.02 -3.59
C SER A 2 -35.35 -3.42 -4.21
N SER A 3 -34.22 -3.76 -3.59
CA SER A 3 -32.94 -3.26 -4.06
C SER A 3 -32.84 -1.75 -3.83
N GLY A 4 -31.66 -1.32 -3.42
CA GLY A 4 -31.43 0.09 -3.16
C GLY A 4 -30.09 0.31 -2.45
N SER A 5 -29.62 1.54 -2.49
CA SER A 5 -28.36 1.89 -1.86
C SER A 5 -28.19 3.42 -1.83
N SER A 6 -28.18 4.00 -3.02
CA SER A 6 -28.02 5.44 -3.14
C SER A 6 -26.61 5.86 -2.71
N GLY A 7 -26.18 6.99 -3.23
CA GLY A 7 -24.86 7.51 -2.90
C GLY A 7 -24.74 7.79 -1.41
N PHE A 8 -23.56 8.24 -1.02
CA PHE A 8 -23.30 8.55 0.37
C PHE A 8 -21.92 9.21 0.54
N LEU A 9 -21.94 10.46 0.97
CA LEU A 9 -20.71 11.21 1.18
C LEU A 9 -20.01 11.39 -0.17
N ASP A 10 -19.45 12.58 -0.35
CA ASP A 10 -18.75 12.90 -1.57
C ASP A 10 -18.11 14.29 -1.45
N LYS A 11 -16.88 14.30 -0.94
CA LYS A 11 -16.16 15.54 -0.76
C LYS A 11 -14.65 15.25 -0.73
N PRO A 12 -13.91 16.00 -1.59
CA PRO A 12 -12.47 15.83 -1.68
C PRO A 12 -11.78 16.45 -0.47
N THR A 13 -10.47 16.24 -0.40
CA THR A 13 -9.68 16.78 0.70
C THR A 13 -8.25 17.09 0.23
N LEU A 14 -7.54 17.83 1.05
CA LEU A 14 -6.16 18.19 0.74
C LEU A 14 -5.22 17.16 1.36
N LEU A 15 -5.77 16.00 1.67
CA LEU A 15 -4.99 14.93 2.26
C LEU A 15 -4.65 15.30 3.71
N SER A 16 -4.05 14.35 4.41
CA SER A 16 -3.67 14.56 5.79
C SER A 16 -2.14 14.70 5.90
N PRO A 17 -1.71 15.25 7.06
CA PRO A 17 -0.29 15.46 7.30
C PRO A 17 0.40 14.13 7.63
N GLU A 18 -0.41 13.10 7.83
CA GLU A 18 0.10 11.79 8.15
C GLU A 18 0.49 11.04 6.88
N GLU A 19 -0.25 11.34 5.82
CA GLU A 19 0.00 10.70 4.53
C GLU A 19 1.43 10.99 4.06
N LEU A 20 1.85 12.23 4.30
CA LEU A 20 3.19 12.65 3.91
C LEU A 20 4.20 11.61 4.39
N LYS A 21 3.86 10.95 5.49
CA LYS A 21 4.73 9.93 6.04
C LYS A 21 5.18 8.99 4.94
N ALA A 22 4.37 8.91 3.90
CA ALA A 22 4.67 8.04 2.78
C ALA A 22 6.11 8.29 2.31
N ALA A 23 6.48 9.56 2.30
CA ALA A 23 7.82 9.96 1.89
C ALA A 23 8.84 9.04 2.58
N SER A 24 8.47 8.55 3.74
CA SER A 24 9.33 7.67 4.50
C SER A 24 9.69 6.44 3.66
N ARG A 25 8.66 5.69 3.31
CA ARG A 25 8.85 4.49 2.50
C ARG A 25 9.95 4.73 1.46
N GLY A 26 9.90 5.90 0.85
CA GLY A 26 10.87 6.26 -0.17
C GLY A 26 12.27 5.79 0.22
N ASN A 27 12.50 5.71 1.52
CA ASN A 27 13.78 5.29 2.05
C ASN A 27 14.22 4.01 1.32
N GLY A 28 13.24 3.14 1.07
CA GLY A 28 13.51 1.89 0.39
C GLY A 28 12.78 0.73 1.09
N GLU A 29 11.68 0.32 0.47
CA GLU A 29 10.89 -0.78 1.01
C GLU A 29 9.84 -1.23 0.00
N TYR A 30 8.58 -0.95 0.32
CA TYR A 30 7.48 -1.33 -0.55
C TYR A 30 6.24 -0.49 -0.25
N ALA A 31 5.33 -0.47 -1.22
CA ALA A 31 4.10 0.29 -1.06
C ALA A 31 2.92 -0.57 -1.55
N TRP A 32 1.94 -0.73 -0.68
CA TRP A 32 0.76 -1.50 -1.01
C TRP A 32 -0.26 -0.58 -1.64
N TYR A 33 -0.74 -0.98 -2.81
CA TYR A 33 -1.73 -0.19 -3.52
C TYR A 33 -3.06 -0.93 -3.64
N TYR A 34 -4.12 -0.17 -3.81
CA TYR A 34 -5.45 -0.75 -3.93
C TYR A 34 -6.25 -0.06 -5.04
N GLU A 35 -7.13 -0.83 -5.66
CA GLU A 35 -7.96 -0.30 -6.73
C GLU A 35 -8.74 0.92 -6.25
N GLY A 36 -8.62 2.00 -7.02
CA GLY A 36 -9.30 3.23 -6.68
C GLY A 36 -10.41 3.54 -7.69
N ARG A 37 -10.55 4.83 -8.00
CA ARG A 37 -11.56 5.26 -8.94
C ARG A 37 -10.98 5.30 -10.36
N ASN A 38 -9.81 5.93 -10.47
CA ASN A 38 -9.15 6.05 -11.76
C ASN A 38 -8.16 4.90 -11.92
N GLY A 39 -7.23 4.82 -10.98
CA GLY A 39 -6.22 3.77 -11.00
C GLY A 39 -6.00 3.18 -9.60
N TRP A 40 -4.75 2.84 -9.33
CA TRP A 40 -4.40 2.26 -8.04
C TRP A 40 -4.03 3.41 -7.10
N TRP A 41 -4.38 3.25 -5.84
CA TRP A 41 -4.09 4.24 -4.83
C TRP A 41 -3.24 3.60 -3.74
N GLN A 42 -2.50 4.44 -3.03
CA GLN A 42 -1.64 3.96 -1.97
C GLN A 42 -2.34 4.10 -0.61
N TYR A 43 -1.90 3.29 0.34
CA TYR A 43 -2.47 3.32 1.67
C TYR A 43 -1.82 4.40 2.53
N ASP A 44 -2.15 4.38 3.81
CA ASP A 44 -1.60 5.35 4.74
C ASP A 44 -0.19 4.92 5.14
N GLU A 45 -0.13 3.80 5.86
CA GLU A 45 1.15 3.28 6.31
C GLU A 45 0.93 2.03 7.16
N ARG A 46 0.06 2.17 8.15
CA ARG A 46 -0.25 1.06 9.05
C ARG A 46 -0.93 -0.06 8.27
N THR A 47 -1.95 0.30 7.52
CA THR A 47 -2.69 -0.67 6.73
C THR A 47 -1.73 -1.62 6.01
N SER A 48 -0.66 -1.03 5.47
CA SER A 48 0.33 -1.82 4.76
C SER A 48 1.15 -2.65 5.75
N ARG A 49 1.54 -2.01 6.83
CA ARG A 49 2.33 -2.68 7.86
C ARG A 49 1.72 -4.05 8.19
N GLU A 50 0.42 -4.15 7.94
CA GLU A 50 -0.29 -5.39 8.19
C GLU A 50 -0.29 -6.28 6.94
N LEU A 51 -0.42 -5.62 5.80
CA LEU A 51 -0.43 -6.33 4.53
C LEU A 51 0.82 -7.20 4.42
N GLU A 52 1.96 -6.57 4.64
CA GLU A 52 3.23 -7.27 4.57
C GLU A 52 3.32 -8.31 5.68
N ASP A 53 3.15 -7.84 6.91
CA ASP A 53 3.20 -8.70 8.07
C ASP A 53 2.42 -9.99 7.78
N ALA A 54 1.20 -9.80 7.29
CA ALA A 54 0.35 -10.93 6.98
C ALA A 54 0.96 -11.71 5.81
N PHE A 55 1.14 -11.00 4.70
CA PHE A 55 1.71 -11.62 3.51
C PHE A 55 2.88 -12.53 3.87
N SER A 56 3.81 -11.98 4.62
CA SER A 56 4.99 -12.73 5.04
C SER A 56 4.56 -13.93 5.89
N LYS A 57 3.85 -13.63 6.96
CA LYS A 57 3.37 -14.68 7.86
C LYS A 57 2.73 -15.80 7.03
N GLY A 58 1.95 -15.38 6.04
CA GLY A 58 1.28 -16.33 5.17
C GLY A 58 -0.24 -16.20 5.30
N LYS A 59 -0.66 -15.38 6.25
CA LYS A 59 -2.07 -15.15 6.46
C LYS A 59 -2.76 -14.86 5.14
N LYS A 60 -3.95 -15.42 4.98
CA LYS A 60 -4.71 -15.23 3.75
C LYS A 60 -5.34 -13.83 3.76
N ASN A 61 -6.08 -13.56 4.83
CA ASN A 61 -6.73 -12.28 4.97
C ASN A 61 -6.19 -11.56 6.21
N THR A 62 -6.20 -10.23 6.14
CA THR A 62 -5.71 -9.42 7.25
C THR A 62 -6.74 -8.37 7.63
N GLU A 63 -6.85 -8.13 8.93
CA GLU A 63 -7.79 -7.15 9.45
C GLU A 63 -7.16 -5.76 9.46
N MET A 64 -7.72 -4.88 8.64
CA MET A 64 -7.22 -3.52 8.54
C MET A 64 -8.33 -2.51 8.80
N LEU A 65 -8.07 -1.63 9.75
CA LEU A 65 -9.05 -0.60 10.11
C LEU A 65 -8.65 0.72 9.44
N ILE A 66 -9.48 1.13 8.49
CA ILE A 66 -9.23 2.37 7.77
C ILE A 66 -10.10 3.49 8.35
N ALA A 67 -10.13 4.60 7.66
CA ALA A 67 -10.92 5.75 8.09
C ALA A 67 -12.22 5.25 8.73
N GLY A 68 -12.17 5.07 10.04
CA GLY A 68 -13.33 4.59 10.77
C GLY A 68 -14.11 3.56 9.96
N PHE A 69 -13.37 2.64 9.36
CA PHE A 69 -13.98 1.60 8.56
C PHE A 69 -13.21 0.28 8.71
N LEU A 70 -13.95 -0.74 9.16
CA LEU A 70 -13.35 -2.05 9.35
C LEU A 70 -13.22 -2.75 8.01
N TYR A 71 -11.97 -2.86 7.56
CA TYR A 71 -11.69 -3.51 6.29
C TYR A 71 -10.80 -4.73 6.48
N VAL A 72 -10.74 -5.55 5.43
CA VAL A 72 -9.92 -6.75 5.47
C VAL A 72 -9.24 -6.94 4.13
N ALA A 73 -7.94 -7.20 4.19
CA ALA A 73 -7.15 -7.40 2.99
C ALA A 73 -6.97 -8.90 2.75
N ASP A 74 -7.52 -9.36 1.63
CA ASP A 74 -7.44 -10.76 1.27
C ASP A 74 -6.33 -10.95 0.22
N LEU A 75 -5.19 -11.43 0.70
CA LEU A 75 -4.05 -11.66 -0.18
C LEU A 75 -4.35 -12.85 -1.09
N GLU A 76 -5.02 -13.84 -0.52
CA GLU A 76 -5.37 -15.03 -1.26
C GLU A 76 -5.95 -14.66 -2.64
N ASN A 77 -6.82 -13.66 -2.61
CA ASN A 77 -7.45 -13.19 -3.84
C ASN A 77 -6.77 -11.90 -4.30
N MET A 78 -5.96 -11.35 -3.41
CA MET A 78 -5.25 -10.11 -3.71
C MET A 78 -6.20 -8.93 -3.79
N VAL A 79 -7.19 -8.94 -2.90
CA VAL A 79 -8.18 -7.88 -2.86
C VAL A 79 -8.68 -7.71 -1.42
N GLN A 80 -8.99 -6.46 -1.08
CA GLN A 80 -9.47 -6.15 0.25
C GLN A 80 -10.94 -5.72 0.19
N TYR A 81 -11.65 -6.02 1.27
CA TYR A 81 -13.06 -5.67 1.35
C TYR A 81 -13.47 -5.38 2.79
N ARG A 82 -14.57 -4.66 2.93
CA ARG A 82 -15.08 -4.31 4.24
C ARG A 82 -15.43 -5.57 5.03
N ARG A 83 -15.20 -5.50 6.34
CA ARG A 83 -15.49 -6.63 7.21
C ARG A 83 -16.94 -7.08 7.02
N ASN A 84 -17.86 -6.28 7.54
CA ASN A 84 -19.27 -6.59 7.43
C ASN A 84 -19.75 -6.30 6.01
N GLU A 85 -19.43 -5.09 5.54
CA GLU A 85 -19.82 -4.69 4.21
C GLU A 85 -18.94 -5.37 3.17
N HIS A 86 -19.00 -6.70 3.17
CA HIS A 86 -18.21 -7.49 2.23
C HIS A 86 -18.30 -6.86 0.85
N GLY A 87 -19.40 -6.16 0.61
CA GLY A 87 -19.62 -5.51 -0.67
C GLY A 87 -18.39 -4.69 -1.08
N ARG A 88 -18.14 -3.64 -0.32
CA ARG A 88 -17.00 -2.77 -0.58
C ARG A 88 -15.71 -3.58 -0.65
N ARG A 89 -15.13 -3.63 -1.84
CA ARG A 89 -13.90 -4.37 -2.05
C ARG A 89 -13.10 -3.75 -3.19
N ARG A 90 -11.82 -4.11 -3.23
CA ARG A 90 -10.94 -3.60 -4.27
C ARG A 90 -9.65 -4.42 -4.32
N LYS A 91 -9.08 -4.50 -5.52
CA LYS A 91 -7.86 -5.24 -5.72
C LYS A 91 -6.71 -4.55 -4.97
N ILE A 92 -5.70 -5.34 -4.64
CA ILE A 92 -4.54 -4.81 -3.94
C ILE A 92 -3.26 -5.31 -4.62
N LYS A 93 -2.19 -4.57 -4.38
CA LYS A 93 -0.90 -4.91 -4.97
C LYS A 93 0.22 -4.37 -4.08
N ARG A 94 1.42 -4.86 -4.33
CA ARG A 94 2.58 -4.43 -3.57
C ARG A 94 3.73 -4.05 -4.52
N ASP A 95 3.99 -2.75 -4.57
CA ASP A 95 5.05 -2.24 -5.42
C ASP A 95 6.23 -1.80 -4.55
N ILE A 96 7.35 -2.49 -4.74
CA ILE A 96 8.55 -2.18 -3.98
C ILE A 96 8.87 -0.69 -4.14
N ILE A 97 9.35 -0.11 -3.05
CA ILE A 97 9.71 1.31 -3.04
C ILE A 97 11.22 1.44 -2.94
N ASP A 98 11.76 2.35 -3.75
CA ASP A 98 13.19 2.59 -3.76
C ASP A 98 13.93 1.32 -3.29
N ILE A 99 13.82 0.28 -4.10
CA ILE A 99 14.45 -0.98 -3.79
C ILE A 99 15.82 -0.72 -3.15
N PRO A 100 16.12 -1.48 -2.06
CA PRO A 100 17.38 -1.33 -1.36
C PRO A 100 18.53 -1.96 -2.17
N LYS A 101 19.73 -1.76 -1.66
CA LYS A 101 20.92 -2.29 -2.31
C LYS A 101 21.32 -3.60 -1.62
N LYS A 102 21.80 -3.46 -0.39
CA LYS A 102 22.22 -4.62 0.38
C LYS A 102 21.13 -5.68 0.33
N GLY A 103 19.89 -5.22 0.20
CA GLY A 103 18.76 -6.12 0.15
C GLY A 103 19.01 -7.25 -0.85
N VAL A 104 19.35 -6.87 -2.07
CA VAL A 104 19.61 -7.83 -3.12
C VAL A 104 18.33 -8.63 -3.41
N SER A 105 17.99 -8.69 -4.69
CA SER A 105 16.80 -9.41 -5.11
C SER A 105 16.69 -10.72 -4.35
N GLY A 106 17.73 -11.53 -4.46
CA GLY A 106 17.76 -12.82 -3.79
C GLY A 106 18.78 -13.75 -4.43
N PRO A 107 19.61 -14.38 -3.56
CA PRO A 107 20.65 -15.30 -4.03
C PRO A 107 20.03 -16.63 -4.45
N SER A 108 20.92 -17.54 -4.85
CA SER A 108 20.47 -18.86 -5.29
C SER A 108 20.26 -19.76 -4.07
N SER A 109 19.57 -20.87 -4.31
CA SER A 109 19.30 -21.83 -3.25
C SER A 109 20.40 -22.88 -3.19
N GLY A 110 20.35 -23.69 -2.14
CA GLY A 110 21.34 -24.73 -1.94
C GLY A 110 21.18 -25.83 -2.99
N PRO A 1 1.09 27.37 -31.33
CA PRO A 1 0.98 26.20 -30.48
C PRO A 1 0.09 25.14 -31.12
N SER A 2 -0.04 24.02 -30.43
CA SER A 2 -0.86 22.92 -30.90
C SER A 2 -1.82 22.47 -29.81
N SER A 3 -2.89 21.81 -30.24
CA SER A 3 -3.89 21.31 -29.31
C SER A 3 -5.02 20.62 -30.06
N GLY A 4 -5.57 19.59 -29.45
CA GLY A 4 -6.66 18.84 -30.06
C GLY A 4 -7.04 17.64 -29.19
N SER A 5 -7.25 16.52 -29.86
CA SER A 5 -7.63 15.30 -29.17
C SER A 5 -8.96 15.49 -28.44
N SER A 6 -9.59 14.37 -28.11
CA SER A 6 -10.86 14.41 -27.41
C SER A 6 -10.73 15.24 -26.13
N GLY A 7 -11.79 15.97 -25.83
CA GLY A 7 -11.81 16.81 -24.64
C GLY A 7 -12.92 16.37 -23.67
N PHE A 8 -13.83 17.29 -23.41
CA PHE A 8 -14.94 17.01 -22.52
C PHE A 8 -14.45 16.34 -21.23
N LEU A 9 -13.28 16.78 -20.78
CA LEU A 9 -12.69 16.24 -19.57
C LEU A 9 -11.88 17.34 -18.87
N ASP A 10 -11.11 16.91 -17.88
CA ASP A 10 -10.28 17.85 -17.12
C ASP A 10 -9.56 17.08 -16.01
N LYS A 11 -8.79 16.09 -16.43
CA LYS A 11 -8.04 15.29 -15.47
C LYS A 11 -6.54 15.45 -15.75
N PRO A 12 -5.95 16.49 -15.10
CA PRO A 12 -4.53 16.76 -15.27
C PRO A 12 -3.68 15.74 -14.48
N THR A 13 -2.49 15.48 -15.02
CA THR A 13 -1.59 14.54 -14.39
C THR A 13 -0.15 15.02 -14.52
N LEU A 14 0.74 14.36 -13.80
CA LEU A 14 2.15 14.69 -13.83
C LEU A 14 2.90 13.84 -12.81
N LEU A 15 3.94 13.17 -13.30
CA LEU A 15 4.75 12.32 -12.44
C LEU A 15 5.16 13.10 -11.19
N SER A 16 5.81 12.40 -10.27
CA SER A 16 6.26 13.00 -9.04
C SER A 16 7.78 12.90 -8.92
N PRO A 17 8.34 13.61 -7.90
CA PRO A 17 9.77 13.60 -7.68
C PRO A 17 10.21 12.28 -7.04
N GLU A 18 9.23 11.49 -6.64
CA GLU A 18 9.49 10.21 -6.02
C GLU A 18 9.55 9.10 -7.07
N GLU A 19 8.68 9.24 -8.06
CA GLU A 19 8.62 8.27 -9.14
C GLU A 19 9.99 8.11 -9.80
N LEU A 20 10.75 9.20 -9.76
CA LEU A 20 12.08 9.21 -10.34
C LEU A 20 13.06 8.45 -9.42
N LYS A 21 12.94 8.75 -8.13
CA LYS A 21 13.79 8.13 -7.14
C LYS A 21 13.42 6.64 -7.04
N ALA A 22 12.13 6.38 -7.02
CA ALA A 22 11.64 5.01 -6.92
C ALA A 22 12.46 4.12 -7.86
N ALA A 23 12.93 4.72 -8.94
CA ALA A 23 13.73 3.99 -9.91
C ALA A 23 14.74 3.11 -9.18
N SER A 24 15.67 3.77 -8.52
CA SER A 24 16.71 3.06 -7.77
C SER A 24 16.33 2.98 -6.29
N ARG A 25 16.17 4.15 -5.69
CA ARG A 25 15.80 4.23 -4.28
C ARG A 25 14.73 3.19 -3.95
N GLY A 26 13.84 2.97 -4.92
CA GLY A 26 12.77 2.01 -4.74
C GLY A 26 13.30 0.70 -4.14
N ASN A 27 14.59 0.47 -4.36
CA ASN A 27 15.22 -0.74 -3.83
C ASN A 27 15.05 -0.79 -2.32
N GLY A 28 14.70 0.36 -1.76
CA GLY A 28 14.49 0.46 -0.32
C GLY A 28 13.63 -0.70 0.19
N GLU A 29 12.34 -0.60 -0.06
CA GLU A 29 11.40 -1.63 0.37
C GLU A 29 10.26 -1.76 -0.63
N TYR A 30 9.09 -2.12 -0.11
CA TYR A 30 7.93 -2.28 -0.95
C TYR A 30 6.67 -1.76 -0.26
N ALA A 31 5.70 -1.37 -1.06
CA ALA A 31 4.45 -0.85 -0.54
C ALA A 31 3.28 -1.61 -1.17
N TRP A 32 2.09 -1.32 -0.66
CA TRP A 32 0.88 -1.98 -1.16
C TRP A 32 -0.02 -0.90 -1.76
N TYR A 33 -0.72 -1.28 -2.82
CA TYR A 33 -1.62 -0.38 -3.50
C TYR A 33 -2.97 -1.04 -3.78
N TYR A 34 -3.96 -0.20 -4.02
CA TYR A 34 -5.30 -0.69 -4.31
C TYR A 34 -5.87 -0.05 -5.57
N GLU A 35 -6.83 -0.74 -6.18
CA GLU A 35 -7.46 -0.24 -7.39
C GLU A 35 -8.15 1.09 -7.11
N GLY A 36 -7.59 2.16 -7.66
CA GLY A 36 -8.15 3.48 -7.47
C GLY A 36 -8.66 4.05 -8.80
N ARG A 37 -8.82 5.36 -8.83
CA ARG A 37 -9.29 6.04 -10.03
C ARG A 37 -8.26 5.94 -11.14
N ASN A 38 -7.11 6.56 -10.89
CA ASN A 38 -6.03 6.55 -11.87
C ASN A 38 -5.69 5.10 -12.23
N GLY A 39 -5.70 4.25 -11.21
CA GLY A 39 -5.39 2.85 -11.40
C GLY A 39 -5.08 2.16 -10.07
N TRP A 40 -3.93 2.51 -9.52
CA TRP A 40 -3.50 1.94 -8.25
C TRP A 40 -3.09 3.10 -7.34
N TRP A 41 -3.67 3.11 -6.15
CA TRP A 41 -3.38 4.15 -5.18
C TRP A 41 -2.74 3.48 -3.95
N GLN A 42 -1.89 4.24 -3.29
CA GLN A 42 -1.21 3.73 -2.11
C GLN A 42 -2.04 4.02 -0.85
N TYR A 43 -1.73 3.28 0.21
CA TYR A 43 -2.45 3.45 1.46
C TYR A 43 -1.77 4.51 2.34
N ASP A 44 -2.30 4.66 3.54
CA ASP A 44 -1.76 5.62 4.49
C ASP A 44 -0.33 5.21 4.87
N GLU A 45 -0.26 4.18 5.71
CA GLU A 45 1.02 3.68 6.16
C GLU A 45 0.82 2.45 7.05
N ARG A 46 -0.19 2.52 7.91
CA ARG A 46 -0.48 1.42 8.81
C ARG A 46 -1.05 0.24 8.02
N THR A 47 -2.02 0.53 7.17
CA THR A 47 -2.65 -0.49 6.37
C THR A 47 -1.59 -1.45 5.80
N SER A 48 -0.62 -0.87 5.12
CA SER A 48 0.45 -1.65 4.54
C SER A 48 1.20 -2.41 5.63
N ARG A 49 1.41 -1.73 6.74
CA ARG A 49 2.12 -2.34 7.86
C ARG A 49 1.46 -3.65 8.25
N GLU A 50 0.16 -3.73 8.00
CA GLU A 50 -0.59 -4.93 8.33
C GLU A 50 -0.59 -5.90 7.14
N LEU A 51 -0.42 -5.33 5.96
CA LEU A 51 -0.38 -6.12 4.74
C LEU A 51 0.93 -6.91 4.69
N GLU A 52 2.02 -6.17 4.73
CA GLU A 52 3.35 -6.78 4.69
C GLU A 52 3.47 -7.85 5.78
N ASP A 53 3.12 -7.45 7.00
CA ASP A 53 3.19 -8.37 8.12
C ASP A 53 2.45 -9.66 7.77
N ALA A 54 1.18 -9.51 7.42
CA ALA A 54 0.36 -10.65 7.06
C ALA A 54 1.00 -11.39 5.90
N PHE A 55 1.10 -10.69 4.77
CA PHE A 55 1.68 -11.27 3.57
C PHE A 55 2.89 -12.14 3.93
N SER A 56 3.74 -11.60 4.80
CA SER A 56 4.93 -12.32 5.23
C SER A 56 4.54 -13.57 6.02
N LYS A 57 3.76 -13.34 7.07
CA LYS A 57 3.32 -14.43 7.91
C LYS A 57 2.67 -15.51 7.04
N GLY A 58 1.90 -15.06 6.06
CA GLY A 58 1.22 -15.97 5.16
C GLY A 58 -0.30 -15.86 5.30
N LYS A 59 -0.71 -15.12 6.31
CA LYS A 59 -2.13 -14.93 6.57
C LYS A 59 -2.85 -14.65 5.25
N LYS A 60 -3.85 -15.46 4.97
CA LYS A 60 -4.62 -15.31 3.74
C LYS A 60 -5.37 -13.99 3.78
N ASN A 61 -6.15 -13.81 4.84
CA ASN A 61 -6.92 -12.59 5.00
C ASN A 61 -6.39 -11.81 6.22
N THR A 62 -6.36 -10.50 6.07
CA THR A 62 -5.90 -9.64 7.15
C THR A 62 -6.96 -8.63 7.54
N GLU A 63 -6.90 -8.19 8.78
CA GLU A 63 -7.86 -7.21 9.28
C GLU A 63 -7.17 -5.86 9.52
N MET A 64 -7.95 -4.81 9.31
CA MET A 64 -7.43 -3.46 9.50
C MET A 64 -8.56 -2.46 9.73
N LEU A 65 -8.52 -1.81 10.88
CA LEU A 65 -9.53 -0.83 11.23
C LEU A 65 -9.20 0.50 10.55
N ILE A 66 -10.04 0.84 9.58
CA ILE A 66 -9.85 2.09 8.84
C ILE A 66 -10.77 3.16 9.42
N ALA A 67 -10.64 4.36 8.88
CA ALA A 67 -11.45 5.48 9.33
C ALA A 67 -12.86 4.98 9.64
N GLY A 68 -13.07 4.64 10.90
CA GLY A 68 -14.36 4.15 11.34
C GLY A 68 -14.94 3.15 10.34
N PHE A 69 -14.11 2.18 9.98
CA PHE A 69 -14.54 1.15 9.04
C PHE A 69 -13.56 -0.03 9.05
N LEU A 70 -14.04 -1.14 9.57
CA LEU A 70 -13.23 -2.34 9.64
C LEU A 70 -13.09 -2.95 8.24
N TYR A 71 -11.85 -3.05 7.80
CA TYR A 71 -11.56 -3.60 6.49
C TYR A 71 -10.68 -4.84 6.60
N VAL A 72 -10.67 -5.62 5.52
CA VAL A 72 -9.87 -6.83 5.49
C VAL A 72 -9.20 -6.95 4.12
N ALA A 73 -7.97 -7.47 4.15
CA ALA A 73 -7.20 -7.64 2.92
C ALA A 73 -7.05 -9.12 2.62
N ASP A 74 -7.49 -9.51 1.43
CA ASP A 74 -7.40 -10.89 1.01
C ASP A 74 -6.17 -11.08 0.12
N LEU A 75 -5.10 -11.55 0.74
CA LEU A 75 -3.86 -11.77 0.03
C LEU A 75 -4.05 -12.91 -0.97
N GLU A 76 -4.94 -13.82 -0.62
CA GLU A 76 -5.23 -14.96 -1.47
C GLU A 76 -5.54 -14.50 -2.89
N ASN A 77 -6.46 -13.55 -2.99
CA ASN A 77 -6.85 -13.02 -4.29
C ASN A 77 -6.20 -11.65 -4.47
N MET A 78 -5.51 -11.20 -3.43
CA MET A 78 -4.84 -9.91 -3.48
C MET A 78 -5.85 -8.77 -3.65
N VAL A 79 -6.81 -8.73 -2.72
CA VAL A 79 -7.82 -7.70 -2.75
C VAL A 79 -8.09 -7.20 -1.33
N GLN A 80 -9.10 -6.36 -1.20
CA GLN A 80 -9.46 -5.81 0.08
C GLN A 80 -10.96 -5.47 0.12
N TYR A 81 -11.61 -5.90 1.18
CA TYR A 81 -13.03 -5.65 1.35
C TYR A 81 -13.36 -5.34 2.81
N ARG A 82 -14.47 -4.65 2.99
CA ARG A 82 -14.93 -4.28 4.33
C ARG A 82 -15.30 -5.54 5.12
N ARG A 83 -15.39 -5.37 6.43
CA ARG A 83 -15.75 -6.47 7.29
C ARG A 83 -17.24 -6.82 7.15
N ASN A 84 -18.07 -5.97 7.74
CA ASN A 84 -19.50 -6.16 7.67
C ASN A 84 -19.97 -5.99 6.23
N GLU A 85 -19.62 -4.85 5.65
CA GLU A 85 -20.00 -4.54 4.29
C GLU A 85 -19.00 -5.16 3.32
N HIS A 86 -19.21 -6.43 3.02
CA HIS A 86 -18.34 -7.16 2.11
C HIS A 86 -18.37 -6.48 0.73
N GLY A 87 -19.42 -5.70 0.52
CA GLY A 87 -19.58 -5.00 -0.74
C GLY A 87 -18.34 -4.16 -1.07
N ARG A 88 -18.11 -3.16 -0.23
CA ARG A 88 -16.97 -2.28 -0.41
C ARG A 88 -15.67 -3.09 -0.45
N ARG A 89 -15.07 -3.13 -1.62
CA ARG A 89 -13.82 -3.86 -1.79
C ARG A 89 -13.12 -3.41 -3.07
N ARG A 90 -11.89 -3.90 -3.24
CA ARG A 90 -11.09 -3.55 -4.40
C ARG A 90 -9.87 -4.45 -4.50
N LYS A 91 -9.20 -4.37 -5.64
CA LYS A 91 -8.01 -5.16 -5.87
C LYS A 91 -6.79 -4.46 -5.26
N ILE A 92 -5.81 -5.25 -4.89
CA ILE A 92 -4.59 -4.72 -4.29
C ILE A 92 -3.38 -5.31 -5.01
N LYS A 93 -2.29 -4.55 -4.99
CA LYS A 93 -1.06 -4.98 -5.63
C LYS A 93 0.13 -4.56 -4.77
N ARG A 94 1.26 -5.21 -5.01
CA ARG A 94 2.48 -4.91 -4.27
C ARG A 94 3.44 -4.10 -5.14
N ASP A 95 3.70 -2.88 -4.70
CA ASP A 95 4.60 -1.99 -5.42
C ASP A 95 5.91 -1.86 -4.64
N ILE A 96 6.84 -1.14 -5.24
CA ILE A 96 8.14 -0.93 -4.61
C ILE A 96 8.13 0.42 -3.88
N ILE A 97 8.81 0.44 -2.75
CA ILE A 97 8.89 1.65 -1.94
C ILE A 97 10.36 2.00 -1.70
N ASP A 98 10.59 3.26 -1.34
CA ASP A 98 11.93 3.73 -1.08
C ASP A 98 11.98 4.39 0.31
N ILE A 99 11.68 3.59 1.32
CA ILE A 99 11.68 4.07 2.69
C ILE A 99 12.44 3.08 3.57
N PRO A 100 13.22 3.65 4.53
CA PRO A 100 14.00 2.83 5.45
C PRO A 100 13.09 2.18 6.51
N LYS A 101 12.44 1.09 6.12
CA LYS A 101 11.56 0.39 7.01
C LYS A 101 12.32 -0.76 7.68
N LYS A 102 13.16 -1.41 6.88
CA LYS A 102 13.94 -2.52 7.38
C LYS A 102 15.03 -2.00 8.32
N GLY A 103 15.75 -1.00 7.83
CA GLY A 103 16.81 -0.39 8.62
C GLY A 103 16.37 -0.17 10.07
N VAL A 104 15.43 0.74 10.22
CA VAL A 104 14.90 1.07 11.54
C VAL A 104 13.96 -0.05 12.00
N SER A 105 14.55 -1.13 12.48
CA SER A 105 13.77 -2.26 12.95
C SER A 105 14.70 -3.31 13.56
N GLY A 106 14.68 -3.37 14.89
CA GLY A 106 15.51 -4.32 15.61
C GLY A 106 14.67 -5.47 16.16
N PRO A 107 15.32 -6.65 16.29
CA PRO A 107 14.64 -7.84 16.79
C PRO A 107 14.44 -7.74 18.31
N SER A 108 13.77 -8.74 18.85
CA SER A 108 13.52 -8.79 20.29
C SER A 108 13.40 -10.24 20.75
N SER A 109 13.88 -10.48 21.96
CA SER A 109 13.84 -11.81 22.54
C SER A 109 13.07 -11.79 23.87
N GLY A 110 13.57 -10.98 24.79
CA GLY A 110 12.94 -10.86 26.09
C GLY A 110 13.02 -12.18 26.86
N PRO A 1 -18.69 0.34 48.31
CA PRO A 1 -18.90 1.16 47.13
C PRO A 1 -19.00 0.29 45.87
N SER A 2 -19.21 0.96 44.75
CA SER A 2 -19.33 0.27 43.48
C SER A 2 -19.33 1.29 42.33
N SER A 3 -18.39 1.10 41.41
CA SER A 3 -18.27 1.98 40.26
C SER A 3 -17.30 1.38 39.24
N GLY A 4 -17.30 1.98 38.06
CA GLY A 4 -16.42 1.53 36.99
C GLY A 4 -17.14 1.56 35.65
N SER A 5 -16.38 1.89 34.61
CA SER A 5 -16.93 1.96 33.27
C SER A 5 -15.85 2.40 32.28
N SER A 6 -15.00 1.45 31.92
CA SER A 6 -13.92 1.71 30.99
C SER A 6 -13.05 0.46 30.82
N GLY A 7 -12.16 0.54 29.85
CA GLY A 7 -11.26 -0.58 29.56
C GLY A 7 -9.81 -0.18 29.81
N PHE A 8 -9.01 -1.17 30.17
CA PHE A 8 -7.60 -0.95 30.43
C PHE A 8 -6.75 -1.43 29.26
N LEU A 9 -5.58 -0.80 29.12
CA LEU A 9 -4.67 -1.14 28.05
C LEU A 9 -3.26 -1.32 28.63
N ASP A 10 -2.58 -2.34 28.13
CA ASP A 10 -1.23 -2.63 28.59
C ASP A 10 -0.51 -3.49 27.54
N LYS A 11 0.72 -3.09 27.24
CA LYS A 11 1.51 -3.82 26.27
C LYS A 11 2.98 -3.37 26.37
N PRO A 12 3.86 -4.14 25.69
CA PRO A 12 5.28 -3.83 25.70
C PRO A 12 5.59 -2.63 24.80
N THR A 13 5.01 -1.50 25.16
CA THR A 13 5.20 -0.28 24.41
C THR A 13 4.84 -0.49 22.94
N LEU A 14 5.18 0.50 22.12
CA LEU A 14 4.89 0.42 20.70
C LEU A 14 6.21 0.19 19.94
N LEU A 15 6.32 0.87 18.81
CA LEU A 15 7.50 0.74 17.97
C LEU A 15 7.90 -0.74 17.88
N SER A 16 9.08 -0.97 17.33
CA SER A 16 9.57 -2.32 17.17
C SER A 16 10.94 -2.30 16.45
N PRO A 17 11.52 -3.52 16.30
CA PRO A 17 12.81 -3.64 15.64
C PRO A 17 12.68 -3.46 14.13
N GLU A 18 11.43 -3.47 13.67
CA GLU A 18 11.15 -3.30 12.26
C GLU A 18 10.97 -1.82 11.92
N GLU A 19 10.77 -1.02 12.96
CA GLU A 19 10.58 0.40 12.79
C GLU A 19 11.92 1.09 12.51
N LEU A 20 12.98 0.39 12.87
CA LEU A 20 14.33 0.93 12.66
C LEU A 20 14.65 0.93 11.17
N LYS A 21 14.25 -0.15 10.51
CA LYS A 21 14.49 -0.28 9.08
C LYS A 21 14.03 1.00 8.37
N ALA A 22 13.10 1.69 9.01
CA ALA A 22 12.57 2.93 8.46
C ALA A 22 13.72 3.73 7.84
N ALA A 23 14.91 3.56 8.40
CA ALA A 23 16.08 4.25 7.92
C ALA A 23 16.35 3.84 6.47
N SER A 24 16.48 2.53 6.28
CA SER A 24 16.73 2.00 4.95
C SER A 24 15.53 2.23 4.04
N ARG A 25 14.36 1.93 4.59
CA ARG A 25 13.12 2.10 3.85
C ARG A 25 13.06 3.48 3.21
N GLY A 26 13.82 4.40 3.80
CA GLY A 26 13.86 5.77 3.32
C GLY A 26 13.84 5.80 1.79
N ASN A 27 14.57 4.86 1.20
CA ASN A 27 14.64 4.77 -0.25
C ASN A 27 13.23 4.58 -0.82
N GLY A 28 12.59 3.51 -0.39
CA GLY A 28 11.25 3.21 -0.84
C GLY A 28 10.76 1.86 -0.29
N GLU A 29 11.29 0.80 -0.87
CA GLU A 29 10.93 -0.55 -0.46
C GLU A 29 9.52 -0.89 -0.93
N TYR A 30 9.14 -2.14 -0.71
CA TYR A 30 7.83 -2.61 -1.12
C TYR A 30 6.75 -1.60 -0.74
N ALA A 31 5.72 -1.54 -1.57
CA ALA A 31 4.61 -0.63 -1.33
C ALA A 31 3.30 -1.30 -1.74
N TRP A 32 2.32 -1.19 -0.87
CA TRP A 32 1.01 -1.77 -1.13
C TRP A 32 0.14 -0.72 -1.83
N TYR A 33 -0.55 -1.17 -2.87
CA TYR A 33 -1.41 -0.29 -3.63
C TYR A 33 -2.78 -0.91 -3.85
N TYR A 34 -3.81 -0.11 -3.58
CA TYR A 34 -5.18 -0.57 -3.75
C TYR A 34 -5.88 0.17 -4.89
N GLU A 35 -6.75 -0.55 -5.57
CA GLU A 35 -7.49 0.02 -6.68
C GLU A 35 -8.20 1.31 -6.25
N GLY A 36 -8.06 2.33 -7.08
CA GLY A 36 -8.67 3.61 -6.79
C GLY A 36 -9.37 4.19 -8.03
N ARG A 37 -9.67 5.48 -7.97
CA ARG A 37 -10.32 6.15 -9.07
C ARG A 37 -9.38 6.22 -10.28
N ASN A 38 -8.18 6.71 -10.04
CA ASN A 38 -7.19 6.83 -11.08
C ASN A 38 -6.77 5.44 -11.55
N GLY A 39 -6.46 4.58 -10.58
CA GLY A 39 -6.05 3.23 -10.87
C GLY A 39 -5.58 2.50 -9.60
N TRP A 40 -4.38 2.86 -9.17
CA TRP A 40 -3.81 2.25 -7.98
C TRP A 40 -3.37 3.38 -7.04
N TRP A 41 -3.78 3.28 -5.79
CA TRP A 41 -3.44 4.28 -4.80
C TRP A 41 -2.65 3.59 -3.69
N GLN A 42 -1.76 4.36 -3.07
CA GLN A 42 -0.93 3.84 -1.99
C GLN A 42 -1.61 4.07 -0.65
N TYR A 43 -1.62 3.03 0.17
CA TYR A 43 -2.23 3.11 1.48
C TYR A 43 -1.54 4.18 2.34
N ASP A 44 -2.04 4.33 3.56
CA ASP A 44 -1.50 5.31 4.48
C ASP A 44 -0.08 4.88 4.89
N GLU A 45 -0.04 3.89 5.77
CA GLU A 45 1.24 3.37 6.25
C GLU A 45 1.01 2.19 7.18
N ARG A 46 0.22 2.44 8.22
CA ARG A 46 -0.08 1.40 9.19
C ARG A 46 -0.82 0.24 8.52
N THR A 47 -1.93 0.57 7.90
CA THR A 47 -2.73 -0.44 7.22
C THR A 47 -1.83 -1.42 6.46
N SER A 48 -0.71 -0.88 5.98
CA SER A 48 0.24 -1.69 5.24
C SER A 48 1.08 -2.53 6.20
N ARG A 49 1.53 -1.88 7.27
CA ARG A 49 2.33 -2.54 8.26
C ARG A 49 1.76 -3.93 8.58
N GLU A 50 0.44 -4.02 8.48
CA GLU A 50 -0.25 -5.27 8.74
C GLU A 50 -0.16 -6.20 7.53
N LEU A 51 -0.31 -5.59 6.35
CA LEU A 51 -0.25 -6.36 5.12
C LEU A 51 1.10 -7.07 5.03
N GLU A 52 2.14 -6.27 4.90
CA GLU A 52 3.49 -6.82 4.81
C GLU A 52 3.69 -7.93 5.83
N ASP A 53 3.24 -7.66 7.04
CA ASP A 53 3.36 -8.62 8.13
C ASP A 53 2.58 -9.88 7.76
N ALA A 54 1.32 -9.69 7.41
CA ALA A 54 0.46 -10.79 7.04
C ALA A 54 1.10 -11.58 5.90
N PHE A 55 1.23 -10.91 4.76
CA PHE A 55 1.83 -11.52 3.59
C PHE A 55 3.02 -12.40 3.98
N SER A 56 3.92 -11.81 4.76
CA SER A 56 5.11 -12.53 5.20
C SER A 56 4.71 -13.69 6.12
N LYS A 57 4.08 -13.33 7.23
CA LYS A 57 3.64 -14.33 8.19
C LYS A 57 3.03 -15.52 7.44
N GLY A 58 2.20 -15.19 6.47
CA GLY A 58 1.54 -16.21 5.66
C GLY A 58 0.02 -16.01 5.66
N LYS A 59 -0.43 -15.13 6.54
CA LYS A 59 -1.85 -14.83 6.64
C LYS A 59 -2.42 -14.57 5.25
N LYS A 60 -3.57 -15.19 4.98
CA LYS A 60 -4.22 -15.03 3.70
C LYS A 60 -5.03 -13.74 3.69
N ASN A 61 -5.85 -13.59 4.72
CA ASN A 61 -6.69 -12.41 4.84
C ASN A 61 -6.24 -11.61 6.06
N THR A 62 -6.29 -10.29 5.92
CA THR A 62 -5.90 -9.40 6.99
C THR A 62 -7.06 -8.47 7.37
N GLU A 63 -6.97 -7.93 8.58
CA GLU A 63 -8.00 -7.03 9.07
C GLU A 63 -7.42 -5.64 9.30
N MET A 64 -8.28 -4.64 9.15
CA MET A 64 -7.86 -3.26 9.34
C MET A 64 -9.07 -2.36 9.61
N LEU A 65 -9.02 -1.71 10.77
CA LEU A 65 -10.11 -0.82 11.16
C LEU A 65 -9.86 0.56 10.56
N ILE A 66 -10.87 1.05 9.85
CA ILE A 66 -10.78 2.36 9.22
C ILE A 66 -11.87 3.27 9.79
N ALA A 67 -11.91 4.49 9.27
CA ALA A 67 -12.88 5.47 9.73
C ALA A 67 -14.21 4.76 9.98
N GLY A 68 -14.39 4.35 11.24
CA GLY A 68 -15.62 3.67 11.63
C GLY A 68 -16.06 2.68 10.55
N PHE A 69 -15.09 1.89 10.09
CA PHE A 69 -15.37 0.90 9.06
C PHE A 69 -14.32 -0.21 9.06
N LEU A 70 -14.78 -1.41 9.41
CA LEU A 70 -13.88 -2.56 9.46
C LEU A 70 -13.61 -3.04 8.04
N TYR A 71 -12.32 -3.15 7.73
CA TYR A 71 -11.91 -3.61 6.42
C TYR A 71 -10.99 -4.82 6.51
N VAL A 72 -10.89 -5.55 5.42
CA VAL A 72 -10.05 -6.73 5.36
C VAL A 72 -9.32 -6.78 4.02
N ALA A 73 -8.08 -7.26 4.08
CA ALA A 73 -7.26 -7.36 2.88
C ALA A 73 -6.96 -8.83 2.61
N ASP A 74 -7.55 -9.34 1.54
CA ASP A 74 -7.34 -10.73 1.16
C ASP A 74 -6.18 -10.81 0.15
N LEU A 75 -5.05 -11.27 0.66
CA LEU A 75 -3.86 -11.41 -0.17
C LEU A 75 -4.02 -12.61 -1.09
N GLU A 76 -4.91 -13.52 -0.69
CA GLU A 76 -5.16 -14.71 -1.46
C GLU A 76 -5.54 -14.35 -2.91
N ASN A 77 -6.53 -13.48 -3.02
CA ASN A 77 -6.99 -13.04 -4.33
C ASN A 77 -6.40 -11.66 -4.63
N MET A 78 -5.68 -11.13 -3.65
CA MET A 78 -5.05 -9.82 -3.81
C MET A 78 -6.12 -8.72 -3.91
N VAL A 79 -7.08 -8.78 -3.00
CA VAL A 79 -8.14 -7.79 -2.98
C VAL A 79 -8.65 -7.63 -1.54
N GLN A 80 -9.02 -6.40 -1.23
CA GLN A 80 -9.52 -6.08 0.10
C GLN A 80 -10.99 -5.67 0.03
N TYR A 81 -11.70 -5.96 1.11
CA TYR A 81 -13.11 -5.63 1.19
C TYR A 81 -13.53 -5.32 2.63
N ARG A 82 -14.64 -4.62 2.75
CA ARG A 82 -15.16 -4.25 4.06
C ARG A 82 -15.68 -5.49 4.79
N ARG A 83 -15.31 -5.60 6.06
CA ARG A 83 -15.73 -6.72 6.86
C ARG A 83 -17.26 -6.81 6.89
N ASN A 84 -17.87 -5.83 7.55
CA ASN A 84 -19.31 -5.79 7.65
C ASN A 84 -19.92 -5.84 6.25
N GLU A 85 -19.53 -4.87 5.42
CA GLU A 85 -20.03 -4.81 4.06
C GLU A 85 -18.99 -5.36 3.08
N HIS A 86 -19.18 -6.61 2.71
CA HIS A 86 -18.27 -7.28 1.78
C HIS A 86 -18.32 -6.57 0.43
N GLY A 87 -19.39 -5.80 0.23
CA GLY A 87 -19.58 -5.08 -1.01
C GLY A 87 -18.34 -4.26 -1.36
N ARG A 88 -18.08 -3.25 -0.53
CA ARG A 88 -16.94 -2.39 -0.74
C ARG A 88 -15.65 -3.21 -0.77
N ARG A 89 -15.03 -3.25 -1.94
CA ARG A 89 -13.79 -3.98 -2.11
C ARG A 89 -12.96 -3.37 -3.24
N ARG A 90 -11.68 -3.74 -3.27
CA ARG A 90 -10.77 -3.25 -4.28
C ARG A 90 -9.57 -4.17 -4.41
N LYS A 91 -8.93 -4.09 -5.57
CA LYS A 91 -7.76 -4.91 -5.84
C LYS A 91 -6.55 -4.32 -5.10
N ILE A 92 -5.59 -5.19 -4.83
CA ILE A 92 -4.39 -4.78 -4.14
C ILE A 92 -3.16 -5.36 -4.84
N LYS A 93 -2.09 -4.57 -4.86
CA LYS A 93 -0.86 -5.00 -5.50
C LYS A 93 0.33 -4.50 -4.67
N ARG A 94 1.36 -5.34 -4.60
CA ARG A 94 2.56 -5.00 -3.85
C ARG A 94 3.70 -4.69 -4.82
N ASP A 95 4.01 -3.40 -4.92
CA ASP A 95 5.08 -2.95 -5.79
C ASP A 95 6.34 -2.68 -4.96
N ILE A 96 7.34 -2.11 -5.62
CA ILE A 96 8.58 -1.79 -4.95
C ILE A 96 8.93 -0.32 -5.20
N ILE A 97 9.31 0.35 -4.12
CA ILE A 97 9.66 1.76 -4.22
C ILE A 97 11.18 1.90 -4.12
N ASP A 98 11.70 2.92 -4.78
CA ASP A 98 13.13 3.18 -4.78
C ASP A 98 13.43 4.35 -5.71
N ILE A 99 13.45 5.54 -5.12
CA ILE A 99 13.73 6.74 -5.88
C ILE A 99 15.08 6.59 -6.59
N PRO A 100 15.01 6.55 -7.95
CA PRO A 100 16.20 6.41 -8.77
C PRO A 100 16.99 7.72 -8.81
N LYS A 101 17.40 8.17 -7.63
CA LYS A 101 18.15 9.40 -7.53
C LYS A 101 19.65 9.08 -7.44
N LYS A 102 20.01 8.40 -6.35
CA LYS A 102 21.40 8.02 -6.12
C LYS A 102 21.76 6.86 -7.07
N GLY A 103 21.03 5.76 -6.89
CA GLY A 103 21.26 4.58 -7.71
C GLY A 103 21.59 4.97 -9.15
N VAL A 104 20.59 5.51 -9.83
CA VAL A 104 20.75 5.93 -11.22
C VAL A 104 20.39 7.40 -11.34
N SER A 105 21.03 8.05 -12.30
CA SER A 105 20.79 9.47 -12.54
C SER A 105 21.67 9.97 -13.68
N GLY A 106 21.20 9.74 -14.89
CA GLY A 106 21.93 10.16 -16.08
C GLY A 106 23.04 9.15 -16.43
N PRO A 107 23.44 9.16 -17.73
CA PRO A 107 24.47 8.26 -18.20
C PRO A 107 25.85 8.73 -17.73
N SER A 108 26.86 7.94 -18.10
CA SER A 108 28.23 8.26 -17.73
C SER A 108 29.12 8.22 -18.96
N SER A 109 29.66 9.39 -19.30
CA SER A 109 30.53 9.50 -20.46
C SER A 109 30.99 10.95 -20.63
N GLY A 110 32.04 11.11 -21.42
CA GLY A 110 32.59 12.44 -21.67
C GLY A 110 34.11 12.39 -21.85
N PRO A 1 -46.20 28.96 5.60
CA PRO A 1 -46.54 28.57 4.24
C PRO A 1 -46.82 27.06 4.14
N SER A 2 -45.81 26.29 4.55
CA SER A 2 -45.93 24.84 4.51
C SER A 2 -44.63 24.19 4.97
N SER A 3 -43.58 24.42 4.18
CA SER A 3 -42.27 23.88 4.49
C SER A 3 -41.25 24.35 3.47
N GLY A 4 -39.98 24.24 3.84
CA GLY A 4 -38.90 24.64 2.96
C GLY A 4 -37.54 24.34 3.59
N SER A 5 -36.62 25.28 3.40
CA SER A 5 -35.27 25.12 3.94
C SER A 5 -34.57 23.94 3.25
N SER A 6 -33.32 24.19 2.88
CA SER A 6 -32.53 23.17 2.21
C SER A 6 -31.20 23.77 1.72
N GLY A 7 -30.21 22.92 1.63
CA GLY A 7 -28.89 23.34 1.18
C GLY A 7 -27.79 22.53 1.86
N PHE A 8 -26.90 21.99 1.04
CA PHE A 8 -25.80 21.19 1.54
C PHE A 8 -24.87 20.75 0.40
N LEU A 9 -23.75 21.42 0.30
CA LEU A 9 -22.77 21.11 -0.74
C LEU A 9 -21.39 21.64 -0.32
N ASP A 10 -20.47 20.72 -0.12
CA ASP A 10 -19.12 21.08 0.27
C ASP A 10 -18.29 19.81 0.46
N LYS A 11 -17.06 19.88 -0.01
CA LYS A 11 -16.15 18.74 0.10
C LYS A 11 -14.75 19.17 -0.33
N PRO A 12 -14.14 20.07 0.49
CA PRO A 12 -12.81 20.57 0.20
C PRO A 12 -11.75 19.51 0.52
N THR A 13 -10.55 19.75 0.03
CA THR A 13 -9.44 18.83 0.25
C THR A 13 -8.52 19.37 1.36
N LEU A 14 -7.66 18.48 1.84
CA LEU A 14 -6.72 18.85 2.89
C LEU A 14 -5.93 17.62 3.32
N LEU A 15 -4.67 17.59 2.92
CA LEU A 15 -3.81 16.47 3.25
C LEU A 15 -3.66 16.39 4.78
N SER A 16 -2.70 15.58 5.20
CA SER A 16 -2.44 15.41 6.62
C SER A 16 -0.94 15.22 6.87
N PRO A 17 -0.57 15.16 8.18
CA PRO A 17 0.82 14.98 8.55
C PRO A 17 1.28 13.54 8.32
N GLU A 18 0.31 12.68 8.06
CA GLU A 18 0.60 11.28 7.81
C GLU A 18 0.92 11.05 6.33
N GLU A 19 0.17 11.75 5.49
CA GLU A 19 0.37 11.64 4.05
C GLU A 19 1.83 11.88 3.69
N LEU A 20 2.45 12.80 4.43
CA LEU A 20 3.85 13.12 4.19
C LEU A 20 4.69 11.85 4.25
N LYS A 21 4.45 11.07 5.30
CA LYS A 21 5.17 9.82 5.48
C LYS A 21 5.04 8.97 4.21
N ALA A 22 3.88 9.08 3.60
CA ALA A 22 3.61 8.33 2.38
C ALA A 22 4.73 8.60 1.36
N ALA A 23 5.19 9.84 1.35
CA ALA A 23 6.24 10.25 0.43
C ALA A 23 7.55 9.57 0.85
N SER A 24 7.83 9.65 2.15
CA SER A 24 9.05 9.06 2.69
C SER A 24 9.25 7.66 2.11
N ARG A 25 8.14 6.99 1.88
CA ARG A 25 8.18 5.64 1.33
C ARG A 25 9.07 5.61 0.08
N GLY A 26 8.99 6.68 -0.69
CA GLY A 26 9.79 6.78 -1.91
C GLY A 26 11.26 6.54 -1.62
N ASN A 27 11.62 6.67 -0.35
CA ASN A 27 12.99 6.48 0.08
C ASN A 27 13.46 5.10 -0.37
N GLY A 28 12.51 4.17 -0.44
CA GLY A 28 12.82 2.82 -0.85
C GLY A 28 12.29 1.80 0.17
N GLU A 29 11.25 1.09 -0.23
CA GLU A 29 10.65 0.09 0.63
C GLU A 29 9.35 -0.43 0.02
N TYR A 30 8.93 -1.59 0.49
CA TYR A 30 7.71 -2.21 0.01
C TYR A 30 6.50 -1.30 0.24
N ALA A 31 5.56 -1.36 -0.69
CA ALA A 31 4.35 -0.54 -0.59
C ALA A 31 3.20 -1.27 -1.29
N TRP A 32 2.02 -1.11 -0.72
CA TRP A 32 0.83 -1.74 -1.27
C TRP A 32 0.05 -0.68 -2.05
N TYR A 33 -0.66 -1.14 -3.06
CA TYR A 33 -1.45 -0.25 -3.89
C TYR A 33 -2.85 -0.82 -4.14
N TYR A 34 -3.85 0.05 -4.00
CA TYR A 34 -5.23 -0.36 -4.20
C TYR A 34 -5.85 0.39 -5.38
N GLU A 35 -6.64 -0.34 -6.15
CA GLU A 35 -7.30 0.24 -7.30
C GLU A 35 -7.87 1.61 -6.96
N GLY A 36 -7.25 2.63 -7.54
CA GLY A 36 -7.69 4.01 -7.29
C GLY A 36 -8.37 4.59 -8.54
N ARG A 37 -8.60 5.89 -8.49
CA ARG A 37 -9.25 6.58 -9.58
C ARG A 37 -8.36 6.55 -10.83
N ASN A 38 -7.19 7.16 -10.70
CA ASN A 38 -6.24 7.21 -11.80
C ASN A 38 -5.89 5.78 -12.22
N GLY A 39 -5.73 4.92 -11.23
CA GLY A 39 -5.40 3.53 -11.49
C GLY A 39 -5.11 2.78 -10.19
N TRP A 40 -3.98 3.11 -9.59
CA TRP A 40 -3.57 2.49 -8.34
C TRP A 40 -3.17 3.59 -7.37
N TRP A 41 -3.76 3.54 -6.18
CA TRP A 41 -3.47 4.52 -5.15
C TRP A 41 -2.76 3.81 -4.00
N GLN A 42 -1.84 4.52 -3.38
CA GLN A 42 -1.09 3.97 -2.26
C GLN A 42 -1.85 4.20 -0.95
N TYR A 43 -1.44 3.44 0.06
CA TYR A 43 -2.08 3.54 1.36
C TYR A 43 -1.36 4.57 2.24
N ASP A 44 -1.74 4.60 3.50
CA ASP A 44 -1.14 5.52 4.45
C ASP A 44 0.30 5.08 4.74
N GLU A 45 0.41 3.97 5.44
CA GLU A 45 1.72 3.43 5.79
C GLU A 45 1.57 2.21 6.69
N ARG A 46 0.78 2.37 7.73
CA ARG A 46 0.55 1.28 8.66
C ARG A 46 -0.35 0.20 8.02
N THR A 47 -1.49 0.65 7.54
CA THR A 47 -2.44 -0.25 6.90
C THR A 47 -1.69 -1.25 6.01
N SER A 48 -0.78 -0.71 5.22
CA SER A 48 0.01 -1.55 4.31
C SER A 48 0.99 -2.40 5.11
N ARG A 49 1.63 -1.77 6.08
CA ARG A 49 2.60 -2.46 6.92
C ARG A 49 2.01 -3.77 7.43
N GLU A 50 0.71 -3.76 7.66
CA GLU A 50 0.02 -4.93 8.15
C GLU A 50 -0.16 -5.95 7.02
N LEU A 51 -0.31 -5.42 5.82
CA LEU A 51 -0.49 -6.27 4.65
C LEU A 51 0.75 -7.16 4.47
N GLU A 52 1.90 -6.54 4.61
CA GLU A 52 3.16 -7.26 4.47
C GLU A 52 3.31 -8.29 5.59
N ASP A 53 3.36 -7.79 6.81
CA ASP A 53 3.50 -8.65 7.97
C ASP A 53 2.60 -9.87 7.81
N ALA A 54 1.38 -9.61 7.39
CA ALA A 54 0.41 -10.68 7.18
C ALA A 54 0.87 -11.56 6.02
N PHE A 55 0.91 -10.96 4.84
CA PHE A 55 1.33 -11.67 3.65
C PHE A 55 2.56 -12.55 3.93
N SER A 56 3.54 -11.92 4.58
CA SER A 56 4.77 -12.62 4.92
C SER A 56 4.48 -13.76 5.88
N LYS A 57 3.98 -13.39 7.06
CA LYS A 57 3.65 -14.37 8.08
C LYS A 57 2.90 -15.54 7.44
N GLY A 58 2.12 -15.20 6.43
CA GLY A 58 1.34 -16.22 5.72
C GLY A 58 -0.16 -15.91 5.81
N LYS A 59 -0.48 -14.92 6.62
CA LYS A 59 -1.87 -14.53 6.80
C LYS A 59 -2.50 -14.27 5.42
N LYS A 60 -3.14 -15.30 4.90
CA LYS A 60 -3.79 -15.21 3.61
C LYS A 60 -4.51 -13.86 3.51
N ASN A 61 -4.93 -13.36 4.65
CA ASN A 61 -5.64 -12.09 4.71
C ASN A 61 -5.61 -11.56 6.14
N THR A 62 -5.60 -10.24 6.25
CA THR A 62 -5.57 -9.60 7.55
C THR A 62 -6.74 -8.61 7.68
N GLU A 63 -7.28 -8.54 8.89
CA GLU A 63 -8.39 -7.64 9.16
C GLU A 63 -7.87 -6.31 9.71
N MET A 64 -8.29 -5.23 9.06
CA MET A 64 -7.89 -3.90 9.48
C MET A 64 -9.10 -3.06 9.89
N LEU A 65 -8.80 -1.94 10.53
CA LEU A 65 -9.86 -1.04 10.97
C LEU A 65 -9.60 0.35 10.42
N ILE A 66 -10.42 0.73 9.44
CA ILE A 66 -10.28 2.04 8.82
C ILE A 66 -11.09 3.06 9.61
N ALA A 67 -10.90 4.33 9.25
CA ALA A 67 -11.61 5.40 9.92
C ALA A 67 -13.07 5.00 10.13
N GLY A 68 -13.34 4.43 11.30
CA GLY A 68 -14.68 4.00 11.63
C GLY A 68 -15.25 3.09 10.54
N PHE A 69 -14.44 2.11 10.14
CA PHE A 69 -14.86 1.17 9.11
C PHE A 69 -13.93 -0.05 9.09
N LEU A 70 -14.42 -1.12 9.71
CA LEU A 70 -13.67 -2.36 9.76
C LEU A 70 -13.54 -2.94 8.35
N TYR A 71 -12.31 -3.11 7.92
CA TYR A 71 -12.04 -3.67 6.60
C TYR A 71 -11.21 -4.94 6.70
N VAL A 72 -11.17 -5.67 5.59
CA VAL A 72 -10.41 -6.91 5.54
C VAL A 72 -9.58 -6.94 4.25
N ALA A 73 -8.27 -7.05 4.42
CA ALA A 73 -7.37 -7.09 3.29
C ALA A 73 -6.94 -8.54 3.03
N ASP A 74 -7.24 -9.01 1.84
CA ASP A 74 -6.90 -10.37 1.46
C ASP A 74 -5.69 -10.34 0.51
N LEU A 75 -4.66 -11.08 0.89
CA LEU A 75 -3.45 -11.16 0.10
C LEU A 75 -3.55 -12.33 -0.87
N GLU A 76 -4.21 -13.39 -0.41
CA GLU A 76 -4.39 -14.58 -1.23
C GLU A 76 -4.94 -14.20 -2.60
N ASN A 77 -5.92 -13.32 -2.58
CA ASN A 77 -6.55 -12.87 -3.81
C ASN A 77 -6.00 -11.48 -4.19
N MET A 78 -5.25 -10.91 -3.26
CA MET A 78 -4.65 -9.60 -3.47
C MET A 78 -5.74 -8.54 -3.65
N VAL A 79 -6.69 -8.55 -2.73
CA VAL A 79 -7.79 -7.60 -2.77
C VAL A 79 -8.09 -7.11 -1.35
N GLN A 80 -9.05 -6.20 -1.26
CA GLN A 80 -9.44 -5.65 0.03
C GLN A 80 -10.95 -5.41 0.06
N TYR A 81 -11.60 -6.09 0.99
CA TYR A 81 -13.04 -5.95 1.15
C TYR A 81 -13.41 -5.65 2.60
N ARG A 82 -14.43 -4.81 2.75
CA ARG A 82 -14.90 -4.42 4.07
C ARG A 82 -15.10 -5.67 4.94
N ARG A 83 -15.23 -5.42 6.24
CA ARG A 83 -15.43 -6.50 7.19
C ARG A 83 -16.91 -6.88 7.25
N ASN A 84 -17.74 -5.88 7.50
CA ASN A 84 -19.17 -6.10 7.59
C ASN A 84 -19.77 -6.13 6.19
N GLU A 85 -19.34 -5.17 5.38
CA GLU A 85 -19.81 -5.07 4.01
C GLU A 85 -18.77 -5.62 3.04
N HIS A 86 -18.71 -6.93 2.96
CA HIS A 86 -17.75 -7.59 2.07
C HIS A 86 -17.94 -7.07 0.65
N GLY A 87 -19.17 -6.67 0.35
CA GLY A 87 -19.49 -6.15 -0.97
C GLY A 87 -18.46 -5.11 -1.42
N ARG A 88 -18.26 -4.12 -0.57
CA ARG A 88 -17.31 -3.06 -0.87
C ARG A 88 -15.88 -3.58 -0.76
N ARG A 89 -15.22 -3.66 -1.91
CA ARG A 89 -13.85 -4.15 -1.96
C ARG A 89 -13.12 -3.55 -3.16
N ARG A 90 -11.82 -3.82 -3.21
CA ARG A 90 -11.00 -3.32 -4.29
C ARG A 90 -9.79 -4.23 -4.51
N LYS A 91 -9.10 -3.99 -5.62
CA LYS A 91 -7.93 -4.79 -5.95
C LYS A 91 -6.69 -4.15 -5.31
N ILE A 92 -5.87 -5.00 -4.71
CA ILE A 92 -4.65 -4.55 -4.06
C ILE A 92 -3.46 -5.29 -4.64
N LYS A 93 -2.33 -4.60 -4.69
CA LYS A 93 -1.11 -5.18 -5.22
C LYS A 93 0.09 -4.68 -4.40
N ARG A 94 0.99 -5.60 -4.10
CA ARG A 94 2.17 -5.26 -3.34
C ARG A 94 3.36 -4.98 -4.27
N ASP A 95 3.76 -3.72 -4.30
CA ASP A 95 4.87 -3.32 -5.15
C ASP A 95 5.95 -2.66 -4.29
N ILE A 96 7.19 -2.88 -4.69
CA ILE A 96 8.33 -2.32 -3.96
C ILE A 96 8.61 -0.91 -4.50
N ILE A 97 8.87 0.00 -3.57
CA ILE A 97 9.17 1.37 -3.92
C ILE A 97 10.67 1.61 -3.80
N ASP A 98 11.18 2.45 -4.70
CA ASP A 98 12.59 2.77 -4.70
C ASP A 98 13.40 1.54 -4.24
N ILE A 99 13.18 0.44 -4.95
CA ILE A 99 13.87 -0.80 -4.63
C ILE A 99 15.31 -0.49 -4.20
N PRO A 100 15.64 -0.94 -2.96
CA PRO A 100 16.97 -0.71 -2.42
C PRO A 100 18.00 -1.64 -3.08
N LYS A 101 19.21 -1.62 -2.53
CA LYS A 101 20.28 -2.44 -3.05
C LYS A 101 20.08 -3.88 -2.57
N LYS A 102 19.57 -4.00 -1.36
CA LYS A 102 19.32 -5.32 -0.78
C LYS A 102 18.02 -5.88 -1.35
N GLY A 103 17.28 -5.02 -2.03
CA GLY A 103 16.01 -5.44 -2.63
C GLY A 103 16.24 -6.48 -3.72
N VAL A 104 17.00 -6.09 -4.73
CA VAL A 104 17.29 -6.99 -5.83
C VAL A 104 18.11 -8.16 -5.33
N SER A 105 17.80 -9.34 -5.87
CA SER A 105 18.50 -10.55 -5.48
C SER A 105 18.32 -11.63 -6.55
N GLY A 106 19.04 -12.72 -6.36
CA GLY A 106 18.97 -13.83 -7.30
C GLY A 106 18.34 -15.06 -6.66
N PRO A 107 17.07 -15.33 -7.08
CA PRO A 107 16.34 -16.48 -6.55
C PRO A 107 16.86 -17.79 -7.15
N SER A 108 16.26 -18.88 -6.71
CA SER A 108 16.65 -20.20 -7.19
C SER A 108 15.45 -21.14 -7.19
N SER A 109 15.65 -22.31 -7.79
CA SER A 109 14.59 -23.30 -7.86
C SER A 109 15.10 -24.57 -8.54
N GLY A 110 15.56 -24.40 -9.77
CA GLY A 110 16.08 -25.52 -10.54
C GLY A 110 17.56 -25.30 -10.89
N PRO A 1 22.72 59.34 -12.83
CA PRO A 1 22.55 57.90 -12.72
C PRO A 1 23.53 57.18 -13.66
N SER A 2 23.73 55.89 -13.38
CA SER A 2 24.63 55.09 -14.18
C SER A 2 24.50 53.61 -13.79
N SER A 3 25.12 52.76 -14.58
CA SER A 3 25.09 51.33 -14.34
C SER A 3 23.67 50.80 -14.53
N GLY A 4 23.58 49.49 -14.74
CA GLY A 4 22.29 48.85 -14.95
C GLY A 4 22.41 47.74 -15.99
N SER A 5 21.84 46.59 -15.64
CA SER A 5 21.87 45.44 -16.52
C SER A 5 21.18 44.25 -15.85
N SER A 6 20.98 43.20 -16.64
CA SER A 6 20.34 42.00 -16.14
C SER A 6 20.63 40.82 -17.07
N GLY A 7 20.27 39.63 -16.61
CA GLY A 7 20.48 38.43 -17.38
C GLY A 7 19.70 37.25 -16.80
N PHE A 8 19.89 36.10 -17.42
CA PHE A 8 19.20 34.89 -16.97
C PHE A 8 19.63 33.67 -17.80
N LEU A 9 19.64 32.53 -17.14
CA LEU A 9 20.01 31.29 -17.81
C LEU A 9 19.36 30.10 -17.10
N ASP A 10 19.54 28.92 -17.68
CA ASP A 10 18.96 27.72 -17.12
C ASP A 10 19.39 26.51 -17.96
N LYS A 11 19.41 25.36 -17.32
CA LYS A 11 19.79 24.13 -18.01
C LYS A 11 19.05 22.95 -17.38
N PRO A 12 18.25 22.25 -18.23
CA PRO A 12 17.48 21.11 -17.78
C PRO A 12 18.38 19.89 -17.57
N THR A 13 17.75 18.77 -17.24
CA THR A 13 18.48 17.54 -17.01
C THR A 13 18.16 16.52 -18.10
N LEU A 14 18.68 15.31 -17.91
CA LEU A 14 18.44 14.24 -18.86
C LEU A 14 17.48 13.22 -18.25
N LEU A 15 17.02 13.54 -17.05
CA LEU A 15 16.10 12.66 -16.35
C LEU A 15 15.48 13.42 -15.17
N SER A 16 14.58 12.74 -14.48
CA SER A 16 13.90 13.34 -13.35
C SER A 16 14.45 12.75 -12.04
N PRO A 17 14.05 13.39 -10.92
CA PRO A 17 14.50 12.94 -9.60
C PRO A 17 13.76 11.66 -9.18
N GLU A 18 12.70 11.36 -9.92
CA GLU A 18 11.92 10.17 -9.63
C GLU A 18 12.55 8.94 -10.27
N GLU A 19 12.97 9.11 -11.52
CA GLU A 19 13.61 8.03 -12.25
C GLU A 19 14.87 7.55 -11.52
N LEU A 20 15.59 8.52 -10.96
CA LEU A 20 16.81 8.22 -10.23
C LEU A 20 16.47 7.41 -8.98
N LYS A 21 15.58 7.97 -8.17
CA LYS A 21 15.17 7.31 -6.94
C LYS A 21 14.66 5.90 -7.27
N ALA A 22 13.93 5.82 -8.38
CA ALA A 22 13.39 4.54 -8.82
C ALA A 22 14.45 3.46 -8.68
N ALA A 23 15.60 3.72 -9.30
CA ALA A 23 16.71 2.77 -9.25
C ALA A 23 16.91 2.31 -7.81
N SER A 24 16.82 3.26 -6.89
CA SER A 24 16.99 2.96 -5.47
C SER A 24 15.75 2.26 -4.94
N ARG A 25 14.60 2.87 -5.18
CA ARG A 25 13.34 2.31 -4.73
C ARG A 25 13.30 0.80 -5.01
N GLY A 26 14.04 0.40 -6.03
CA GLY A 26 14.09 -1.00 -6.41
C GLY A 26 14.53 -1.87 -5.24
N ASN A 27 15.60 -1.45 -4.59
CA ASN A 27 16.13 -2.18 -3.46
C ASN A 27 15.67 -1.50 -2.16
N GLY A 28 15.01 -0.36 -2.33
CA GLY A 28 14.53 0.40 -1.19
C GLY A 28 13.57 -0.44 -0.35
N GLU A 29 12.31 -0.47 -0.77
CA GLU A 29 11.29 -1.22 -0.07
C GLU A 29 10.08 -1.45 -0.98
N TYR A 30 9.03 -1.99 -0.38
CA TYR A 30 7.81 -2.26 -1.11
C TYR A 30 6.60 -1.61 -0.44
N ALA A 31 5.60 -1.28 -1.26
CA ALA A 31 4.40 -0.66 -0.76
C ALA A 31 3.17 -1.39 -1.31
N TRP A 32 2.10 -1.37 -0.52
CA TRP A 32 0.87 -2.03 -0.93
C TRP A 32 -0.02 -0.98 -1.62
N TYR A 33 -0.60 -1.41 -2.73
CA TYR A 33 -1.48 -0.53 -3.48
C TYR A 33 -2.86 -1.15 -3.68
N TYR A 34 -3.85 -0.29 -3.86
CA TYR A 34 -5.21 -0.74 -4.06
C TYR A 34 -5.93 0.11 -5.11
N GLU A 35 -6.74 -0.56 -5.91
CA GLU A 35 -7.49 0.12 -6.95
C GLU A 35 -8.15 1.38 -6.39
N GLY A 36 -7.74 2.51 -6.93
CA GLY A 36 -8.28 3.79 -6.50
C GLY A 36 -9.01 4.50 -7.64
N ARG A 37 -9.13 5.81 -7.51
CA ARG A 37 -9.80 6.60 -8.52
C ARG A 37 -8.96 6.64 -9.80
N ASN A 38 -7.78 7.24 -9.70
CA ASN A 38 -6.89 7.35 -10.83
C ASN A 38 -6.60 5.95 -11.39
N GLY A 39 -6.34 5.03 -10.48
CA GLY A 39 -6.07 3.66 -10.87
C GLY A 39 -5.68 2.81 -9.66
N TRP A 40 -4.49 3.08 -9.13
CA TRP A 40 -3.99 2.36 -7.98
C TRP A 40 -3.47 3.39 -6.97
N TRP A 41 -4.09 3.39 -5.80
CA TRP A 41 -3.70 4.31 -4.74
C TRP A 41 -2.96 3.51 -3.67
N GLN A 42 -1.98 4.16 -3.05
CA GLN A 42 -1.20 3.52 -2.02
C GLN A 42 -1.83 3.78 -0.64
N TYR A 43 -1.96 2.70 0.12
CA TYR A 43 -2.54 2.80 1.45
C TYR A 43 -1.88 3.91 2.26
N ASP A 44 -2.38 4.10 3.48
CA ASP A 44 -1.85 5.12 4.36
C ASP A 44 -0.39 4.79 4.70
N GLU A 45 -0.23 3.80 5.56
CA GLU A 45 1.10 3.37 5.97
C GLU A 45 1.01 2.48 7.21
N ARG A 46 -0.03 2.70 7.99
CA ARG A 46 -0.24 1.92 9.20
C ARG A 46 -0.89 0.57 8.86
N THR A 47 -1.71 0.60 7.80
CA THR A 47 -2.39 -0.60 7.37
C THR A 47 -1.39 -1.60 6.77
N SER A 48 -0.73 -1.15 5.71
CA SER A 48 0.25 -1.98 5.03
C SER A 48 1.07 -2.77 6.06
N ARG A 49 1.44 -2.07 7.12
CA ARG A 49 2.22 -2.68 8.18
C ARG A 49 1.72 -4.11 8.45
N GLU A 50 0.44 -4.30 8.21
CA GLU A 50 -0.18 -5.60 8.43
C GLU A 50 -0.19 -6.41 7.13
N LEU A 51 -0.42 -5.69 6.04
CA LEU A 51 -0.46 -6.33 4.74
C LEU A 51 0.82 -7.14 4.52
N GLU A 52 1.93 -6.51 4.84
CA GLU A 52 3.23 -7.16 4.70
C GLU A 52 3.40 -8.25 5.75
N ASP A 53 3.19 -7.86 7.00
CA ASP A 53 3.32 -8.78 8.11
C ASP A 53 2.54 -10.06 7.80
N ALA A 54 1.26 -9.88 7.52
CA ALA A 54 0.40 -11.01 7.20
C ALA A 54 0.98 -11.77 6.00
N PHE A 55 0.98 -11.10 4.86
CA PHE A 55 1.50 -11.70 3.64
C PHE A 55 2.74 -12.54 3.94
N SER A 56 3.54 -12.04 4.87
CA SER A 56 4.76 -12.74 5.25
C SER A 56 4.44 -13.88 6.22
N LYS A 57 3.87 -13.51 7.36
CA LYS A 57 3.51 -14.48 8.37
C LYS A 57 2.80 -15.66 7.70
N GLY A 58 1.91 -15.33 6.78
CA GLY A 58 1.16 -16.35 6.07
C GLY A 58 -0.32 -16.00 6.03
N LYS A 59 -0.72 -15.09 6.90
CA LYS A 59 -2.10 -14.67 6.97
C LYS A 59 -2.64 -14.44 5.56
N LYS A 60 -3.45 -15.38 5.11
CA LYS A 60 -4.03 -15.30 3.78
C LYS A 60 -4.69 -13.92 3.60
N ASN A 61 -5.03 -13.32 4.73
CA ASN A 61 -5.66 -12.00 4.71
C ASN A 61 -5.60 -11.39 6.10
N THR A 62 -5.53 -10.07 6.14
CA THR A 62 -5.46 -9.35 7.39
C THR A 62 -6.53 -8.26 7.45
N GLU A 63 -7.02 -8.01 8.66
CA GLU A 63 -8.05 -7.01 8.86
C GLU A 63 -7.41 -5.64 9.14
N MET A 64 -8.24 -4.61 9.06
CA MET A 64 -7.77 -3.26 9.31
C MET A 64 -8.93 -2.30 9.53
N LEU A 65 -9.01 -1.78 10.76
CA LEU A 65 -10.07 -0.85 11.11
C LEU A 65 -9.66 0.56 10.70
N ILE A 66 -10.24 1.00 9.58
CA ILE A 66 -9.96 2.33 9.06
C ILE A 66 -10.94 3.32 9.66
N ALA A 67 -10.83 4.57 9.21
CA ALA A 67 -11.70 5.62 9.68
C ALA A 67 -13.12 5.06 9.85
N GLY A 68 -13.41 4.61 11.06
CA GLY A 68 -14.72 4.06 11.37
C GLY A 68 -15.19 3.15 10.24
N PHE A 69 -14.30 2.27 9.81
CA PHE A 69 -14.62 1.34 8.74
C PHE A 69 -13.74 0.09 8.82
N LEU A 70 -14.35 -1.00 9.27
CA LEU A 70 -13.63 -2.27 9.40
C LEU A 70 -13.39 -2.85 8.01
N TYR A 71 -12.13 -2.83 7.60
CA TYR A 71 -11.76 -3.37 6.29
C TYR A 71 -10.96 -4.65 6.44
N VAL A 72 -10.94 -5.42 5.37
CA VAL A 72 -10.22 -6.69 5.36
C VAL A 72 -9.46 -6.82 4.04
N ALA A 73 -8.14 -6.85 4.16
CA ALA A 73 -7.28 -6.98 2.99
C ALA A 73 -6.83 -8.43 2.85
N ASP A 74 -7.16 -9.02 1.71
CA ASP A 74 -6.80 -10.40 1.44
C ASP A 74 -5.59 -10.43 0.50
N LEU A 75 -4.63 -11.27 0.86
CA LEU A 75 -3.42 -11.40 0.06
C LEU A 75 -3.59 -12.57 -0.91
N GLU A 76 -4.26 -13.61 -0.44
CA GLU A 76 -4.49 -14.78 -1.26
C GLU A 76 -5.08 -14.38 -2.61
N ASN A 77 -6.04 -13.47 -2.56
CA ASN A 77 -6.68 -13.00 -3.77
C ASN A 77 -6.10 -11.63 -4.16
N MET A 78 -5.30 -11.08 -3.24
CA MET A 78 -4.69 -9.78 -3.47
C MET A 78 -5.74 -8.70 -3.66
N VAL A 79 -6.64 -8.60 -2.68
CA VAL A 79 -7.70 -7.60 -2.74
C VAL A 79 -8.01 -7.12 -1.33
N GLN A 80 -9.09 -6.36 -1.22
CA GLN A 80 -9.50 -5.82 0.06
C GLN A 80 -11.00 -5.50 0.05
N TYR A 81 -11.71 -6.13 0.98
CA TYR A 81 -13.15 -5.92 1.08
C TYR A 81 -13.53 -5.44 2.48
N ARG A 82 -14.68 -4.79 2.55
CA ARG A 82 -15.18 -4.28 3.81
C ARG A 82 -15.66 -5.43 4.71
N ARG A 83 -15.16 -5.43 5.93
CA ARG A 83 -15.54 -6.46 6.89
C ARG A 83 -17.05 -6.66 6.89
N ASN A 84 -17.74 -5.69 7.48
CA ASN A 84 -19.19 -5.74 7.57
C ASN A 84 -19.76 -6.04 6.18
N GLU A 85 -19.44 -5.16 5.24
CA GLU A 85 -19.92 -5.33 3.87
C GLU A 85 -18.80 -5.88 2.99
N HIS A 86 -18.90 -7.17 2.71
CA HIS A 86 -17.91 -7.84 1.87
C HIS A 86 -18.04 -7.34 0.44
N GLY A 87 -19.24 -6.90 0.10
CA GLY A 87 -19.51 -6.40 -1.24
C GLY A 87 -18.43 -5.40 -1.67
N ARG A 88 -18.36 -4.30 -0.94
CA ARG A 88 -17.39 -3.26 -1.25
C ARG A 88 -15.97 -3.81 -1.06
N ARG A 89 -15.23 -3.85 -2.16
CA ARG A 89 -13.87 -4.34 -2.13
C ARG A 89 -13.13 -3.92 -3.41
N ARG A 90 -11.81 -3.95 -3.33
CA ARG A 90 -10.97 -3.58 -4.45
C ARG A 90 -9.74 -4.49 -4.54
N LYS A 91 -9.09 -4.44 -5.68
CA LYS A 91 -7.90 -5.24 -5.90
C LYS A 91 -6.67 -4.49 -5.40
N ILE A 92 -5.74 -5.25 -4.85
CA ILE A 92 -4.50 -4.66 -4.32
C ILE A 92 -3.31 -5.28 -5.05
N LYS A 93 -2.18 -4.59 -4.96
CA LYS A 93 -0.96 -5.06 -5.59
C LYS A 93 0.25 -4.50 -4.83
N ARG A 94 1.27 -5.34 -4.72
CA ARG A 94 2.49 -4.94 -4.02
C ARG A 94 3.49 -4.34 -5.01
N ASP A 95 3.75 -3.06 -4.82
CA ASP A 95 4.69 -2.36 -5.70
C ASP A 95 5.97 -2.09 -4.92
N ILE A 96 6.96 -1.57 -5.64
CA ILE A 96 8.25 -1.25 -5.04
C ILE A 96 8.36 0.27 -4.84
N ILE A 97 8.72 0.65 -3.62
CA ILE A 97 8.86 2.05 -3.29
C ILE A 97 10.14 2.25 -2.47
N ASP A 98 10.37 3.49 -2.08
CA ASP A 98 11.54 3.83 -1.29
C ASP A 98 11.20 3.75 0.20
N ILE A 99 10.32 4.67 0.62
CA ILE A 99 9.91 4.72 2.00
C ILE A 99 11.12 4.96 2.89
N PRO A 100 10.88 5.73 4.00
CA PRO A 100 11.94 6.04 4.94
C PRO A 100 12.29 4.82 5.80
N LYS A 101 13.02 3.90 5.20
CA LYS A 101 13.43 2.69 5.89
C LYS A 101 14.40 3.06 7.01
N LYS A 102 15.46 3.76 6.63
CA LYS A 102 16.47 4.18 7.59
C LYS A 102 15.78 4.81 8.80
N GLY A 103 14.86 5.72 8.52
CA GLY A 103 14.13 6.40 9.57
C GLY A 103 13.71 5.42 10.66
N VAL A 104 13.02 4.36 10.24
CA VAL A 104 12.56 3.35 11.17
C VAL A 104 13.61 2.25 11.28
N SER A 105 14.18 2.14 12.48
CA SER A 105 15.19 1.13 12.72
C SER A 105 15.29 0.85 14.22
N GLY A 106 15.39 -0.43 14.56
CA GLY A 106 15.49 -0.84 15.95
C GLY A 106 16.28 -2.15 16.07
N PRO A 107 17.62 -2.01 16.19
CA PRO A 107 18.48 -3.16 16.32
C PRO A 107 18.39 -3.76 17.72
N SER A 108 17.17 -4.10 18.11
CA SER A 108 16.93 -4.68 19.42
C SER A 108 17.50 -3.77 20.51
N SER A 109 17.14 -4.07 21.75
CA SER A 109 17.60 -3.29 22.88
C SER A 109 17.47 -4.10 24.16
N GLY A 110 18.07 -3.59 25.23
CA GLY A 110 18.03 -4.26 26.51
C GLY A 110 18.67 -3.39 27.60
N PRO A 1 -21.72 51.78 -13.58
CA PRO A 1 -21.43 50.48 -13.00
C PRO A 1 -22.47 50.10 -11.94
N SER A 2 -22.32 48.89 -11.42
CA SER A 2 -23.24 48.40 -10.41
C SER A 2 -22.88 46.97 -10.03
N SER A 3 -22.62 46.77 -8.74
CA SER A 3 -22.25 45.47 -8.23
C SER A 3 -22.06 45.53 -6.71
N GLY A 4 -21.95 44.35 -6.12
CA GLY A 4 -21.76 44.26 -4.68
C GLY A 4 -21.31 42.85 -4.27
N SER A 5 -20.52 42.81 -3.21
CA SER A 5 -20.02 41.54 -2.70
C SER A 5 -19.13 41.78 -1.48
N SER A 6 -18.81 40.68 -0.81
CA SER A 6 -17.97 40.76 0.38
C SER A 6 -17.68 39.35 0.90
N GLY A 7 -16.65 39.27 1.74
CA GLY A 7 -16.26 38.00 2.32
C GLY A 7 -14.76 37.74 2.13
N PHE A 8 -14.15 37.21 3.17
CA PHE A 8 -12.73 36.92 3.14
C PHE A 8 -12.30 36.13 4.38
N LEU A 9 -11.48 35.11 4.14
CA LEU A 9 -10.99 34.29 5.22
C LEU A 9 -10.02 33.24 4.67
N ASP A 10 -8.83 33.22 5.24
CA ASP A 10 -7.81 32.28 4.81
C ASP A 10 -6.87 31.97 5.98
N LYS A 11 -6.04 30.96 5.78
CA LYS A 11 -5.09 30.57 6.81
C LYS A 11 -3.92 29.83 6.15
N PRO A 12 -2.72 29.99 6.78
CA PRO A 12 -1.52 29.35 6.27
C PRO A 12 -1.53 27.85 6.58
N THR A 13 -0.67 27.13 5.88
CA THR A 13 -0.57 25.69 6.06
C THR A 13 0.87 25.21 5.81
N LEU A 14 1.17 24.04 6.34
CA LEU A 14 2.50 23.46 6.17
C LEU A 14 2.38 21.95 6.03
N LEU A 15 3.49 21.34 5.61
CA LEU A 15 3.51 19.89 5.43
C LEU A 15 2.89 19.22 6.65
N SER A 16 2.57 17.94 6.47
CA SER A 16 1.97 17.17 7.54
C SER A 16 3.02 16.27 8.20
N PRO A 17 2.61 15.61 9.31
CA PRO A 17 3.50 14.73 10.03
C PRO A 17 3.69 13.40 9.29
N GLU A 18 2.86 13.21 8.28
CA GLU A 18 2.92 12.00 7.47
C GLU A 18 3.88 12.19 6.30
N GLU A 19 3.72 13.31 5.62
CA GLU A 19 4.56 13.62 4.48
C GLU A 19 6.02 13.28 4.79
N LEU A 20 6.47 13.74 5.94
CA LEU A 20 7.84 13.49 6.37
C LEU A 20 8.17 12.01 6.17
N LYS A 21 7.30 11.17 6.70
CA LYS A 21 7.48 9.73 6.59
C LYS A 21 7.48 9.34 5.10
N ALA A 22 6.66 10.04 4.34
CA ALA A 22 6.57 9.77 2.91
C ALA A 22 7.97 9.75 2.30
N ALA A 23 8.81 10.65 2.79
CA ALA A 23 10.17 10.75 2.31
C ALA A 23 10.98 9.55 2.83
N SER A 24 10.60 9.10 4.02
CA SER A 24 11.27 7.97 4.64
C SER A 24 11.13 6.72 3.76
N ARG A 25 10.07 6.73 2.96
CA ARG A 25 9.80 5.60 2.07
C ARG A 25 10.41 5.87 0.70
N GLY A 26 10.61 7.15 0.40
CA GLY A 26 11.18 7.55 -0.88
C GLY A 26 12.65 7.16 -0.96
N ASN A 27 13.15 6.59 0.13
CA ASN A 27 14.54 6.19 0.20
C ASN A 27 14.68 4.78 -0.38
N GLY A 28 13.54 4.20 -0.74
CA GLY A 28 13.53 2.86 -1.30
C GLY A 28 12.97 1.84 -0.29
N GLU A 29 11.77 1.37 -0.58
CA GLU A 29 11.13 0.41 0.29
C GLU A 29 9.82 -0.09 -0.34
N TYR A 30 9.46 -1.31 0.01
CA TYR A 30 8.24 -1.91 -0.52
C TYR A 30 7.02 -1.08 -0.13
N ALA A 31 5.90 -1.39 -0.79
CA ALA A 31 4.66 -0.69 -0.53
C ALA A 31 3.50 -1.44 -1.18
N TRP A 32 2.34 -1.34 -0.54
CA TRP A 32 1.16 -2.02 -1.04
C TRP A 32 0.28 -0.97 -1.75
N TYR A 33 -0.44 -1.44 -2.76
CA TYR A 33 -1.31 -0.56 -3.51
C TYR A 33 -2.71 -1.18 -3.66
N TYR A 34 -3.70 -0.29 -3.76
CA TYR A 34 -5.08 -0.74 -3.91
C TYR A 34 -5.80 0.08 -4.98
N GLU A 35 -6.72 -0.58 -5.67
CA GLU A 35 -7.49 0.08 -6.71
C GLU A 35 -7.82 1.51 -6.31
N GLY A 36 -7.65 2.41 -7.27
CA GLY A 36 -7.92 3.82 -7.03
C GLY A 36 -8.98 4.34 -8.01
N ARG A 37 -9.16 5.65 -7.99
CA ARG A 37 -10.13 6.29 -8.86
C ARG A 37 -9.52 6.51 -10.25
N ASN A 38 -8.22 6.75 -10.26
CA ASN A 38 -7.51 6.98 -11.52
C ASN A 38 -6.78 5.70 -11.92
N GLY A 39 -6.09 5.12 -10.96
CA GLY A 39 -5.35 3.89 -11.21
C GLY A 39 -5.15 3.10 -9.92
N TRP A 40 -3.96 3.20 -9.37
CA TRP A 40 -3.63 2.51 -8.14
C TRP A 40 -3.31 3.55 -7.07
N TRP A 41 -3.92 3.37 -5.91
CA TRP A 41 -3.72 4.28 -4.80
C TRP A 41 -2.91 3.56 -3.72
N GLN A 42 -1.98 4.28 -3.13
CA GLN A 42 -1.14 3.71 -2.09
C GLN A 42 -1.77 3.93 -0.71
N TYR A 43 -1.41 3.06 0.22
CA TYR A 43 -1.93 3.15 1.57
C TYR A 43 -1.22 4.24 2.37
N ASP A 44 -1.59 4.34 3.63
CA ASP A 44 -0.99 5.33 4.51
C ASP A 44 0.40 4.85 4.95
N GLU A 45 0.39 3.78 5.73
CA GLU A 45 1.63 3.21 6.23
C GLU A 45 1.35 2.02 7.16
N ARG A 46 0.27 2.15 7.91
CA ARG A 46 -0.13 1.11 8.84
C ARG A 46 -0.85 -0.02 8.09
N THR A 47 -1.88 0.38 7.35
CA THR A 47 -2.66 -0.59 6.59
C THR A 47 -1.74 -1.52 5.81
N SER A 48 -0.66 -0.94 5.30
CA SER A 48 0.31 -1.72 4.53
C SER A 48 1.15 -2.57 5.47
N ARG A 49 1.55 -1.97 6.59
CA ARG A 49 2.36 -2.67 7.57
C ARG A 49 1.67 -3.97 7.99
N GLU A 50 0.36 -3.98 7.83
CA GLU A 50 -0.42 -5.16 8.20
C GLU A 50 -0.55 -6.11 6.99
N LEU A 51 -0.34 -5.55 5.81
CA LEU A 51 -0.42 -6.33 4.59
C LEU A 51 0.83 -7.19 4.46
N GLU A 52 1.96 -6.61 4.83
CA GLU A 52 3.23 -7.30 4.75
C GLU A 52 3.32 -8.36 5.85
N ASP A 53 3.13 -7.90 7.09
CA ASP A 53 3.18 -8.80 8.23
C ASP A 53 2.38 -10.07 7.92
N ALA A 54 1.16 -9.87 7.45
CA ALA A 54 0.29 -10.98 7.10
C ALA A 54 0.92 -11.78 5.97
N PHE A 55 0.97 -11.16 4.80
CA PHE A 55 1.53 -11.81 3.63
C PHE A 55 2.80 -12.60 4.00
N SER A 56 3.64 -11.95 4.79
CA SER A 56 4.88 -12.58 5.22
C SER A 56 4.58 -13.71 6.21
N LYS A 57 4.07 -13.34 7.36
CA LYS A 57 3.74 -14.31 8.38
C LYS A 57 3.09 -15.53 7.73
N GLY A 58 2.18 -15.25 6.80
CA GLY A 58 1.49 -16.31 6.09
C GLY A 58 -0.02 -16.05 6.06
N LYS A 59 -0.44 -15.08 6.86
CA LYS A 59 -1.85 -14.72 6.92
C LYS A 59 -2.33 -14.29 5.54
N LYS A 60 -3.20 -15.11 4.97
CA LYS A 60 -3.73 -14.83 3.65
C LYS A 60 -4.55 -13.54 3.70
N ASN A 61 -5.39 -13.44 4.72
CA ASN A 61 -6.22 -12.27 4.89
C ASN A 61 -5.75 -11.49 6.13
N THR A 62 -5.97 -10.18 6.08
CA THR A 62 -5.57 -9.31 7.17
C THR A 62 -6.63 -8.24 7.42
N GLU A 63 -7.17 -8.26 8.63
CA GLU A 63 -8.19 -7.30 9.00
C GLU A 63 -7.55 -5.96 9.42
N MET A 64 -8.00 -4.90 8.79
CA MET A 64 -7.48 -3.58 9.07
C MET A 64 -8.63 -2.58 9.31
N LEU A 65 -8.56 -1.92 10.45
CA LEU A 65 -9.58 -0.95 10.80
C LEU A 65 -9.18 0.42 10.24
N ILE A 66 -10.01 0.90 9.32
CA ILE A 66 -9.76 2.18 8.68
C ILE A 66 -10.61 3.25 9.38
N ALA A 67 -10.42 4.49 8.94
CA ALA A 67 -11.15 5.61 9.50
C ALA A 67 -12.60 5.19 9.74
N GLY A 68 -12.87 4.73 10.95
CA GLY A 68 -14.21 4.30 11.31
C GLY A 68 -14.80 3.39 10.24
N PHE A 69 -13.99 2.42 9.81
CA PHE A 69 -14.42 1.48 8.80
C PHE A 69 -13.56 0.22 8.82
N LEU A 70 -14.11 -0.83 9.41
CA LEU A 70 -13.40 -2.09 9.50
C LEU A 70 -13.29 -2.71 8.11
N TYR A 71 -12.06 -3.01 7.73
CA TYR A 71 -11.80 -3.61 6.42
C TYR A 71 -11.02 -4.92 6.57
N VAL A 72 -11.03 -5.69 5.49
CA VAL A 72 -10.34 -6.96 5.48
C VAL A 72 -9.63 -7.14 4.13
N ALA A 73 -8.31 -7.16 4.18
CA ALA A 73 -7.51 -7.34 2.97
C ALA A 73 -7.26 -8.83 2.74
N ASP A 74 -7.80 -9.32 1.64
CA ASP A 74 -7.64 -10.72 1.29
C ASP A 74 -6.53 -10.85 0.24
N LEU A 75 -5.40 -11.39 0.68
CA LEU A 75 -4.27 -11.57 -0.21
C LEU A 75 -4.55 -12.77 -1.13
N GLU A 76 -5.33 -13.70 -0.61
CA GLU A 76 -5.67 -14.90 -1.37
C GLU A 76 -6.17 -14.52 -2.77
N ASN A 77 -7.07 -13.55 -2.80
CA ASN A 77 -7.63 -13.10 -4.07
C ASN A 77 -6.95 -11.78 -4.46
N MET A 78 -6.12 -11.28 -3.56
CA MET A 78 -5.41 -10.03 -3.80
C MET A 78 -6.38 -8.85 -3.87
N VAL A 79 -7.38 -8.90 -3.00
CA VAL A 79 -8.38 -7.85 -2.95
C VAL A 79 -8.84 -7.65 -1.50
N GLN A 80 -9.16 -6.40 -1.18
CA GLN A 80 -9.61 -6.07 0.16
C GLN A 80 -11.07 -5.63 0.15
N TYR A 81 -11.81 -6.11 1.13
CA TYR A 81 -13.23 -5.79 1.24
C TYR A 81 -13.58 -5.38 2.67
N ARG A 82 -14.59 -4.52 2.77
CA ARG A 82 -15.04 -4.05 4.07
C ARG A 82 -15.50 -5.22 4.94
N ARG A 83 -15.08 -5.18 6.19
CA ARG A 83 -15.45 -6.24 7.12
C ARG A 83 -16.96 -6.45 7.13
N ASN A 84 -17.67 -5.37 7.43
CA ASN A 84 -19.12 -5.43 7.48
C ASN A 84 -19.67 -5.29 6.06
N GLU A 85 -19.19 -4.29 5.35
CA GLU A 85 -19.62 -4.04 3.98
C GLU A 85 -18.74 -4.81 3.01
N HIS A 86 -18.93 -6.13 2.98
CA HIS A 86 -18.17 -6.98 2.10
C HIS A 86 -18.28 -6.47 0.66
N GLY A 87 -19.46 -5.93 0.35
CA GLY A 87 -19.72 -5.41 -0.98
C GLY A 87 -18.58 -4.48 -1.43
N ARG A 88 -18.25 -3.53 -0.56
CA ARG A 88 -17.20 -2.58 -0.85
C ARG A 88 -15.84 -3.26 -0.77
N ARG A 89 -15.18 -3.36 -1.92
CA ARG A 89 -13.87 -3.98 -1.99
C ARG A 89 -13.07 -3.40 -3.15
N ARG A 90 -11.78 -3.69 -3.14
CA ARG A 90 -10.89 -3.19 -4.17
C ARG A 90 -9.69 -4.14 -4.34
N LYS A 91 -9.09 -4.09 -5.52
CA LYS A 91 -7.95 -4.93 -5.82
C LYS A 91 -6.71 -4.37 -5.10
N ILE A 92 -5.78 -5.27 -4.82
CA ILE A 92 -4.56 -4.87 -4.14
C ILE A 92 -3.36 -5.48 -4.87
N LYS A 93 -2.22 -4.81 -4.74
CA LYS A 93 -1.00 -5.27 -5.38
C LYS A 93 0.21 -4.73 -4.62
N ARG A 94 1.17 -5.61 -4.39
CA ARG A 94 2.38 -5.23 -3.67
C ARG A 94 3.47 -4.81 -4.66
N ASP A 95 3.93 -3.58 -4.50
CA ASP A 95 4.97 -3.06 -5.37
C ASP A 95 6.07 -2.41 -4.50
N ILE A 96 7.12 -1.97 -5.18
CA ILE A 96 8.24 -1.34 -4.49
C ILE A 96 8.15 0.17 -4.68
N ILE A 97 8.69 0.89 -3.71
CA ILE A 97 8.68 2.34 -3.75
C ILE A 97 10.12 2.86 -3.82
N ASP A 98 10.32 3.84 -4.67
CA ASP A 98 11.63 4.43 -4.84
C ASP A 98 12.62 3.35 -5.30
N ILE A 99 12.42 2.90 -6.53
CA ILE A 99 13.28 1.88 -7.09
C ILE A 99 13.06 0.56 -6.33
N PRO A 100 12.84 -0.52 -7.11
CA PRO A 100 12.61 -1.84 -6.53
C PRO A 100 13.92 -2.44 -6.01
N LYS A 101 13.95 -2.70 -4.72
CA LYS A 101 15.12 -3.27 -4.09
C LYS A 101 14.94 -4.78 -3.94
N LYS A 102 13.84 -5.15 -3.30
CA LYS A 102 13.53 -6.56 -3.09
C LYS A 102 12.69 -7.07 -4.25
N GLY A 103 11.65 -6.29 -4.58
CA GLY A 103 10.76 -6.66 -5.67
C GLY A 103 11.54 -7.30 -6.82
N VAL A 104 12.43 -6.52 -7.41
CA VAL A 104 13.23 -6.99 -8.52
C VAL A 104 14.45 -7.75 -7.98
N SER A 105 14.35 -9.07 -8.00
CA SER A 105 15.43 -9.91 -7.51
C SER A 105 15.33 -11.30 -8.15
N GLY A 106 16.49 -11.91 -8.33
CA GLY A 106 16.55 -13.25 -8.93
C GLY A 106 16.29 -14.32 -7.87
N PRO A 107 15.52 -15.37 -8.29
CA PRO A 107 15.19 -16.46 -7.39
C PRO A 107 16.40 -17.39 -7.19
N SER A 108 16.15 -18.49 -6.50
CA SER A 108 17.21 -19.45 -6.23
C SER A 108 16.63 -20.64 -5.45
N SER A 109 17.35 -21.75 -5.52
CA SER A 109 16.94 -22.95 -4.82
C SER A 109 18.11 -23.54 -4.03
N GLY A 110 17.81 -23.95 -2.81
CA GLY A 110 18.82 -24.51 -1.94
C GLY A 110 18.38 -25.89 -1.42
N PRO A 1 -6.05 -31.57 3.36
CA PRO A 1 -5.10 -30.85 4.20
C PRO A 1 -5.82 -30.19 5.38
N SER A 2 -5.04 -29.48 6.19
CA SER A 2 -5.58 -28.80 7.35
C SER A 2 -4.67 -27.63 7.74
N SER A 3 -5.21 -26.78 8.59
CA SER A 3 -4.48 -25.60 9.05
C SER A 3 -5.16 -24.99 10.27
N GLY A 4 -4.43 -24.12 10.95
CA GLY A 4 -4.95 -23.45 12.12
C GLY A 4 -5.14 -21.96 11.88
N SER A 5 -4.96 -21.19 12.94
CA SER A 5 -5.10 -19.74 12.85
C SER A 5 -4.78 -19.10 14.21
N SER A 6 -4.65 -17.79 14.18
CA SER A 6 -4.35 -17.05 15.40
C SER A 6 -4.20 -15.55 15.07
N GLY A 7 -4.30 -14.74 16.12
CA GLY A 7 -4.17 -13.31 15.96
C GLY A 7 -4.44 -12.59 17.29
N PHE A 8 -3.68 -11.52 17.51
CA PHE A 8 -3.83 -10.74 18.72
C PHE A 8 -2.99 -9.46 18.65
N LEU A 9 -3.34 -8.62 17.67
CA LEU A 9 -2.64 -7.36 17.49
C LEU A 9 -3.51 -6.21 18.03
N ASP A 10 -2.90 -5.04 18.09
CA ASP A 10 -3.60 -3.87 18.58
C ASP A 10 -2.61 -2.72 18.74
N LYS A 11 -3.01 -1.56 18.21
CA LYS A 11 -2.16 -0.38 18.28
C LYS A 11 -3.01 0.82 18.72
N PRO A 12 -2.35 1.74 19.47
CA PRO A 12 -3.03 2.93 19.96
C PRO A 12 -3.22 3.95 18.83
N THR A 13 -3.84 5.06 19.18
CA THR A 13 -4.10 6.11 18.21
C THR A 13 -2.96 7.12 18.20
N LEU A 14 -3.03 8.07 17.27
CA LEU A 14 -2.01 9.09 17.15
C LEU A 14 -0.76 8.48 16.51
N LEU A 15 -0.96 7.37 15.82
CA LEU A 15 0.14 6.68 15.17
C LEU A 15 1.36 6.72 16.08
N SER A 16 2.52 6.47 15.47
CA SER A 16 3.77 6.46 16.21
C SER A 16 4.78 7.38 15.54
N PRO A 17 5.96 7.55 16.20
CA PRO A 17 7.01 8.39 15.68
C PRO A 17 7.72 7.73 14.51
N GLU A 18 7.52 6.42 14.40
CA GLU A 18 8.13 5.65 13.33
C GLU A 18 7.45 5.94 12.00
N GLU A 19 6.15 6.23 12.09
CA GLU A 19 5.38 6.54 10.90
C GLU A 19 5.85 7.86 10.27
N LEU A 20 6.66 8.58 11.03
CA LEU A 20 7.20 9.84 10.56
C LEU A 20 8.43 9.59 9.70
N LYS A 21 9.34 8.80 10.24
CA LYS A 21 10.56 8.47 9.53
C LYS A 21 10.24 7.54 8.36
N ALA A 22 9.16 6.80 8.52
CA ALA A 22 8.72 5.87 7.48
C ALA A 22 8.63 6.61 6.15
N ALA A 23 8.38 7.91 6.24
CA ALA A 23 8.26 8.74 5.05
C ALA A 23 9.63 8.84 4.38
N SER A 24 10.67 8.79 5.20
CA SER A 24 12.03 8.87 4.70
C SER A 24 12.48 7.52 4.14
N ARG A 25 11.95 6.47 4.76
CA ARG A 25 12.28 5.12 4.33
C ARG A 25 11.69 4.84 2.95
N GLY A 26 10.80 5.72 2.52
CA GLY A 26 10.16 5.58 1.23
C GLY A 26 11.19 5.55 0.11
N ASN A 27 12.40 5.97 0.45
CA ASN A 27 13.50 6.00 -0.51
C ASN A 27 13.87 4.56 -0.89
N GLY A 28 13.30 3.62 -0.14
CA GLY A 28 13.57 2.21 -0.40
C GLY A 28 12.85 1.34 0.63
N GLU A 29 11.63 0.94 0.27
CA GLU A 29 10.83 0.10 1.14
C GLU A 29 9.58 -0.40 0.41
N TYR A 30 9.14 -1.58 0.80
CA TYR A 30 7.97 -2.18 0.18
C TYR A 30 6.73 -1.31 0.41
N ALA A 31 5.71 -1.57 -0.40
CA ALA A 31 4.46 -0.82 -0.29
C ALA A 31 3.35 -1.61 -0.98
N TRP A 32 2.12 -1.36 -0.53
CA TRP A 32 0.97 -2.03 -1.09
C TRP A 32 0.12 -0.99 -1.83
N TYR A 33 -0.59 -1.47 -2.83
CA TYR A 33 -1.44 -0.59 -3.63
C TYR A 33 -2.83 -1.19 -3.82
N TYR A 34 -3.80 -0.31 -4.05
CA TYR A 34 -5.17 -0.75 -4.26
C TYR A 34 -5.83 0.02 -5.40
N GLU A 35 -6.54 -0.72 -6.24
CA GLU A 35 -7.22 -0.12 -7.38
C GLU A 35 -7.78 1.25 -6.99
N GLY A 36 -7.18 2.29 -7.55
CA GLY A 36 -7.61 3.64 -7.27
C GLY A 36 -8.48 4.19 -8.41
N ARG A 37 -8.56 5.50 -8.49
CA ARG A 37 -9.34 6.15 -9.52
C ARG A 37 -8.55 6.25 -10.82
N ASN A 38 -7.30 6.65 -10.69
CA ASN A 38 -6.42 6.79 -11.84
C ASN A 38 -5.92 5.40 -12.25
N GLY A 39 -5.59 4.60 -11.25
CA GLY A 39 -5.09 3.26 -11.49
C GLY A 39 -4.93 2.49 -10.18
N TRP A 40 -3.81 2.73 -9.52
CA TRP A 40 -3.51 2.08 -8.26
C TRP A 40 -3.14 3.15 -7.24
N TRP A 41 -3.94 3.23 -6.18
CA TRP A 41 -3.70 4.21 -5.13
C TRP A 41 -2.96 3.51 -4.00
N GLN A 42 -2.06 4.25 -3.38
CA GLN A 42 -1.27 3.72 -2.27
C GLN A 42 -1.94 4.05 -0.94
N TYR A 43 -2.24 3.00 -0.19
CA TYR A 43 -2.88 3.17 1.11
C TYR A 43 -2.26 4.33 1.89
N ASP A 44 -0.97 4.18 2.17
CA ASP A 44 -0.25 5.21 2.91
C ASP A 44 1.16 4.70 3.21
N GLU A 45 1.24 3.86 4.23
CA GLU A 45 2.52 3.30 4.64
C GLU A 45 2.34 2.36 5.82
N ARG A 46 1.42 2.73 6.70
CA ARG A 46 1.14 1.92 7.87
C ARG A 46 0.19 0.78 7.51
N THR A 47 -0.99 1.14 7.03
CA THR A 47 -1.98 0.16 6.65
C THR A 47 -1.34 -0.94 5.80
N SER A 48 -0.41 -0.54 4.96
CA SER A 48 0.28 -1.48 4.10
C SER A 48 1.34 -2.24 4.91
N ARG A 49 1.95 -1.53 5.84
CA ARG A 49 2.98 -2.12 6.67
C ARG A 49 2.45 -3.40 7.33
N GLU A 50 1.13 -3.50 7.39
CA GLU A 50 0.49 -4.67 7.98
C GLU A 50 0.23 -5.73 6.92
N LEU A 51 -0.07 -5.26 5.72
CA LEU A 51 -0.34 -6.17 4.61
C LEU A 51 0.89 -7.02 4.34
N GLU A 52 2.06 -6.41 4.52
CA GLU A 52 3.31 -7.11 4.30
C GLU A 52 3.55 -8.12 5.42
N ASP A 53 3.52 -7.62 6.64
CA ASP A 53 3.74 -8.48 7.80
C ASP A 53 2.84 -9.70 7.69
N ALA A 54 1.57 -9.45 7.39
CA ALA A 54 0.60 -10.52 7.26
C ALA A 54 1.03 -11.46 6.14
N PHE A 55 0.93 -10.96 4.91
CA PHE A 55 1.30 -11.73 3.75
C PHE A 55 2.64 -12.43 3.96
N SER A 56 3.49 -11.79 4.76
CA SER A 56 4.80 -12.34 5.05
C SER A 56 4.68 -13.45 6.10
N LYS A 57 4.23 -13.06 7.28
CA LYS A 57 4.06 -14.02 8.37
C LYS A 57 3.40 -15.28 7.83
N GLY A 58 2.42 -15.08 6.97
CA GLY A 58 1.69 -16.19 6.38
C GLY A 58 0.20 -15.87 6.28
N LYS A 59 -0.21 -14.82 6.98
CA LYS A 59 -1.60 -14.41 6.97
C LYS A 59 -1.98 -13.92 5.57
N LYS A 60 -2.83 -14.69 4.92
CA LYS A 60 -3.28 -14.36 3.58
C LYS A 60 -4.33 -13.24 3.67
N ASN A 61 -5.26 -13.42 4.59
CA ASN A 61 -6.32 -12.45 4.78
C ASN A 61 -6.07 -11.69 6.09
N THR A 62 -5.81 -10.39 5.94
CA THR A 62 -5.55 -9.55 7.09
C THR A 62 -6.64 -8.48 7.23
N GLU A 63 -7.33 -8.53 8.36
CA GLU A 63 -8.40 -7.58 8.62
C GLU A 63 -7.85 -6.36 9.36
N MET A 64 -8.31 -5.19 8.93
CA MET A 64 -7.87 -3.95 9.54
C MET A 64 -9.07 -3.06 9.88
N LEU A 65 -9.15 -2.69 11.15
CA LEU A 65 -10.24 -1.85 11.62
C LEU A 65 -9.86 -0.37 11.42
N ILE A 66 -10.41 0.20 10.36
CA ILE A 66 -10.15 1.59 10.04
C ILE A 66 -11.00 2.49 10.95
N ALA A 67 -10.69 3.78 10.90
CA ALA A 67 -11.41 4.75 11.70
C ALA A 67 -12.92 4.48 11.59
N GLY A 68 -13.41 3.65 12.50
CA GLY A 68 -14.83 3.31 12.50
C GLY A 68 -15.23 2.65 11.19
N PHE A 69 -14.40 1.73 10.74
CA PHE A 69 -14.66 1.02 9.51
C PHE A 69 -13.87 -0.29 9.44
N LEU A 70 -14.53 -1.37 9.82
CA LEU A 70 -13.91 -2.68 9.81
C LEU A 70 -13.64 -3.10 8.36
N TYR A 71 -12.36 -3.07 8.00
CA TYR A 71 -11.96 -3.45 6.66
C TYR A 71 -11.25 -4.80 6.67
N VAL A 72 -11.28 -5.45 5.51
CA VAL A 72 -10.65 -6.74 5.35
C VAL A 72 -9.79 -6.76 4.09
N ALA A 73 -8.53 -7.09 4.27
CA ALA A 73 -7.59 -7.13 3.15
C ALA A 73 -7.27 -8.59 2.83
N ASP A 74 -7.75 -9.03 1.67
CA ASP A 74 -7.52 -10.40 1.23
C ASP A 74 -6.33 -10.42 0.28
N LEU A 75 -5.28 -11.11 0.70
CA LEU A 75 -4.08 -11.23 -0.10
C LEU A 75 -4.21 -12.43 -1.03
N GLU A 76 -4.91 -13.44 -0.56
CA GLU A 76 -5.12 -14.66 -1.33
C GLU A 76 -5.78 -14.31 -2.68
N ASN A 77 -6.71 -13.39 -2.62
CA ASN A 77 -7.43 -12.96 -3.82
C ASN A 77 -6.85 -11.64 -4.31
N MET A 78 -5.90 -11.12 -3.54
CA MET A 78 -5.26 -9.86 -3.88
C MET A 78 -6.29 -8.74 -4.01
N VAL A 79 -7.23 -8.73 -3.07
CA VAL A 79 -8.27 -7.72 -3.06
C VAL A 79 -8.58 -7.33 -1.62
N GLN A 80 -9.32 -6.23 -1.49
CA GLN A 80 -9.69 -5.74 -0.18
C GLN A 80 -11.15 -5.29 -0.17
N TYR A 81 -11.86 -5.71 0.88
CA TYR A 81 -13.27 -5.36 1.02
C TYR A 81 -13.61 -5.03 2.47
N ARG A 82 -14.68 -4.26 2.63
CA ARG A 82 -15.12 -3.87 3.95
C ARG A 82 -15.94 -4.99 4.60
N ARG A 83 -15.68 -5.20 5.89
CA ARG A 83 -16.38 -6.22 6.63
C ARG A 83 -17.89 -5.98 6.58
N ASN A 84 -18.29 -4.82 7.09
CA ASN A 84 -19.70 -4.45 7.11
C ASN A 84 -20.20 -4.32 5.67
N GLU A 85 -19.47 -3.52 4.89
CA GLU A 85 -19.84 -3.30 3.50
C GLU A 85 -19.07 -4.27 2.59
N HIS A 86 -19.43 -5.53 2.68
CA HIS A 86 -18.79 -6.56 1.87
C HIS A 86 -18.62 -6.04 0.44
N GLY A 87 -19.67 -5.38 -0.05
CA GLY A 87 -19.64 -4.85 -1.39
C GLY A 87 -18.39 -3.99 -1.62
N ARG A 88 -18.25 -2.97 -0.79
CA ARG A 88 -17.11 -2.07 -0.89
C ARG A 88 -15.81 -2.87 -0.89
N ARG A 89 -15.15 -2.88 -2.03
CA ARG A 89 -13.89 -3.59 -2.17
C ARG A 89 -13.10 -3.04 -3.36
N ARG A 90 -11.88 -3.55 -3.50
CA ARG A 90 -11.01 -3.12 -4.58
C ARG A 90 -9.79 -4.04 -4.68
N LYS A 91 -9.21 -4.08 -5.86
CA LYS A 91 -8.04 -4.90 -6.11
C LYS A 91 -6.85 -4.34 -5.34
N ILE A 92 -5.91 -5.22 -5.01
CA ILE A 92 -4.72 -4.81 -4.29
C ILE A 92 -3.50 -5.51 -4.88
N LYS A 93 -2.37 -4.82 -4.83
CA LYS A 93 -1.13 -5.37 -5.35
C LYS A 93 0.04 -4.84 -4.53
N ARG A 94 0.95 -5.76 -4.20
CA ARG A 94 2.12 -5.41 -3.42
C ARG A 94 3.29 -5.08 -4.33
N ASP A 95 3.81 -3.87 -4.17
CA ASP A 95 4.94 -3.42 -4.97
C ASP A 95 6.02 -2.84 -4.05
N ILE A 96 7.18 -2.61 -4.64
CA ILE A 96 8.30 -2.05 -3.90
C ILE A 96 8.41 -0.55 -4.19
N ILE A 97 8.66 0.20 -3.12
CA ILE A 97 8.79 1.64 -3.24
C ILE A 97 10.27 2.03 -3.08
N ASP A 98 10.64 3.11 -3.76
CA ASP A 98 12.01 3.60 -3.70
C ASP A 98 12.17 4.76 -4.68
N ILE A 99 11.49 5.85 -4.38
CA ILE A 99 11.55 7.03 -5.21
C ILE A 99 10.95 6.71 -6.58
N PRO A 100 10.23 7.72 -7.15
CA PRO A 100 9.61 7.54 -8.46
C PRO A 100 10.65 7.62 -9.57
N LYS A 101 11.69 6.82 -9.42
CA LYS A 101 12.75 6.78 -10.40
C LYS A 101 12.54 5.60 -11.35
N LYS A 102 12.25 4.45 -10.75
CA LYS A 102 12.01 3.25 -11.52
C LYS A 102 10.81 3.45 -12.43
N GLY A 103 9.90 4.30 -11.98
CA GLY A 103 8.70 4.59 -12.73
C GLY A 103 9.00 4.64 -14.23
N VAL A 104 9.81 5.62 -14.61
CA VAL A 104 10.18 5.78 -16.01
C VAL A 104 11.34 4.83 -16.34
N SER A 105 12.20 4.64 -15.36
CA SER A 105 13.34 3.77 -15.53
C SER A 105 14.22 4.25 -16.69
N GLY A 106 15.21 3.45 -17.03
CA GLY A 106 16.10 3.79 -18.12
C GLY A 106 16.68 2.53 -18.78
N PRO A 107 17.90 2.14 -18.29
CA PRO A 107 18.56 0.96 -18.82
C PRO A 107 17.91 -0.32 -18.29
N SER A 108 17.83 -1.31 -19.17
CA SER A 108 17.23 -2.58 -18.82
C SER A 108 17.68 -3.66 -19.79
N SER A 109 17.41 -4.91 -19.42
CA SER A 109 17.78 -6.05 -20.24
C SER A 109 19.30 -6.18 -20.28
N GLY A 110 19.76 -7.42 -20.20
CA GLY A 110 21.19 -7.70 -20.22
C GLY A 110 21.90 -6.79 -21.22
N PRO A 1 23.28 14.80 4.37
CA PRO A 1 22.33 13.96 3.67
C PRO A 1 22.12 12.63 4.39
N SER A 2 21.04 11.95 4.01
CA SER A 2 20.73 10.67 4.61
C SER A 2 20.08 9.75 3.57
N SER A 3 20.63 8.55 3.47
CA SER A 3 20.13 7.57 2.52
C SER A 3 19.26 6.54 3.25
N GLY A 4 18.01 6.92 3.50
CA GLY A 4 17.08 6.05 4.17
C GLY A 4 16.09 6.85 5.03
N SER A 5 14.86 6.91 4.55
CA SER A 5 13.82 7.64 5.26
C SER A 5 12.47 7.44 4.56
N SER A 6 11.42 7.92 5.22
CA SER A 6 10.09 7.80 4.67
C SER A 6 9.20 8.93 5.20
N GLY A 7 8.14 9.20 4.48
CA GLY A 7 7.20 10.25 4.86
C GLY A 7 5.77 9.90 4.44
N PHE A 8 5.01 10.93 4.14
CA PHE A 8 3.63 10.75 3.72
C PHE A 8 3.12 11.98 2.97
N LEU A 9 3.76 12.26 1.84
CA LEU A 9 3.38 13.40 1.02
C LEU A 9 4.35 13.52 -0.16
N ASP A 10 3.80 13.41 -1.35
CA ASP A 10 4.58 13.50 -2.56
C ASP A 10 3.72 13.14 -3.77
N LYS A 11 4.23 13.46 -4.95
CA LYS A 11 3.51 13.17 -6.18
C LYS A 11 4.37 13.60 -7.37
N PRO A 12 5.11 12.61 -7.93
CA PRO A 12 5.97 12.88 -9.07
C PRO A 12 5.15 13.04 -10.35
N THR A 13 5.78 13.61 -11.36
CA THR A 13 5.13 13.83 -12.64
C THR A 13 6.09 14.46 -13.64
N LEU A 14 6.66 15.59 -13.24
CA LEU A 14 7.60 16.29 -14.09
C LEU A 14 9.02 15.79 -13.80
N LEU A 15 9.08 14.63 -13.18
CA LEU A 15 10.36 14.02 -12.84
C LEU A 15 11.01 14.81 -11.69
N SER A 16 12.05 15.55 -12.04
CA SER A 16 12.76 16.34 -11.04
C SER A 16 13.81 15.49 -10.34
N PRO A 17 14.48 16.12 -9.34
CA PRO A 17 15.52 15.43 -8.59
C PRO A 17 14.91 14.44 -7.60
N GLU A 18 13.59 14.51 -7.48
CA GLU A 18 12.87 13.63 -6.58
C GLU A 18 12.44 12.36 -7.31
N GLU A 19 12.44 12.44 -8.63
CA GLU A 19 12.05 11.31 -9.45
C GLU A 19 13.18 10.28 -9.51
N LEU A 20 14.40 10.78 -9.34
CA LEU A 20 15.57 9.92 -9.38
C LEU A 20 15.46 8.87 -8.26
N LYS A 21 14.84 9.27 -7.17
CA LYS A 21 14.66 8.39 -6.04
C LYS A 21 14.26 7.00 -6.54
N ALA A 22 13.58 7.00 -7.68
CA ALA A 22 13.12 5.75 -8.28
C ALA A 22 14.27 4.75 -8.30
N ALA A 23 15.32 5.12 -9.03
CA ALA A 23 16.50 4.26 -9.13
C ALA A 23 17.02 3.94 -7.73
N SER A 24 16.68 4.82 -6.79
CA SER A 24 17.10 4.64 -5.42
C SER A 24 16.34 3.49 -4.77
N ARG A 25 15.34 3.00 -5.50
CA ARG A 25 14.54 1.89 -5.01
C ARG A 25 15.41 0.87 -4.28
N GLY A 26 16.66 0.79 -4.72
CA GLY A 26 17.60 -0.13 -4.12
C GLY A 26 17.40 -0.23 -2.61
N ASN A 27 16.95 0.88 -2.03
CA ASN A 27 16.70 0.94 -0.60
C ASN A 27 15.80 -0.23 -0.20
N GLY A 28 14.60 -0.23 -0.75
CA GLY A 28 13.64 -1.28 -0.46
C GLY A 28 12.54 -0.77 0.48
N GLU A 29 11.68 0.08 -0.07
CA GLU A 29 10.58 0.65 0.70
C GLU A 29 9.26 0.03 0.27
N TYR A 30 8.91 -1.08 0.91
CA TYR A 30 7.67 -1.77 0.60
C TYR A 30 6.51 -0.77 0.43
N ALA A 31 5.60 -1.13 -0.45
CA ALA A 31 4.44 -0.29 -0.72
C ALA A 31 3.33 -1.13 -1.35
N TRP A 32 2.16 -1.03 -0.75
CA TRP A 32 1.00 -1.78 -1.23
C TRP A 32 0.08 -0.79 -1.94
N TYR A 33 -0.44 -1.24 -3.09
CA TYR A 33 -1.34 -0.41 -3.87
C TYR A 33 -2.72 -1.05 -3.96
N TYR A 34 -3.71 -0.21 -4.27
CA TYR A 34 -5.08 -0.67 -4.39
C TYR A 34 -5.76 -0.04 -5.59
N GLU A 35 -6.78 -0.75 -6.09
CA GLU A 35 -7.52 -0.27 -7.24
C GLU A 35 -7.83 1.21 -7.10
N GLY A 36 -7.02 2.03 -7.76
CA GLY A 36 -7.20 3.47 -7.71
C GLY A 36 -7.95 3.97 -8.95
N ARG A 37 -8.46 5.19 -8.83
CA ARG A 37 -9.21 5.80 -9.92
C ARG A 37 -8.39 5.73 -11.22
N ASN A 38 -7.14 6.13 -11.10
CA ASN A 38 -6.25 6.12 -12.26
C ASN A 38 -5.88 4.67 -12.60
N GLY A 39 -5.80 3.86 -11.57
CA GLY A 39 -5.46 2.46 -11.73
C GLY A 39 -5.08 1.81 -10.40
N TRP A 40 -3.94 2.25 -9.88
CA TRP A 40 -3.46 1.73 -8.60
C TRP A 40 -3.01 2.92 -7.75
N TRP A 41 -3.46 2.91 -6.50
CA TRP A 41 -3.10 3.98 -5.58
C TRP A 41 -2.40 3.34 -4.37
N GLN A 42 -1.32 3.99 -3.96
CA GLN A 42 -0.55 3.50 -2.82
C GLN A 42 -1.29 3.80 -1.51
N TYR A 43 -1.06 2.93 -0.54
CA TYR A 43 -1.70 3.09 0.75
C TYR A 43 -0.95 4.11 1.61
N ASP A 44 -1.40 4.24 2.85
CA ASP A 44 -0.78 5.17 3.79
C ASP A 44 0.57 4.62 4.22
N GLU A 45 0.52 3.80 5.26
CA GLU A 45 1.73 3.19 5.80
C GLU A 45 1.40 2.33 7.02
N ARG A 46 0.39 2.78 7.76
CA ARG A 46 -0.02 2.07 8.96
C ARG A 46 -0.65 0.72 8.58
N THR A 47 -1.40 0.74 7.49
CA THR A 47 -2.06 -0.46 7.01
C THR A 47 -1.05 -1.39 6.36
N SER A 48 -0.48 -0.92 5.25
CA SER A 48 0.49 -1.71 4.52
C SER A 48 1.43 -2.43 5.50
N ARG A 49 1.68 -1.77 6.62
CA ARG A 49 2.54 -2.33 7.64
C ARG A 49 2.13 -3.77 7.96
N GLU A 50 0.83 -4.01 7.82
CA GLU A 50 0.29 -5.34 8.09
C GLU A 50 0.22 -6.16 6.80
N LEU A 51 -0.09 -5.46 5.72
CA LEU A 51 -0.19 -6.12 4.42
C LEU A 51 1.04 -6.99 4.19
N GLU A 52 2.20 -6.40 4.39
CA GLU A 52 3.45 -7.11 4.22
C GLU A 52 3.62 -8.17 5.31
N ASP A 53 3.48 -7.73 6.55
CA ASP A 53 3.61 -8.62 7.69
C ASP A 53 2.87 -9.93 7.38
N ALA A 54 1.57 -9.80 7.13
CA ALA A 54 0.76 -10.97 6.83
C ALA A 54 1.30 -11.65 5.57
N PHE A 55 1.18 -10.96 4.46
CA PHE A 55 1.64 -11.48 3.18
C PHE A 55 2.95 -12.27 3.37
N SER A 56 3.90 -11.62 4.01
CA SER A 56 5.19 -12.25 4.25
C SER A 56 5.03 -13.43 5.22
N LYS A 57 4.57 -13.10 6.42
CA LYS A 57 4.37 -14.12 7.44
C LYS A 57 3.73 -15.36 6.80
N GLY A 58 2.86 -15.11 5.83
CA GLY A 58 2.19 -16.19 5.14
C GLY A 58 0.67 -16.05 5.24
N LYS A 59 0.25 -15.13 6.11
CA LYS A 59 -1.16 -14.88 6.31
C LYS A 59 -1.87 -14.77 4.96
N LYS A 60 -3.13 -15.19 4.95
CA LYS A 60 -3.92 -15.14 3.74
C LYS A 60 -4.76 -13.87 3.73
N ASN A 61 -5.54 -13.71 4.78
CA ASN A 61 -6.40 -12.54 4.92
C ASN A 61 -6.03 -11.78 6.18
N THR A 62 -6.29 -10.48 6.16
CA THR A 62 -5.99 -9.63 7.30
C THR A 62 -7.02 -8.50 7.40
N GLU A 63 -7.70 -8.47 8.54
CA GLU A 63 -8.70 -7.45 8.78
C GLU A 63 -8.09 -6.26 9.54
N MET A 64 -8.43 -5.07 9.08
CA MET A 64 -7.93 -3.86 9.71
C MET A 64 -9.07 -2.92 10.07
N LEU A 65 -8.83 -2.11 11.10
CA LEU A 65 -9.82 -1.15 11.55
C LEU A 65 -9.45 0.25 11.06
N ILE A 66 -10.13 0.68 10.01
CA ILE A 66 -9.88 1.99 9.44
C ILE A 66 -10.74 3.03 10.16
N ALA A 67 -10.50 4.28 9.83
CA ALA A 67 -11.23 5.37 10.44
C ALA A 67 -12.70 4.96 10.60
N GLY A 68 -13.00 4.43 11.77
CA GLY A 68 -14.35 3.99 12.07
C GLY A 68 -14.93 3.18 10.92
N PHE A 69 -14.16 2.20 10.47
CA PHE A 69 -14.58 1.34 9.37
C PHE A 69 -13.80 0.03 9.37
N LEU A 70 -14.53 -1.04 9.63
CA LEU A 70 -13.92 -2.37 9.66
C LEU A 70 -13.67 -2.85 8.23
N TYR A 71 -12.40 -3.01 7.90
CA TYR A 71 -12.01 -3.46 6.58
C TYR A 71 -11.31 -4.81 6.64
N VAL A 72 -11.43 -5.56 5.54
CA VAL A 72 -10.82 -6.87 5.46
C VAL A 72 -10.01 -6.97 4.16
N ALA A 73 -8.69 -7.06 4.32
CA ALA A 73 -7.80 -7.15 3.18
C ALA A 73 -7.41 -8.62 2.97
N ASP A 74 -7.90 -9.18 1.87
CA ASP A 74 -7.61 -10.56 1.55
C ASP A 74 -6.49 -10.61 0.52
N LEU A 75 -5.40 -11.26 0.91
CA LEU A 75 -4.25 -11.39 0.03
C LEU A 75 -4.47 -12.56 -0.93
N GLU A 76 -5.20 -13.54 -0.44
CA GLU A 76 -5.49 -14.73 -1.23
C GLU A 76 -5.99 -14.33 -2.61
N ASN A 77 -6.93 -13.39 -2.62
CA ASN A 77 -7.51 -12.91 -3.87
C ASN A 77 -6.87 -11.56 -4.23
N MET A 78 -6.09 -11.03 -3.29
CA MET A 78 -5.43 -9.77 -3.49
C MET A 78 -6.44 -8.63 -3.63
N VAL A 79 -7.39 -8.62 -2.72
CA VAL A 79 -8.43 -7.59 -2.72
C VAL A 79 -8.90 -7.36 -1.30
N GLN A 80 -9.32 -6.12 -1.04
CA GLN A 80 -9.81 -5.75 0.28
C GLN A 80 -11.28 -5.32 0.20
N TYR A 81 -12.07 -5.85 1.11
CA TYR A 81 -13.48 -5.53 1.15
C TYR A 81 -13.91 -5.13 2.57
N ARG A 82 -14.99 -4.36 2.64
CA ARG A 82 -15.51 -3.90 3.91
C ARG A 82 -15.95 -5.09 4.76
N ARG A 83 -15.44 -5.13 5.98
CA ARG A 83 -15.77 -6.21 6.90
C ARG A 83 -17.28 -6.48 6.88
N ASN A 84 -18.02 -5.51 7.38
CA ASN A 84 -19.48 -5.62 7.44
C ASN A 84 -20.02 -5.70 6.00
N GLU A 85 -19.74 -4.65 5.24
CA GLU A 85 -20.20 -4.58 3.86
C GLU A 85 -19.18 -5.22 2.94
N HIS A 86 -19.29 -6.53 2.81
CA HIS A 86 -18.38 -7.28 1.95
C HIS A 86 -18.48 -6.76 0.51
N GLY A 87 -19.63 -6.17 0.22
CA GLY A 87 -19.87 -5.63 -1.11
C GLY A 87 -18.71 -4.75 -1.56
N ARG A 88 -18.50 -3.67 -0.81
CA ARG A 88 -17.43 -2.73 -1.12
C ARG A 88 -16.07 -3.44 -1.04
N ARG A 89 -15.44 -3.58 -2.20
CA ARG A 89 -14.14 -4.23 -2.28
C ARG A 89 -13.31 -3.62 -3.39
N ARG A 90 -11.99 -3.69 -3.22
CA ARG A 90 -11.07 -3.15 -4.20
C ARG A 90 -9.84 -4.05 -4.33
N LYS A 91 -9.27 -4.05 -5.53
CA LYS A 91 -8.09 -4.85 -5.80
C LYS A 91 -6.90 -4.27 -5.02
N ILE A 92 -5.94 -5.14 -4.75
CA ILE A 92 -4.75 -4.73 -4.02
C ILE A 92 -3.53 -5.43 -4.62
N LYS A 93 -2.37 -4.80 -4.43
CA LYS A 93 -1.13 -5.35 -4.94
C LYS A 93 0.03 -4.90 -4.06
N ARG A 94 1.13 -5.63 -4.15
CA ARG A 94 2.31 -5.32 -3.36
C ARG A 94 3.50 -5.02 -4.28
N ASP A 95 4.19 -3.94 -3.96
CA ASP A 95 5.35 -3.53 -4.75
C ASP A 95 6.36 -2.85 -3.84
N ILE A 96 7.58 -2.71 -4.36
CA ILE A 96 8.64 -2.07 -3.59
C ILE A 96 8.91 -0.67 -4.18
N ILE A 97 9.09 0.28 -3.28
CA ILE A 97 9.35 1.65 -3.70
C ILE A 97 10.52 2.21 -2.89
N ASP A 98 10.55 3.53 -2.77
CA ASP A 98 11.60 4.19 -2.02
C ASP A 98 11.04 5.45 -1.35
N ILE A 99 10.28 6.20 -2.13
CA ILE A 99 9.68 7.43 -1.63
C ILE A 99 10.78 8.47 -1.40
N PRO A 100 10.46 9.74 -1.79
CA PRO A 100 11.40 10.83 -1.64
C PRO A 100 11.49 11.28 -0.18
N LYS A 101 12.65 11.80 0.18
CA LYS A 101 12.88 12.26 1.54
C LYS A 101 12.65 13.78 1.60
N LYS A 102 12.69 14.40 0.43
CA LYS A 102 12.49 15.83 0.34
C LYS A 102 11.03 16.17 0.67
N GLY A 103 10.14 15.54 -0.08
CA GLY A 103 8.71 15.75 0.12
C GLY A 103 8.38 15.91 1.61
N VAL A 104 8.94 14.99 2.40
CA VAL A 104 8.72 15.00 3.83
C VAL A 104 9.92 14.36 4.53
N SER A 105 10.80 15.21 5.02
CA SER A 105 11.99 14.75 5.71
C SER A 105 11.68 14.53 7.20
N GLY A 106 12.42 13.62 7.79
CA GLY A 106 12.24 13.32 9.21
C GLY A 106 13.56 12.89 9.85
N PRO A 107 13.47 11.81 10.69
CA PRO A 107 14.65 11.30 11.37
C PRO A 107 15.54 10.52 10.41
N SER A 108 16.73 10.18 10.89
CA SER A 108 17.68 9.42 10.09
C SER A 108 18.27 8.28 10.91
N SER A 109 18.48 7.16 10.24
CA SER A 109 19.04 5.99 10.90
C SER A 109 20.41 5.67 10.31
N GLY A 110 21.40 5.63 11.19
CA GLY A 110 22.76 5.33 10.79
C GLY A 110 23.74 6.40 11.30
N PRO A 1 -14.27 41.70 -16.16
CA PRO A 1 -15.26 40.70 -16.49
C PRO A 1 -14.62 39.31 -16.60
N SER A 2 -13.58 39.24 -17.43
CA SER A 2 -12.88 37.99 -17.63
C SER A 2 -11.69 38.21 -18.58
N SER A 3 -10.66 37.40 -18.38
CA SER A 3 -9.47 37.50 -19.21
C SER A 3 -8.48 36.38 -18.83
N GLY A 4 -7.48 36.21 -19.67
CA GLY A 4 -6.47 35.20 -19.44
C GLY A 4 -5.47 35.14 -20.59
N SER A 5 -4.35 34.48 -20.34
CA SER A 5 -3.31 34.35 -21.34
C SER A 5 -2.41 33.15 -21.01
N SER A 6 -1.57 32.81 -21.97
CA SER A 6 -0.66 31.69 -21.79
C SER A 6 0.32 31.61 -22.97
N GLY A 7 1.33 30.77 -22.81
CA GLY A 7 2.33 30.60 -23.85
C GLY A 7 2.90 29.19 -23.83
N PHE A 8 3.83 28.94 -24.75
CA PHE A 8 4.46 27.63 -24.84
C PHE A 8 3.42 26.53 -25.03
N LEU A 9 3.34 26.03 -26.26
CA LEU A 9 2.40 24.98 -26.59
C LEU A 9 3.01 24.05 -27.63
N ASP A 10 2.50 22.84 -27.67
CA ASP A 10 2.99 21.85 -28.63
C ASP A 10 4.36 21.34 -28.17
N LYS A 11 4.35 20.17 -27.57
CA LYS A 11 5.58 19.56 -27.09
C LYS A 11 5.38 18.05 -26.97
N PRO A 12 6.38 17.30 -27.51
CA PRO A 12 6.34 15.84 -27.46
C PRO A 12 6.65 15.32 -26.06
N THR A 13 7.58 16.00 -25.41
CA THR A 13 7.98 15.62 -24.06
C THR A 13 8.64 14.24 -24.08
N LEU A 14 9.38 13.97 -23.00
CA LEU A 14 10.07 12.69 -22.88
C LEU A 14 10.72 12.60 -21.50
N LEU A 15 10.42 11.52 -20.80
CA LEU A 15 10.97 11.30 -19.48
C LEU A 15 12.46 11.62 -19.49
N SER A 16 13.02 11.72 -18.30
CA SER A 16 14.44 12.01 -18.15
C SER A 16 15.21 10.74 -17.80
N PRO A 17 16.57 10.84 -17.90
CA PRO A 17 17.42 9.71 -17.60
C PRO A 17 17.52 9.49 -16.08
N GLU A 18 16.99 10.46 -15.35
CA GLU A 18 17.02 10.40 -13.90
C GLU A 18 15.80 9.64 -13.38
N GLU A 19 14.77 9.58 -14.23
CA GLU A 19 13.54 8.89 -13.86
C GLU A 19 13.75 7.38 -13.87
N LEU A 20 14.70 6.94 -14.71
CA LEU A 20 15.01 5.52 -14.82
C LEU A 20 15.55 5.02 -13.48
N LYS A 21 16.46 5.80 -12.92
CA LYS A 21 17.06 5.45 -11.65
C LYS A 21 15.97 5.16 -10.62
N ALA A 22 14.93 6.00 -10.65
CA ALA A 22 13.81 5.84 -9.74
C ALA A 22 13.42 4.37 -9.67
N ALA A 23 13.07 3.83 -10.83
CA ALA A 23 12.67 2.43 -10.90
C ALA A 23 13.59 1.59 -10.02
N SER A 24 14.88 1.70 -10.30
CA SER A 24 15.88 0.96 -9.55
C SER A 24 15.83 1.36 -8.08
N ARG A 25 16.02 2.65 -7.84
CA ARG A 25 16.00 3.18 -6.49
C ARG A 25 14.91 2.48 -5.67
N GLY A 26 13.77 2.28 -6.31
CA GLY A 26 12.65 1.63 -5.64
C GLY A 26 13.11 0.42 -4.83
N ASN A 27 14.26 -0.12 -5.23
CA ASN A 27 14.81 -1.27 -4.54
C ASN A 27 14.76 -1.03 -3.04
N GLY A 28 14.73 0.23 -2.67
CA GLY A 28 14.69 0.61 -1.27
C GLY A 28 13.70 -0.27 -0.50
N GLU A 29 12.43 0.06 -0.62
CA GLU A 29 11.39 -0.70 0.06
C GLU A 29 10.23 -0.99 -0.90
N TYR A 30 9.15 -1.51 -0.33
CA TYR A 30 7.98 -1.83 -1.12
C TYR A 30 6.74 -1.10 -0.59
N ALA A 31 5.84 -0.78 -1.51
CA ALA A 31 4.62 -0.07 -1.14
C ALA A 31 3.42 -0.88 -1.63
N TRP A 32 2.37 -0.89 -0.82
CA TRP A 32 1.16 -1.61 -1.15
C TRP A 32 0.24 -0.66 -1.92
N TYR A 33 -0.55 -1.23 -2.82
CA TYR A 33 -1.48 -0.45 -3.61
C TYR A 33 -2.85 -1.12 -3.68
N TYR A 34 -3.88 -0.29 -3.72
CA TYR A 34 -5.24 -0.77 -3.78
C TYR A 34 -6.09 0.05 -4.77
N GLU A 35 -6.76 -0.65 -5.66
CA GLU A 35 -7.60 -0.01 -6.65
C GLU A 35 -8.43 1.10 -6.00
N GLY A 36 -8.65 2.16 -6.75
CA GLY A 36 -9.43 3.28 -6.26
C GLY A 36 -10.36 3.82 -7.36
N ARG A 37 -10.30 5.14 -7.53
CA ARG A 37 -11.12 5.79 -8.54
C ARG A 37 -10.37 5.90 -9.86
N ASN A 38 -9.20 6.52 -9.79
CA ASN A 38 -8.37 6.69 -10.98
C ASN A 38 -7.78 5.34 -11.39
N GLY A 39 -7.04 4.75 -10.47
CA GLY A 39 -6.42 3.47 -10.72
C GLY A 39 -6.12 2.73 -9.40
N TRP A 40 -4.90 2.93 -8.93
CA TRP A 40 -4.47 2.29 -7.68
C TRP A 40 -4.06 3.41 -6.71
N TRP A 41 -4.26 3.13 -5.44
CA TRP A 41 -3.92 4.08 -4.39
C TRP A 41 -2.90 3.43 -3.47
N GLN A 42 -1.99 4.25 -2.98
CA GLN A 42 -0.94 3.76 -2.08
C GLN A 42 -1.32 4.05 -0.63
N TYR A 43 -1.42 2.99 0.14
CA TYR A 43 -1.77 3.11 1.55
C TYR A 43 -0.90 4.17 2.23
N ASP A 44 -1.17 4.36 3.53
CA ASP A 44 -0.42 5.34 4.31
C ASP A 44 0.89 4.71 4.78
N GLU A 45 0.76 3.70 5.63
CA GLU A 45 1.92 3.01 6.16
C GLU A 45 1.52 2.18 7.39
N ARG A 46 0.47 2.64 8.06
CA ARG A 46 -0.02 1.96 9.25
C ARG A 46 -0.66 0.63 8.86
N THR A 47 -1.47 0.68 7.81
CA THR A 47 -2.16 -0.50 7.32
C THR A 47 -1.16 -1.48 6.70
N SER A 48 -0.54 -1.03 5.62
CA SER A 48 0.43 -1.85 4.92
C SER A 48 1.26 -2.65 5.92
N ARG A 49 1.69 -1.96 6.98
CA ARG A 49 2.49 -2.59 8.01
C ARG A 49 1.95 -3.98 8.32
N GLU A 50 0.65 -4.14 8.11
CA GLU A 50 0.00 -5.42 8.37
C GLU A 50 -0.07 -6.24 7.09
N LEU A 51 -0.29 -5.54 5.99
CA LEU A 51 -0.38 -6.19 4.68
C LEU A 51 0.82 -7.11 4.49
N GLU A 52 1.99 -6.58 4.85
CA GLU A 52 3.23 -7.33 4.71
C GLU A 52 3.34 -8.36 5.83
N ASP A 53 3.17 -7.88 7.06
CA ASP A 53 3.24 -8.75 8.22
C ASP A 53 2.40 -10.00 7.99
N ALA A 54 1.20 -9.77 7.46
CA ALA A 54 0.28 -10.87 7.18
C ALA A 54 0.82 -11.68 6.00
N PHE A 55 0.93 -11.01 4.87
CA PHE A 55 1.43 -11.66 3.66
C PHE A 55 2.54 -12.66 3.98
N SER A 56 3.34 -12.29 4.97
CA SER A 56 4.45 -13.13 5.39
C SER A 56 3.98 -14.11 6.47
N LYS A 57 3.39 -13.55 7.53
CA LYS A 57 2.90 -14.36 8.63
C LYS A 57 2.22 -15.60 8.06
N GLY A 58 1.37 -15.39 7.07
CA GLY A 58 0.66 -16.48 6.44
C GLY A 58 -0.86 -16.32 6.62
N LYS A 59 -1.22 -15.31 7.40
CA LYS A 59 -2.63 -15.04 7.66
C LYS A 59 -3.37 -14.90 6.33
N LYS A 60 -2.63 -14.46 5.32
CA LYS A 60 -3.21 -14.27 4.00
C LYS A 60 -4.23 -13.13 4.04
N ASN A 61 -5.22 -13.31 4.91
CA ASN A 61 -6.26 -12.31 5.06
C ASN A 61 -6.01 -11.51 6.32
N THR A 62 -5.70 -10.23 6.13
CA THR A 62 -5.43 -9.34 7.24
C THR A 62 -6.59 -8.36 7.43
N GLU A 63 -7.14 -8.36 8.63
CA GLU A 63 -8.24 -7.47 8.96
C GLU A 63 -7.72 -6.12 9.45
N MET A 64 -8.16 -5.06 8.77
CA MET A 64 -7.74 -3.72 9.13
C MET A 64 -8.95 -2.85 9.49
N LEU A 65 -8.73 -1.98 10.46
CA LEU A 65 -9.79 -1.09 10.90
C LEU A 65 -9.36 0.37 10.66
N ILE A 66 -10.03 1.00 9.71
CA ILE A 66 -9.73 2.38 9.37
C ILE A 66 -10.67 3.30 10.14
N ALA A 67 -10.50 4.59 9.91
CA ALA A 67 -11.33 5.59 10.57
C ALA A 67 -12.78 5.10 10.60
N GLY A 68 -13.13 4.43 11.68
CA GLY A 68 -14.47 3.92 11.85
C GLY A 68 -14.92 3.15 10.60
N PHE A 69 -14.03 2.30 10.12
CA PHE A 69 -14.32 1.51 8.93
C PHE A 69 -13.68 0.12 9.04
N LEU A 70 -14.54 -0.89 9.10
CA LEU A 70 -14.07 -2.26 9.20
C LEU A 70 -13.70 -2.77 7.81
N TYR A 71 -12.39 -2.92 7.60
CA TYR A 71 -11.89 -3.39 6.32
C TYR A 71 -11.11 -4.70 6.49
N VAL A 72 -11.12 -5.49 5.43
CA VAL A 72 -10.42 -6.77 5.45
C VAL A 72 -9.66 -6.95 4.13
N ALA A 73 -8.34 -7.01 4.26
CA ALA A 73 -7.49 -7.17 3.09
C ALA A 73 -7.16 -8.65 2.90
N ASP A 74 -7.67 -9.20 1.81
CA ASP A 74 -7.43 -10.61 1.50
C ASP A 74 -6.27 -10.72 0.52
N LEU A 75 -5.13 -11.14 1.04
CA LEU A 75 -3.94 -11.29 0.22
C LEU A 75 -4.09 -12.56 -0.64
N GLU A 76 -4.80 -13.53 -0.08
CA GLU A 76 -5.02 -14.79 -0.77
C GLU A 76 -5.51 -14.53 -2.20
N ASN A 77 -6.45 -13.61 -2.31
CA ASN A 77 -7.02 -13.26 -3.60
C ASN A 77 -6.39 -11.96 -4.09
N MET A 78 -5.62 -11.34 -3.20
CA MET A 78 -4.97 -10.08 -3.53
C MET A 78 -5.98 -8.95 -3.70
N VAL A 79 -7.02 -9.01 -2.87
CA VAL A 79 -8.07 -8.01 -2.92
C VAL A 79 -8.55 -7.70 -1.50
N GLN A 80 -8.94 -6.46 -1.29
CA GLN A 80 -9.41 -6.03 0.02
C GLN A 80 -10.89 -5.65 -0.06
N TYR A 81 -11.66 -6.14 0.91
CA TYR A 81 -13.07 -5.86 0.96
C TYR A 81 -13.50 -5.39 2.36
N ARG A 82 -14.60 -4.66 2.40
CA ARG A 82 -15.11 -4.15 3.66
C ARG A 82 -15.72 -5.28 4.48
N ARG A 83 -15.39 -5.28 5.76
CA ARG A 83 -15.91 -6.30 6.67
C ARG A 83 -17.44 -6.33 6.62
N ASN A 84 -18.02 -5.17 6.91
CA ASN A 84 -19.47 -5.06 6.90
C ASN A 84 -19.98 -5.07 5.45
N GLU A 85 -19.32 -4.27 4.63
CA GLU A 85 -19.70 -4.18 3.22
C GLU A 85 -18.86 -5.16 2.39
N HIS A 86 -18.99 -6.43 2.72
CA HIS A 86 -18.25 -7.47 2.01
C HIS A 86 -18.27 -7.18 0.52
N GLY A 87 -19.34 -6.53 0.08
CA GLY A 87 -19.48 -6.18 -1.32
C GLY A 87 -18.36 -5.25 -1.78
N ARG A 88 -18.25 -4.12 -1.09
CA ARG A 88 -17.23 -3.15 -1.41
C ARG A 88 -15.84 -3.76 -1.24
N ARG A 89 -15.12 -3.81 -2.35
CA ARG A 89 -13.78 -4.36 -2.35
C ARG A 89 -12.97 -3.82 -3.54
N ARG A 90 -11.67 -4.07 -3.49
CA ARG A 90 -10.78 -3.60 -4.54
C ARG A 90 -9.55 -4.51 -4.64
N LYS A 91 -8.92 -4.48 -5.79
CA LYS A 91 -7.73 -5.29 -6.03
C LYS A 91 -6.50 -4.57 -5.45
N ILE A 92 -5.68 -5.34 -4.76
CA ILE A 92 -4.48 -4.80 -4.16
C ILE A 92 -3.25 -5.38 -4.86
N LYS A 93 -2.13 -4.70 -4.69
CA LYS A 93 -0.88 -5.13 -5.30
C LYS A 93 0.29 -4.61 -4.48
N ARG A 94 1.45 -5.21 -4.73
CA ARG A 94 2.65 -4.81 -4.02
C ARG A 94 3.70 -4.28 -5.01
N ASP A 95 3.96 -2.98 -4.92
CA ASP A 95 4.92 -2.35 -5.80
C ASP A 95 6.20 -2.05 -5.01
N ILE A 96 7.23 -1.64 -5.73
CA ILE A 96 8.50 -1.32 -5.10
C ILE A 96 8.70 0.19 -5.11
N ILE A 97 9.00 0.72 -3.93
CA ILE A 97 9.21 2.14 -3.78
C ILE A 97 10.37 2.39 -2.82
N ASP A 98 10.46 3.63 -2.34
CA ASP A 98 11.51 4.00 -1.41
C ASP A 98 12.86 3.94 -2.13
N ILE A 99 13.52 5.08 -2.17
CA ILE A 99 14.82 5.19 -2.82
C ILE A 99 15.92 4.89 -1.79
N PRO A 100 17.10 4.49 -2.33
CA PRO A 100 18.24 4.18 -1.48
C PRO A 100 18.88 5.45 -0.92
N LYS A 101 18.43 5.83 0.26
CA LYS A 101 18.95 7.02 0.92
C LYS A 101 20.02 6.62 1.93
N LYS A 102 19.69 5.63 2.74
CA LYS A 102 20.61 5.14 3.76
C LYS A 102 21.52 4.07 3.14
N GLY A 103 20.87 3.06 2.57
CA GLY A 103 21.60 1.97 1.95
C GLY A 103 22.86 2.48 1.24
N VAL A 104 22.65 3.42 0.33
CA VAL A 104 23.76 3.99 -0.42
C VAL A 104 24.93 4.26 0.53
N SER A 105 26.13 4.10 0.01
CA SER A 105 27.32 4.32 0.80
C SER A 105 28.57 4.15 -0.08
N GLY A 106 29.68 4.71 0.39
CA GLY A 106 30.93 4.63 -0.33
C GLY A 106 31.59 3.27 -0.13
N PRO A 107 32.93 3.25 -0.35
CA PRO A 107 33.69 2.02 -0.20
C PRO A 107 33.90 1.67 1.28
N SER A 108 33.76 0.40 1.58
CA SER A 108 33.93 -0.08 2.95
C SER A 108 35.23 -0.87 3.08
N SER A 109 35.95 -0.59 4.15
CA SER A 109 37.21 -1.26 4.40
C SER A 109 37.06 -2.25 5.56
N GLY A 110 37.76 -3.36 5.44
CA GLY A 110 37.71 -4.40 6.46
C GLY A 110 38.38 -3.92 7.76
#